data_9J64
#
_entry.id   9J64
#
_cell.length_a   1.00
_cell.length_b   1.00
_cell.length_c   1.00
_cell.angle_alpha   90.00
_cell.angle_beta   90.00
_cell.angle_gamma   90.00
#
_symmetry.space_group_name_H-M   'P 1'
#
loop_
_entity.id
_entity.type
_entity.pdbx_description
1 polymer Cullin-2
2 polymer 'E3 ubiquitin-protein ligase RBX1'
3 polymer Elongin-C
4 polymer Elongin-B
5 polymer 'Protein fem-1 homolog B'
6 polymer 'Maltose/maltodextrin-binding periplasmic protein,Folliculin interacting protein 1'
7 non-polymer 'ZINC ION'
#
loop_
_entity_poly.entity_id
_entity_poly.type
_entity_poly.pdbx_seq_one_letter_code
_entity_poly.pdbx_strand_id
1 'polypeptide(L)'
;MSLKPRVVDFDETWNKLLTTIKAVVMLEYVERATWNDRFSDIYALCVAYPEPLGERLYTETKIFLENHVRHLHKRVLESE
EQVLVMYHRYWEEYSKGADYMDCLYRYLNTQFIKKNKLTEADLQYGYGGVDMNEPLMEIGELALDMWRKLMVEPLQAILI
RMLLREIKNDRGGEDPNQKVIHGVINSFVHVEQYKKKFPLKFYQEIFESPFLTETGEYYKQEASNLLQESNCSQYMEKVL
GRLKDEEIRCRKYLHPSSYTKVIHECQQRMVADHLQFLHAECHNIIRQEKKNDMANMYVLLRAVSTGLPHMIQELQNHIH
DEGLRATSNLTQENMPTLFVESVLEVHGKFVQLINTVLNGDQHFMSALDKALTSVVNYREPKSVCKAPELLAKYCDNLLK
KSAKGMTENEVEDRLTSFITVFKYIDDKDVFQKFYARMLAKRLIHGLSMSMDSEEAMINKLKQACGYEFTSKLHRMYTDM
SVSADLNNKFNNFIKNQDTVIDLGISFQIYVLQAGAWPLTQAPSSTFAIPQELEKSVQMFELFYSQHFSGRKLTWLHYLC
TGEVKMNYLGKPYVAMVTTYQMAVLLAFNNSETVSYKELQDSTQMNEKELTKTIKSLLDVKMINHDSEKEDIDAESSFSL
NMNFSSKRTKFKITTSMQKDTPQEMEQTRSAVDEDRKMYLQAAIVRIMKARKVLRHNALIQEVISQSRARFNPSISMIKK
CIEVLIDKQYIERSQASADEYSYVAHHHHHH
;
A,D
2 'polypeptide(L)'
;MAAAMDVDTPSGTNSGAGKKRFEVKKWNAVALWAWDIVVDNCAICRNHIMDLCIECQANQASATSEECTVAWGVCNHAFH
FHCISRWLKTRQVCPLDNREWEFQKYGH
;
E,H
3 'polypeptide(L)'
;MAMYVKLISSDGHEFIVKREHALTSGTIKAMLSGPGQFAENETNEVNFREIPSHVLSKVCMYFTYKVRYTNSSTEIPEFP
IAPEIALELLMAANFLDC
;
F
4 'polypeptide(L)'
;MDVFLMIRRHKTTIFTDAKESSTVFELKRIVEGILKRPPDEQRLYKDDQLLDDGKTLGECGFTSQTARPQAPATVGLAFR
ADDTFEALCIEPFSSPPELPDVMK
;
G
5 'polypeptide(L)'
;GMEGLAGYVYKAASEGKVLTLAALLLNRSESDIRYLLGYVSQQGGQRSTPLIIAARNGHAKVVRLLLEHYRVQTQQTGTV
RFDGYVIDGATALWCAAGAGHFEVVKLLVSHGANVNHTTVTNSTPLRAACFDGRLDIVKYLVENNANISIANKYDNTCLM
IAAYKGHTDVVRYLLEQRADPNAKAHCGATALHFAAEAGHIDIVKELIKWRAAIVVNGHGMTPLKVAAESCKADVVELLL
SHADCDRRSRIEALELLGASFANDRENYDIIKTYHYLYLAMLERFQDGDNILEKEVLPPIHAYGNRTECRNPQELESIRQ
DRDALHMEGLIVRERILGADNIDVSHPIIYRGAVYADNMEFEQCIKLWLHALHLRQKGNRNTHKDLLRFAQVFSQMIHLN
ETVKAPDIECVLRCSVLEIEQSMNRVKNISDADVHNAMDNYECNLYTFLYLVCISTKTQCSEEDQCKINKQIYNLIHLDP
RTREGFTLLHLAVNSNTPVDDFHTNDVCSFPNALVTKLLLDCGAEVNAVDNEGNSALHIIVQYNRPISDFLTLHSIIISL
VEAGAHTDMTNKQNKTPLDKSTTGVSEILLKTQMKMSLKCLAARAVRANDINYQDQIPRTLEEFVGFH
;
I
6 'polypeptide(L)'
;MGHHHHHHKIEEGKLVIWINGDKGYNGLAEVGKKFEKDTGIKVTVEHPDKLEEKFPQVAATGDGPDIIFWAHDRFGGYAQ
SGLLAEITPDKAFQDKLYPFTWDAVRYNGKLIAYPIAVEALSLIYNKDLLPNPPKTWEEIPALDKELKAKGKSALMFNLQ
EPYFTWPLIAADGGYAFKYENGKYDIKDVGVDNAGAKAGLTFLVDLIKNKHMNADTDYSIAEAAFNKGETAMTINGPWAW
SNIDTSKVNYGVTVLPTFKGQPSKPFVGVLSAGINAASPNKELAKEFLENYLLTDEGLEAVNKDKPLGAVALKSYEEELA
KDPRIAATMENAQKGEIMPNIPQMSAFWYAVRTAVINAASGRQTVDEALKDAQTDYDIPTTENLYFQGNKSSLLFKESEE
IRTPNCNCKYCSHPLLGQNVENISQQEREDIQNSSKELLGISDECQMISPSDCQEENAVDVKQYRDK
;
J
#
loop_
_chem_comp.id
_chem_comp.type
_chem_comp.name
_chem_comp.formula
ZN non-polymer 'ZINC ION' 'Zn 2'
#
# COMPACT_ATOMS: atom_id res chain seq x y z
N LEU A 57 -3.96 -59.90 81.88
CA LEU A 57 -3.62 -60.62 80.67
C LEU A 57 -2.94 -59.71 79.66
N TYR A 58 -3.39 -58.44 79.59
CA TYR A 58 -2.74 -57.46 78.73
C TYR A 58 -1.30 -57.23 79.15
N THR A 59 -1.04 -57.12 80.44
CA THR A 59 0.32 -56.92 80.92
C THR A 59 1.19 -58.14 80.63
N GLU A 60 0.65 -59.34 80.82
CA GLU A 60 1.39 -60.55 80.50
C GLU A 60 1.70 -60.63 79.00
N THR A 61 0.74 -60.20 78.17
CA THR A 61 1.00 -60.12 76.73
C THR A 61 2.11 -59.14 76.43
N LYS A 62 2.13 -58.00 77.14
CA LYS A 62 3.23 -57.05 76.98
C LYS A 62 4.56 -57.67 77.38
N ILE A 63 4.57 -58.48 78.44
CA ILE A 63 5.80 -59.15 78.86
C ILE A 63 6.29 -60.09 77.78
N PHE A 64 5.40 -60.91 77.23
CA PHE A 64 5.84 -61.83 76.18
C PHE A 64 6.23 -61.05 74.92
N LEU A 65 5.61 -59.90 74.69
CA LEU A 65 6.03 -59.04 73.59
C LEU A 65 7.45 -58.55 73.80
N GLU A 66 7.78 -58.15 75.03
CA GLU A 66 9.17 -57.80 75.34
C GLU A 66 10.08 -58.98 75.07
N ASN A 67 9.64 -60.18 75.44
CA ASN A 67 10.44 -61.38 75.20
C ASN A 67 10.74 -61.57 73.72
N HIS A 68 9.70 -61.53 72.89
CA HIS A 68 9.90 -61.77 71.46
C HIS A 68 10.67 -60.63 70.82
N VAL A 69 10.47 -59.40 71.30
CA VAL A 69 11.22 -58.27 70.80
C VAL A 69 12.70 -58.43 71.13
N ARG A 70 13.01 -58.92 72.33
CA ARG A 70 14.40 -59.18 72.68
C ARG A 70 14.99 -60.27 71.80
N HIS A 71 14.21 -61.33 71.54
CA HIS A 71 14.68 -62.38 70.63
C HIS A 71 14.99 -61.82 69.24
N LEU A 72 14.06 -61.02 68.70
CA LEU A 72 14.28 -60.47 67.36
C LEU A 72 15.41 -59.46 67.35
N HIS A 73 15.61 -58.73 68.45
CA HIS A 73 16.74 -57.81 68.54
C HIS A 73 18.06 -58.56 68.54
N LYS A 74 18.13 -59.69 69.26
CA LYS A 74 19.31 -60.53 69.18
C LYS A 74 19.52 -61.05 67.76
N ARG A 75 18.44 -61.48 67.10
CA ARG A 75 18.57 -61.98 65.74
C ARG A 75 19.03 -60.89 64.79
N VAL A 76 18.58 -59.66 65.01
CA VAL A 76 18.99 -58.53 64.16
C VAL A 76 20.47 -58.23 64.36
N LEU A 77 20.91 -58.12 65.62
CA LEU A 77 22.32 -57.87 65.87
C LEU A 77 23.19 -59.02 65.39
N GLU A 78 22.63 -60.22 65.29
CA GLU A 78 23.39 -61.34 64.72
C GLU A 78 23.64 -61.12 63.23
N SER A 79 22.72 -60.47 62.53
CA SER A 79 22.85 -60.31 61.09
C SER A 79 24.00 -59.36 60.75
N GLU A 80 24.84 -59.79 59.81
CA GLU A 80 26.01 -59.04 59.38
C GLU A 80 25.72 -58.46 58.00
N GLU A 81 25.46 -57.15 57.96
CA GLU A 81 25.22 -56.40 56.72
C GLU A 81 23.92 -56.86 56.06
N GLN A 82 23.25 -57.84 56.65
CA GLN A 82 21.96 -58.33 56.17
C GLN A 82 20.82 -57.78 57.01
N VAL A 83 21.10 -56.77 57.84
CA VAL A 83 20.14 -56.30 58.83
C VAL A 83 18.85 -55.82 58.15
N LEU A 84 18.98 -55.13 57.02
CA LEU A 84 17.83 -54.47 56.41
C LEU A 84 16.77 -55.48 55.95
N VAL A 85 17.17 -56.47 55.17
CA VAL A 85 16.20 -57.37 54.56
C VAL A 85 15.51 -58.21 55.62
N MET A 86 16.29 -58.81 56.52
CA MET A 86 15.71 -59.65 57.56
C MET A 86 14.85 -58.83 58.53
N TYR A 87 15.29 -57.62 58.87
CA TYR A 87 14.48 -56.77 59.73
C TYR A 87 13.16 -56.42 59.06
N HIS A 88 13.18 -56.11 57.77
CA HIS A 88 11.93 -55.82 57.08
C HIS A 88 11.01 -57.04 57.06
N ARG A 89 11.56 -58.23 56.79
CA ARG A 89 10.75 -59.43 56.75
C ARG A 89 10.10 -59.68 58.11
N TYR A 90 10.90 -59.65 59.17
CA TYR A 90 10.34 -59.77 60.51
C TYR A 90 9.37 -58.63 60.80
N TRP A 91 9.52 -57.50 60.14
CA TRP A 91 8.58 -56.40 60.31
C TRP A 91 7.20 -56.76 59.75
N GLU A 92 7.15 -57.34 58.56
CA GLU A 92 5.83 -57.77 58.06
C GLU A 92 5.25 -58.86 58.94
N GLU A 93 6.10 -59.79 59.41
CA GLU A 93 5.60 -60.83 60.32
C GLU A 93 5.00 -60.21 61.58
N TYR A 94 5.73 -59.28 62.19
CA TYR A 94 5.28 -58.57 63.37
C TYR A 94 3.97 -57.85 63.12
N SER A 95 3.87 -57.15 61.99
CA SER A 95 2.68 -56.37 61.70
C SER A 95 1.46 -57.26 61.53
N LYS A 96 1.62 -58.37 60.80
CA LYS A 96 0.47 -59.23 60.55
C LYS A 96 0.03 -59.93 61.82
N GLY A 97 0.99 -60.36 62.65
CA GLY A 97 0.64 -60.93 63.94
C GLY A 97 -0.07 -59.92 64.83
N ALA A 98 0.39 -58.67 64.82
CA ALA A 98 -0.28 -57.63 65.58
C ALA A 98 -1.69 -57.40 65.08
N ASP A 99 -1.89 -57.41 63.76
CA ASP A 99 -3.23 -57.28 63.21
C ASP A 99 -4.14 -58.40 63.71
N TYR A 100 -3.67 -59.65 63.57
CA TYR A 100 -4.45 -60.80 64.05
C TYR A 100 -4.79 -60.65 65.52
N MET A 101 -3.80 -60.38 66.35
CA MET A 101 -3.93 -60.45 67.80
C MET A 101 -4.64 -59.24 68.38
N ASP A 102 -4.61 -58.10 67.70
CA ASP A 102 -5.41 -56.95 68.12
C ASP A 102 -6.86 -57.12 67.66
N CYS A 103 -7.08 -57.82 66.55
CA CYS A 103 -8.43 -58.28 66.24
C CYS A 103 -8.92 -59.25 67.30
N LEU A 104 -8.00 -60.01 67.89
CA LEU A 104 -8.36 -60.87 69.01
C LEU A 104 -8.60 -60.07 70.29
N TYR A 105 -7.76 -59.07 70.55
CA TYR A 105 -7.82 -58.30 71.79
C TYR A 105 -8.66 -57.03 71.69
N ARG A 106 -9.63 -56.98 70.77
CA ARG A 106 -10.44 -55.77 70.66
C ARG A 106 -11.49 -55.66 71.76
N LEU A 136 -4.62 -46.50 80.18
CA LEU A 136 -5.05 -47.70 79.46
C LEU A 136 -5.04 -47.44 77.96
N MET A 137 -4.47 -48.38 77.20
CA MET A 137 -4.31 -48.20 75.77
C MET A 137 -4.23 -49.56 75.08
N GLU A 138 -4.41 -49.54 73.77
CA GLU A 138 -4.56 -50.76 72.98
C GLU A 138 -3.24 -51.54 72.93
N ILE A 139 -3.37 -52.86 72.76
CA ILE A 139 -2.18 -53.73 72.69
C ILE A 139 -1.39 -53.45 71.43
N GLY A 140 -2.08 -53.14 70.32
CA GLY A 140 -1.37 -52.92 69.07
C GLY A 140 -0.46 -51.70 69.11
N GLU A 141 -0.95 -50.60 69.69
CA GLU A 141 -0.12 -49.40 69.79
C GLU A 141 1.09 -49.64 70.68
N LEU A 142 0.89 -50.34 71.80
CA LEU A 142 2.02 -50.64 72.67
C LEU A 142 3.03 -51.54 71.97
N ALA A 143 2.53 -52.50 71.18
CA ALA A 143 3.43 -53.36 70.42
C ALA A 143 4.24 -52.56 69.41
N LEU A 144 3.58 -51.62 68.71
CA LEU A 144 4.29 -50.77 67.75
C LEU A 144 5.34 -49.92 68.47
N ASP A 145 4.98 -49.35 69.62
CA ASP A 145 5.93 -48.53 70.37
C ASP A 145 7.11 -49.35 70.86
N MET A 146 6.87 -50.57 71.33
CA MET A 146 7.95 -51.45 71.76
C MET A 146 8.87 -51.78 70.60
N TRP A 147 8.27 -52.13 69.45
CA TRP A 147 9.01 -52.42 68.24
C TRP A 147 9.91 -51.26 67.86
N ARG A 148 9.37 -50.05 67.91
CA ARG A 148 10.15 -48.86 67.60
C ARG A 148 11.26 -48.63 68.63
N LYS A 149 10.94 -48.83 69.92
CA LYS A 149 11.88 -48.48 70.98
C LYS A 149 13.11 -49.38 70.96
N LEU A 150 12.92 -50.68 70.82
CA LEU A 150 14.03 -51.60 71.06
C LEU A 150 14.80 -52.02 69.82
N MET A 151 14.27 -51.75 68.61
CA MET A 151 15.06 -51.93 67.40
C MET A 151 15.33 -50.61 66.69
N VAL A 152 14.28 -49.81 66.44
CA VAL A 152 14.45 -48.62 65.60
C VAL A 152 15.39 -47.62 66.27
N GLU A 153 15.17 -47.34 67.55
CA GLU A 153 16.02 -46.41 68.27
C GLU A 153 17.45 -46.90 68.42
N PRO A 154 17.70 -48.13 68.91
CA PRO A 154 19.10 -48.58 69.06
C PRO A 154 19.83 -48.69 67.75
N LEU A 155 19.15 -49.09 66.68
CA LEU A 155 19.75 -49.27 65.37
C LEU A 155 19.59 -48.06 64.47
N GLN A 156 19.14 -46.93 65.03
CA GLN A 156 18.82 -45.76 64.22
C GLN A 156 20.03 -45.23 63.47
N ALA A 157 21.20 -45.19 64.13
CA ALA A 157 22.40 -44.70 63.45
C ALA A 157 22.73 -45.57 62.26
N ILE A 158 22.70 -46.89 62.46
CA ILE A 158 23.05 -47.82 61.38
C ILE A 158 22.05 -47.70 60.23
N LEU A 159 20.76 -47.64 60.55
CA LEU A 159 19.75 -47.60 59.49
C LEU A 159 19.78 -46.26 58.76
N ILE A 160 20.07 -45.17 59.48
CA ILE A 160 20.18 -43.87 58.83
C ILE A 160 21.38 -43.86 57.89
N ARG A 161 22.50 -44.45 58.31
CA ARG A 161 23.64 -44.54 57.42
C ARG A 161 23.30 -45.36 56.18
N MET A 162 22.60 -46.48 56.38
CA MET A 162 22.14 -47.28 55.25
C MET A 162 21.30 -46.45 54.29
N LEU A 163 20.33 -45.71 54.83
CA LEU A 163 19.43 -44.93 54.00
C LEU A 163 20.18 -43.86 53.23
N LEU A 164 21.08 -43.14 53.90
CA LEU A 164 21.82 -42.08 53.22
C LEU A 164 22.74 -42.67 52.14
N ARG A 165 23.35 -43.82 52.41
CA ARG A 165 24.19 -44.45 51.41
C ARG A 165 23.37 -44.88 50.20
N GLU A 166 22.20 -45.47 50.43
CA GLU A 166 21.37 -45.90 49.31
C GLU A 166 20.86 -44.70 48.53
N ILE A 167 20.53 -43.61 49.21
CA ILE A 167 20.08 -42.41 48.52
C ILE A 167 21.20 -41.84 47.65
N LYS A 168 22.42 -41.77 48.20
CA LYS A 168 23.56 -41.31 47.40
C LYS A 168 23.78 -42.23 46.21
N ASN A 169 23.60 -43.53 46.39
CA ASN A 169 23.73 -44.46 45.28
C ASN A 169 22.68 -44.19 44.21
N ASP A 170 21.44 -43.92 44.63
CA ASP A 170 20.37 -43.68 43.67
C ASP A 170 20.60 -42.37 42.93
N ARG A 171 21.17 -41.37 43.59
CA ARG A 171 21.54 -40.15 42.89
C ARG A 171 22.61 -40.44 41.84
N GLY A 172 23.43 -41.46 42.08
CA GLY A 172 24.44 -41.90 41.14
C GLY A 172 23.96 -42.93 40.13
N GLY A 173 22.67 -43.23 40.11
CA GLY A 173 22.12 -44.20 39.18
C GLY A 173 22.03 -45.62 39.69
N GLU A 174 22.53 -45.89 40.90
CA GLU A 174 22.47 -47.24 41.44
C GLU A 174 21.07 -47.54 41.98
N ASP A 175 20.62 -48.76 41.76
CA ASP A 175 19.26 -49.16 42.12
C ASP A 175 19.27 -49.98 43.40
N PRO A 176 18.76 -49.43 44.51
CA PRO A 176 18.60 -50.23 45.72
C PRO A 176 17.27 -50.96 45.76
N ASN A 177 16.98 -51.67 46.84
CA ASN A 177 15.75 -52.43 46.97
C ASN A 177 14.62 -51.47 47.29
N GLN A 178 13.87 -51.08 46.27
CA GLN A 178 12.76 -50.14 46.45
C GLN A 178 11.72 -50.69 47.42
N LYS A 179 11.43 -51.99 47.32
CA LYS A 179 10.44 -52.60 48.21
C LYS A 179 10.82 -52.39 49.67
N VAL A 180 12.07 -52.68 50.03
CA VAL A 180 12.50 -52.54 51.41
C VAL A 180 12.41 -51.09 51.86
N ILE A 181 12.87 -50.16 51.02
CA ILE A 181 12.88 -48.75 51.38
C ILE A 181 11.45 -48.26 51.64
N HIS A 182 10.55 -48.54 50.70
CA HIS A 182 9.17 -48.09 50.85
C HIS A 182 8.50 -48.76 52.04
N GLY A 183 8.76 -50.05 52.26
CA GLY A 183 8.16 -50.73 53.40
C GLY A 183 8.63 -50.16 54.72
N VAL A 184 9.90 -49.83 54.83
CA VAL A 184 10.41 -49.25 56.07
C VAL A 184 9.85 -47.83 56.26
N ILE A 185 9.71 -47.08 55.16
CA ILE A 185 9.08 -45.77 55.24
C ILE A 185 7.65 -45.88 55.75
N ASN A 186 6.91 -46.84 55.21
CA ASN A 186 5.54 -47.07 55.67
C ASN A 186 5.52 -47.55 57.11
N SER A 187 6.56 -48.27 57.53
CA SER A 187 6.66 -48.66 58.94
C SER A 187 6.80 -47.43 59.84
N PHE A 188 7.65 -46.49 59.43
CA PHE A 188 7.75 -45.23 60.19
C PHE A 188 6.40 -44.49 60.20
N VAL A 189 5.70 -44.50 59.07
CA VAL A 189 4.39 -43.85 59.03
C VAL A 189 3.43 -44.51 60.00
N HIS A 190 3.42 -45.85 60.03
CA HIS A 190 2.43 -46.59 60.79
C HIS A 190 2.70 -46.61 62.29
N VAL A 191 3.98 -46.60 62.70
CA VAL A 191 4.28 -46.80 64.12
C VAL A 191 3.68 -45.69 64.97
N GLU A 192 3.75 -44.45 64.49
CA GLU A 192 3.17 -43.31 65.20
C GLU A 192 1.87 -42.82 64.56
N GLN A 193 1.18 -43.67 63.82
CA GLN A 193 -0.05 -43.24 63.15
C GLN A 193 -1.21 -43.08 64.13
N TYR A 194 -1.24 -43.88 65.19
CA TYR A 194 -2.37 -43.82 66.13
C TYR A 194 -2.39 -42.49 66.87
N LYS A 195 -1.23 -41.99 67.29
CA LYS A 195 -1.16 -40.77 68.06
C LYS A 195 -1.62 -39.59 67.19
N LYS A 196 -2.65 -38.88 67.66
CA LYS A 196 -3.14 -37.72 66.92
C LYS A 196 -2.09 -36.62 66.86
N LYS A 197 -1.36 -36.42 67.94
CA LYS A 197 -0.27 -35.45 67.97
C LYS A 197 1.00 -36.10 67.42
N PHE A 198 1.78 -35.30 66.69
CA PHE A 198 3.06 -35.72 66.13
C PHE A 198 2.89 -36.93 65.22
N PRO A 199 2.23 -36.78 64.05
CA PRO A 199 1.97 -37.94 63.19
C PRO A 199 3.21 -38.38 62.42
N LEU A 200 4.01 -37.42 61.96
CA LEU A 200 5.26 -37.70 61.26
C LEU A 200 6.44 -36.98 61.88
N LYS A 201 6.24 -36.32 63.03
CA LYS A 201 7.30 -35.50 63.61
C LYS A 201 8.50 -36.35 64.03
N PHE A 202 8.25 -37.51 64.64
CA PHE A 202 9.31 -38.48 64.84
C PHE A 202 9.87 -38.94 63.50
N TYR A 203 8.98 -39.26 62.56
CA TYR A 203 9.38 -39.62 61.21
C TYR A 203 10.22 -38.53 60.57
N GLN A 204 9.83 -37.26 60.75
CA GLN A 204 10.60 -36.17 60.18
C GLN A 204 11.97 -36.04 60.84
N GLU A 205 12.01 -36.09 62.16
CA GLU A 205 13.27 -35.80 62.86
C GLU A 205 14.29 -36.92 62.67
N ILE A 206 13.87 -38.18 62.60
CA ILE A 206 14.85 -39.24 62.45
C ILE A 206 15.49 -39.19 61.08
N PHE A 207 14.72 -38.83 60.05
CA PHE A 207 15.22 -38.93 58.70
C PHE A 207 15.16 -37.63 57.91
N GLU A 208 14.06 -36.89 58.00
CA GLU A 208 13.80 -35.83 57.02
C GLU A 208 14.82 -34.72 57.11
N SER A 209 15.15 -34.26 58.32
CA SER A 209 16.09 -33.14 58.43
C SER A 209 17.48 -33.46 57.93
N PRO A 210 18.15 -34.54 58.38
CA PRO A 210 19.47 -34.85 57.81
C PRO A 210 19.41 -35.17 56.33
N PHE A 211 18.33 -35.82 55.89
CA PHE A 211 18.14 -36.07 54.47
C PHE A 211 18.14 -34.77 53.68
N LEU A 212 17.35 -33.79 54.13
CA LEU A 212 17.29 -32.52 53.44
C LEU A 212 18.63 -31.81 53.46
N THR A 213 19.34 -31.89 54.59
CA THR A 213 20.65 -31.24 54.68
C THR A 213 21.62 -31.83 53.67
N GLU A 214 21.77 -33.16 53.66
CA GLU A 214 22.70 -33.80 52.74
C GLU A 214 22.27 -33.58 51.30
N THR A 215 20.96 -33.59 51.03
CA THR A 215 20.48 -33.38 49.68
C THR A 215 20.78 -31.97 49.20
N GLY A 216 20.60 -30.98 50.09
CA GLY A 216 20.97 -29.62 49.73
C GLY A 216 22.45 -29.48 49.45
N GLU A 217 23.28 -30.14 50.26
CA GLU A 217 24.71 -30.12 49.99
C GLU A 217 25.02 -30.75 48.64
N TYR A 218 24.33 -31.84 48.30
CA TYR A 218 24.60 -32.51 47.04
C TYR A 218 24.18 -31.64 45.85
N TYR A 219 23.02 -30.99 45.94
CA TYR A 219 22.66 -30.03 44.88
C TYR A 219 23.63 -28.87 44.81
N LYS A 220 24.12 -28.37 45.96
CA LYS A 220 25.10 -27.31 45.91
C LYS A 220 26.33 -27.73 45.12
N GLN A 221 26.87 -28.91 45.46
CA GLN A 221 28.07 -29.40 44.77
C GLN A 221 27.79 -29.63 43.29
N GLU A 222 26.66 -30.27 42.97
CA GLU A 222 26.35 -30.57 41.58
C GLU A 222 26.15 -29.30 40.76
N ALA A 223 25.44 -28.31 41.32
CA ALA A 223 25.22 -27.07 40.61
C ALA A 223 26.52 -26.31 40.40
N SER A 224 27.40 -26.30 41.40
CA SER A 224 28.71 -25.68 41.20
C SER A 224 29.47 -26.38 40.09
N ASN A 225 29.47 -27.71 40.09
CA ASN A 225 30.17 -28.46 39.05
C ASN A 225 29.61 -28.15 37.67
N LEU A 226 28.29 -28.08 37.55
CA LEU A 226 27.67 -27.79 36.26
C LEU A 226 28.00 -26.37 35.79
N LEU A 227 27.86 -25.39 36.68
CA LEU A 227 28.13 -24.01 36.29
C LEU A 227 29.58 -23.80 35.92
N GLN A 228 30.49 -24.57 36.54
CA GLN A 228 31.91 -24.41 36.23
C GLN A 228 32.23 -24.82 34.80
N GLU A 229 31.54 -25.84 34.29
CA GLU A 229 31.91 -26.44 33.01
C GLU A 229 30.72 -26.61 32.07
N SER A 230 29.78 -25.66 32.10
CA SER A 230 28.64 -25.71 31.19
C SER A 230 28.05 -24.32 31.06
N ASN A 231 27.19 -24.17 30.04
CA ASN A 231 26.50 -22.90 29.80
C ASN A 231 25.16 -22.91 30.54
N CYS A 232 24.34 -21.88 30.30
CA CYS A 232 23.09 -21.74 31.04
C CYS A 232 22.03 -22.71 30.55
N SER A 233 21.90 -22.87 29.23
CA SER A 233 20.78 -23.62 28.67
C SER A 233 20.86 -25.10 29.04
N GLN A 234 22.01 -25.71 28.81
CA GLN A 234 22.18 -27.12 29.15
C GLN A 234 22.06 -27.33 30.65
N TYR A 235 22.57 -26.39 31.44
CA TYR A 235 22.46 -26.50 32.89
C TYR A 235 21.00 -26.51 33.32
N MET A 236 20.19 -25.60 32.75
CA MET A 236 18.77 -25.55 33.08
C MET A 236 18.04 -26.81 32.63
N GLU A 237 18.36 -27.32 31.44
CA GLU A 237 17.73 -28.54 30.97
C GLU A 237 18.05 -29.72 31.87
N LYS A 238 19.32 -29.84 32.28
CA LYS A 238 19.71 -30.89 33.21
C LYS A 238 19.05 -30.70 34.57
N VAL A 239 18.88 -29.46 35.01
CA VAL A 239 18.18 -29.19 36.26
C VAL A 239 16.74 -29.69 36.18
N LEU A 240 16.07 -29.42 35.06
CA LEU A 240 14.70 -29.91 34.89
C LEU A 240 14.66 -31.44 34.87
N GLY A 241 15.58 -32.07 34.12
CA GLY A 241 15.61 -33.52 34.08
C GLY A 241 15.82 -34.13 35.45
N ARG A 242 16.79 -33.59 36.20
CA ARG A 242 16.95 -34.04 37.58
C ARG A 242 15.69 -33.81 38.38
N LEU A 243 15.16 -32.59 38.39
CA LEU A 243 13.94 -32.29 39.15
C LEU A 243 12.90 -33.38 38.93
N LYS A 244 12.71 -33.78 37.68
CA LYS A 244 11.78 -34.89 37.41
C LYS A 244 12.29 -36.19 38.02
N ASP A 245 13.60 -36.45 37.94
CA ASP A 245 14.12 -37.73 38.43
C ASP A 245 14.01 -37.88 39.94
N GLU A 246 14.44 -36.85 40.70
CA GLU A 246 14.23 -36.88 42.14
C GLU A 246 12.76 -36.80 42.51
N GLU A 247 11.91 -36.19 41.68
CA GLU A 247 10.48 -36.29 41.94
C GLU A 247 10.02 -37.75 41.85
N ILE A 248 10.49 -38.46 40.83
CA ILE A 248 10.16 -39.88 40.68
C ILE A 248 10.66 -40.66 41.88
N ARG A 249 11.89 -40.38 42.31
CA ARG A 249 12.46 -41.10 43.45
C ARG A 249 11.68 -40.83 44.73
N CYS A 250 11.29 -39.57 44.96
CA CYS A 250 10.48 -39.25 46.13
C CYS A 250 9.15 -39.96 46.09
N ARG A 251 8.49 -39.96 44.92
CA ARG A 251 7.24 -40.71 44.80
C ARG A 251 7.46 -42.19 45.02
N LYS A 252 8.64 -42.69 44.68
CA LYS A 252 8.96 -44.08 44.97
C LYS A 252 9.08 -44.32 46.47
N TYR A 253 9.69 -43.40 47.20
CA TYR A 253 9.98 -43.61 48.61
C TYR A 253 9.35 -42.57 49.52
N LEU A 254 9.50 -41.28 49.20
CA LEU A 254 9.16 -40.23 50.15
C LEU A 254 7.66 -40.15 50.40
N HIS A 255 7.31 -39.70 51.60
CA HIS A 255 5.92 -39.50 51.98
C HIS A 255 5.32 -38.36 51.15
N PRO A 256 4.00 -38.39 50.93
CA PRO A 256 3.38 -37.33 50.12
C PRO A 256 3.57 -35.92 50.66
N SER A 257 3.89 -35.77 51.94
CA SER A 257 3.93 -34.44 52.55
C SER A 257 5.17 -33.64 52.17
N SER A 258 6.28 -34.29 51.84
CA SER A 258 7.57 -33.60 51.76
C SER A 258 7.99 -33.22 50.34
N TYR A 259 7.15 -33.44 49.34
CA TYR A 259 7.52 -33.04 47.98
C TYR A 259 7.77 -31.54 47.91
N THR A 260 6.90 -30.74 48.55
CA THR A 260 7.04 -29.29 48.51
C THR A 260 8.32 -28.85 49.19
N LYS A 261 8.66 -29.45 50.34
CA LYS A 261 9.89 -29.08 51.03
C LYS A 261 11.11 -29.43 50.20
N VAL A 262 11.11 -30.61 49.57
CA VAL A 262 12.24 -30.99 48.73
C VAL A 262 12.38 -30.03 47.56
N ILE A 263 11.25 -29.68 46.93
CA ILE A 263 11.30 -28.76 45.81
C ILE A 263 11.81 -27.40 46.25
N HIS A 264 11.35 -26.93 47.41
CA HIS A 264 11.81 -25.64 47.92
C HIS A 264 13.31 -25.64 48.17
N GLU A 265 13.82 -26.69 48.83
CA GLU A 265 15.24 -26.70 49.18
C GLU A 265 16.10 -26.81 47.92
N CYS A 266 15.69 -27.63 46.95
CA CYS A 266 16.47 -27.72 45.73
C CYS A 266 16.42 -26.42 44.94
N GLN A 267 15.27 -25.74 44.94
CA GLN A 267 15.18 -24.43 44.30
C GLN A 267 16.11 -23.43 44.96
N GLN A 268 16.16 -23.42 46.29
CA GLN A 268 17.06 -22.52 47.01
C GLN A 268 18.51 -22.83 46.66
N ARG A 269 18.84 -24.11 46.55
CA ARG A 269 20.22 -24.47 46.24
C ARG A 269 20.60 -24.09 44.81
N MET A 270 19.67 -24.30 43.86
CA MET A 270 20.04 -24.21 42.44
C MET A 270 20.22 -22.77 41.98
N VAL A 271 19.19 -21.94 42.11
CA VAL A 271 19.15 -20.66 41.42
C VAL A 271 19.51 -19.51 42.35
N ALA A 272 19.19 -19.63 43.64
CA ALA A 272 19.42 -18.55 44.63
C ALA A 272 20.80 -17.90 44.47
N ASP A 273 21.75 -18.53 43.76
CA ASP A 273 23.15 -18.00 43.68
C ASP A 273 23.58 -17.60 42.26
N HIS A 274 22.77 -17.81 41.22
CA HIS A 274 23.23 -17.54 39.82
C HIS A 274 22.18 -16.83 38.95
N LEU A 275 21.15 -16.18 39.52
CA LEU A 275 20.05 -15.58 38.73
C LEU A 275 20.36 -14.14 38.33
N GLN A 276 21.61 -13.67 38.47
CA GLN A 276 21.98 -12.25 38.19
C GLN A 276 22.96 -12.15 37.02
N PHE A 277 23.26 -13.25 36.33
CA PHE A 277 24.23 -13.26 35.21
C PHE A 277 23.47 -13.22 33.87
N LEU A 278 22.35 -13.94 33.77
CA LEU A 278 21.54 -14.01 32.53
C LEU A 278 20.68 -12.75 32.35
N HIS A 279 20.68 -11.85 33.35
CA HIS A 279 19.92 -10.56 33.25
C HIS A 279 20.63 -9.62 32.27
N ALA A 280 21.97 -9.62 32.22
CA ALA A 280 22.75 -8.78 31.28
C ALA A 280 22.77 -9.47 29.91
N GLU A 281 22.97 -10.78 29.87
CA GLU A 281 22.93 -11.58 28.66
C GLU A 281 21.58 -11.47 27.96
N CYS A 282 20.50 -11.23 28.73
CA CYS A 282 19.18 -11.09 28.13
C CYS A 282 19.14 -9.97 27.10
N HIS A 283 19.88 -8.88 27.35
CA HIS A 283 19.92 -7.77 26.39
C HIS A 283 20.41 -8.24 25.03
N ASN A 284 21.41 -9.14 25.02
CA ASN A 284 21.81 -9.73 23.76
C ASN A 284 20.78 -10.72 23.25
N ILE A 285 20.16 -11.49 24.17
CA ILE A 285 19.17 -12.48 23.76
C ILE A 285 17.97 -11.80 23.10
N ILE A 286 17.48 -10.73 23.72
CA ILE A 286 16.38 -9.98 23.12
C ILE A 286 16.80 -9.33 21.82
N ARG A 287 18.06 -8.88 21.74
CA ARG A 287 18.57 -8.33 20.49
C ARG A 287 18.71 -9.42 19.43
N GLN A 288 19.07 -10.64 19.84
CA GLN A 288 19.24 -11.71 18.87
C GLN A 288 17.94 -12.03 18.15
N GLU A 289 16.80 -11.85 18.81
CA GLU A 289 15.49 -12.13 18.22
C GLU A 289 15.39 -13.57 17.76
N LYS A 290 16.08 -14.47 18.46
CA LYS A 290 16.04 -15.89 18.14
C LYS A 290 14.92 -16.55 18.93
N LYS A 291 13.95 -17.10 18.20
CA LYS A 291 12.66 -17.49 18.80
C LYS A 291 12.85 -18.47 19.96
N ASN A 292 13.70 -19.47 19.78
CA ASN A 292 13.90 -20.45 20.85
C ASN A 292 14.62 -19.85 22.05
N ASP A 293 15.40 -18.78 21.84
CA ASP A 293 16.21 -18.22 22.92
C ASP A 293 15.33 -17.65 24.03
N MET A 294 14.34 -16.84 23.68
CA MET A 294 13.43 -16.32 24.70
C MET A 294 12.65 -17.44 25.37
N ALA A 295 12.17 -18.41 24.58
CA ALA A 295 11.38 -19.49 25.16
C ALA A 295 12.20 -20.33 26.13
N ASN A 296 13.44 -20.65 25.76
CA ASN A 296 14.29 -21.45 26.64
C ASN A 296 14.59 -20.71 27.94
N MET A 297 14.75 -19.39 27.86
CA MET A 297 15.01 -18.62 29.06
C MET A 297 13.76 -18.46 29.91
N TYR A 298 12.62 -18.21 29.27
CA TYR A 298 11.43 -17.76 29.99
C TYR A 298 10.80 -18.87 30.83
N VAL A 299 11.13 -20.13 30.55
CA VAL A 299 10.48 -21.24 31.25
C VAL A 299 10.78 -21.18 32.74
N LEU A 300 12.02 -20.82 33.10
CA LEU A 300 12.38 -20.75 34.51
C LEU A 300 12.52 -19.33 35.02
N LEU A 301 12.75 -18.35 34.13
CA LEU A 301 12.75 -16.96 34.55
C LEU A 301 11.41 -16.57 35.12
N ARG A 302 10.33 -17.21 34.67
CA ARG A 302 9.02 -17.03 35.28
C ARG A 302 8.95 -17.67 36.66
N ALA A 303 9.62 -18.81 36.84
CA ALA A 303 9.59 -19.50 38.13
C ALA A 303 10.24 -18.65 39.22
N VAL A 304 11.36 -18.00 38.91
CA VAL A 304 12.04 -17.15 39.87
C VAL A 304 11.32 -15.81 39.95
N SER A 305 11.19 -15.27 41.17
CA SER A 305 10.38 -14.08 41.36
C SER A 305 11.19 -12.80 41.18
N THR A 306 12.36 -12.72 41.82
CA THR A 306 13.14 -11.49 41.82
C THR A 306 13.58 -11.07 40.43
N GLY A 307 13.83 -12.02 39.52
CA GLY A 307 14.21 -11.66 38.17
C GLY A 307 13.07 -11.14 37.33
N LEU A 308 11.83 -11.52 37.65
CA LEU A 308 10.68 -11.17 36.81
C LEU A 308 10.59 -9.69 36.49
N PRO A 309 10.72 -8.77 37.44
CA PRO A 309 10.67 -7.34 37.06
C PRO A 309 11.76 -6.95 36.08
N HIS A 310 12.90 -7.63 36.12
CA HIS A 310 14.04 -7.20 35.32
C HIS A 310 13.75 -7.34 33.82
N MET A 311 13.31 -8.51 33.38
CA MET A 311 13.02 -8.69 31.96
C MET A 311 11.86 -7.81 31.52
N ILE A 312 10.88 -7.62 32.40
CA ILE A 312 9.70 -6.82 32.04
C ILE A 312 10.14 -5.43 31.61
N GLN A 313 10.96 -4.77 32.42
CA GLN A 313 11.55 -3.51 32.00
C GLN A 313 12.46 -3.71 30.80
N GLU A 314 13.29 -4.75 30.82
CA GLU A 314 14.23 -4.99 29.74
C GLU A 314 13.48 -5.23 28.43
N LEU A 315 12.43 -6.05 28.47
CA LEU A 315 11.60 -6.22 27.29
C LEU A 315 10.93 -4.92 26.89
N GLN A 316 10.44 -4.16 27.87
CA GLN A 316 9.80 -2.88 27.58
C GLN A 316 10.79 -1.92 26.92
N ASN A 317 12.03 -1.86 27.43
CA ASN A 317 13.04 -1.05 26.80
C ASN A 317 13.32 -1.54 25.39
N HIS A 318 13.38 -2.86 25.21
CA HIS A 318 13.68 -3.43 23.89
C HIS A 318 12.67 -2.99 22.85
N ILE A 319 11.38 -3.18 23.15
CA ILE A 319 10.35 -2.82 22.18
C ILE A 319 10.30 -1.31 21.98
N HIS A 320 10.54 -0.55 23.06
CA HIS A 320 10.59 0.90 22.92
C HIS A 320 11.74 1.32 22.01
N ASP A 321 12.86 0.61 22.09
CA ASP A 321 13.94 0.84 21.13
C ASP A 321 13.51 0.47 19.73
N GLU A 322 12.74 -0.61 19.59
CA GLU A 322 12.26 -1.01 18.27
C GLU A 322 11.21 -0.02 17.75
N GLY A 323 10.36 0.50 18.64
CA GLY A 323 9.33 1.42 18.21
C GLY A 323 9.89 2.68 17.60
N LEU A 324 10.88 3.28 18.26
CA LEU A 324 11.51 4.47 17.71
C LEU A 324 12.25 4.16 16.42
N ARG A 325 12.75 2.94 16.28
CA ARG A 325 13.35 2.52 15.01
C ARG A 325 12.31 2.49 13.90
N ALA A 326 11.09 2.07 14.22
CA ALA A 326 10.01 2.09 13.25
C ALA A 326 9.55 3.50 12.92
N THR A 327 9.87 4.48 13.77
CA THR A 327 9.48 5.86 13.49
C THR A 327 10.40 6.50 12.45
N SER A 328 11.69 6.16 12.49
CA SER A 328 12.69 6.89 11.71
C SER A 328 12.50 6.70 10.21
N ASN A 329 12.27 5.45 9.78
CA ASN A 329 12.28 5.14 8.35
C ASN A 329 11.07 5.69 7.61
N LEU A 330 10.07 6.23 8.30
CA LEU A 330 8.89 6.77 7.64
C LEU A 330 9.21 8.08 6.93
N THR A 331 8.60 8.28 5.76
CA THR A 331 8.77 9.50 4.98
C THR A 331 7.63 10.47 5.25
N GLN A 332 7.86 11.74 4.89
CA GLN A 332 6.88 12.78 5.13
C GLN A 332 5.80 12.83 4.04
N GLU A 333 6.13 12.49 2.81
CA GLU A 333 5.19 12.65 1.71
C GLU A 333 3.96 11.78 1.89
N ASN A 334 4.16 10.48 2.11
CA ASN A 334 3.08 9.55 2.37
C ASN A 334 2.94 9.23 3.86
N MET A 335 3.21 10.22 4.72
CA MET A 335 3.15 10.01 6.16
C MET A 335 1.80 9.49 6.63
N PRO A 336 0.65 10.05 6.22
CA PRO A 336 -0.63 9.55 6.76
C PRO A 336 -0.87 8.08 6.51
N THR A 337 -0.53 7.59 5.31
CA THR A 337 -0.77 6.18 4.99
C THR A 337 0.20 5.28 5.74
N LEU A 338 1.48 5.65 5.77
CA LEU A 338 2.48 4.82 6.42
C LEU A 338 2.36 4.84 7.93
N PHE A 339 1.84 5.92 8.51
CA PHE A 339 1.71 5.98 9.96
C PHE A 339 0.80 4.87 10.48
N VAL A 340 -0.32 4.65 9.79
CA VAL A 340 -1.19 3.53 10.15
C VAL A 340 -0.46 2.21 9.94
N GLU A 341 0.24 2.08 8.81
CA GLU A 341 0.94 0.84 8.51
C GLU A 341 2.09 0.61 9.49
N SER A 342 2.78 1.68 9.89
CA SER A 342 3.96 1.54 10.73
C SER A 342 3.62 0.87 12.06
N VAL A 343 2.56 1.33 12.72
CA VAL A 343 2.17 0.71 13.98
C VAL A 343 1.61 -0.68 13.75
N LEU A 344 0.78 -0.84 12.70
CA LEU A 344 0.17 -2.13 12.44
C LEU A 344 1.21 -3.19 12.09
N GLU A 345 2.20 -2.82 11.27
CA GLU A 345 3.24 -3.79 10.91
C GLU A 345 4.06 -4.20 12.12
N VAL A 346 4.16 -3.31 13.12
CA VAL A 346 4.90 -3.62 14.33
C VAL A 346 4.00 -4.31 15.35
N HIS A 347 2.78 -3.82 15.51
CA HIS A 347 1.86 -4.40 16.48
C HIS A 347 1.53 -5.84 16.15
N GLY A 348 1.28 -6.13 14.87
CA GLY A 348 0.87 -7.48 14.50
C GLY A 348 1.93 -8.52 14.74
N LYS A 349 3.17 -8.24 14.34
CA LYS A 349 4.23 -9.23 14.46
C LYS A 349 4.68 -9.41 15.91
N PHE A 350 4.55 -8.37 16.74
CA PHE A 350 5.06 -8.46 18.09
C PHE A 350 4.07 -9.14 19.03
N VAL A 351 2.76 -9.00 18.75
CA VAL A 351 1.76 -9.61 19.63
C VAL A 351 1.86 -11.14 19.58
N GLN A 352 1.95 -11.70 18.38
CA GLN A 352 2.04 -13.15 18.24
C GLN A 352 3.29 -13.68 18.93
N LEU A 353 4.34 -12.86 19.01
CA LEU A 353 5.52 -13.25 19.78
C LEU A 353 5.18 -13.48 21.24
N ILE A 354 4.36 -12.61 21.81
CA ILE A 354 3.97 -12.77 23.22
C ILE A 354 3.10 -14.00 23.39
N ASN A 355 2.17 -14.23 22.46
CA ASN A 355 1.29 -15.38 22.59
C ASN A 355 2.05 -16.70 22.52
N THR A 356 3.00 -16.81 21.60
CA THR A 356 3.69 -18.08 21.38
C THR A 356 4.75 -18.32 22.46
N VAL A 357 5.75 -17.45 22.53
CA VAL A 357 6.84 -17.67 23.47
C VAL A 357 6.40 -17.39 24.89
N LEU A 358 5.71 -16.27 25.10
CA LEU A 358 5.44 -15.76 26.44
C LEU A 358 4.07 -16.18 26.97
N ASN A 359 3.37 -17.05 26.25
CA ASN A 359 2.03 -17.53 26.63
C ASN A 359 1.02 -16.40 26.68
N GLY A 360 1.32 -15.28 26.03
CA GLY A 360 0.38 -14.18 25.95
C GLY A 360 0.00 -13.56 27.28
N ASP A 361 0.98 -13.35 28.16
CA ASP A 361 0.70 -12.70 29.44
C ASP A 361 0.35 -11.24 29.21
N GLN A 362 -0.56 -10.72 30.05
CA GLN A 362 -1.05 -9.36 29.86
C GLN A 362 0.05 -8.34 30.12
N HIS A 363 0.90 -8.58 31.12
CA HIS A 363 1.86 -7.57 31.56
C HIS A 363 2.73 -7.10 30.41
N PHE A 364 3.11 -8.01 29.51
CA PHE A 364 3.93 -7.64 28.36
C PHE A 364 3.14 -6.77 27.39
N MET A 365 1.85 -7.05 27.21
CA MET A 365 1.03 -6.22 26.33
C MET A 365 0.91 -4.80 26.85
N SER A 366 0.79 -4.63 28.18
CA SER A 366 0.69 -3.29 28.74
C SER A 366 1.93 -2.46 28.45
N ALA A 367 3.11 -3.09 28.56
CA ALA A 367 4.34 -2.38 28.24
C ALA A 367 4.37 -1.92 26.79
N LEU A 368 3.85 -2.76 25.89
CA LEU A 368 3.78 -2.37 24.49
C LEU A 368 2.95 -1.11 24.30
N ASP A 369 1.80 -1.03 24.98
CA ASP A 369 0.94 0.14 24.84
C ASP A 369 1.64 1.40 25.32
N LYS A 370 2.37 1.30 26.44
CA LYS A 370 3.08 2.46 26.97
C LYS A 370 4.08 3.00 25.94
N ALA A 371 4.93 2.12 25.41
CA ALA A 371 5.90 2.57 24.41
C ALA A 371 5.21 3.05 23.14
N LEU A 372 4.21 2.28 22.67
CA LEU A 372 3.52 2.68 21.44
C LEU A 372 2.79 4.00 21.62
N THR A 373 2.18 4.21 22.79
CA THR A 373 1.55 5.51 23.05
C THR A 373 2.58 6.62 22.98
N SER A 374 3.77 6.40 23.55
CA SER A 374 4.85 7.36 23.42
C SER A 374 5.23 7.55 21.95
N VAL A 375 5.23 6.47 21.18
CA VAL A 375 5.43 6.58 19.74
C VAL A 375 4.33 7.44 19.12
N VAL A 376 3.08 7.20 19.52
CA VAL A 376 1.98 8.03 19.05
C VAL A 376 2.09 9.44 19.63
N ASN A 377 2.53 9.54 20.89
CA ASN A 377 2.66 10.86 21.52
C ASN A 377 3.66 11.73 20.78
N TYR A 378 4.77 11.15 20.34
CA TYR A 378 5.74 11.89 19.56
C TYR A 378 5.28 11.98 18.10
N ARG A 379 5.48 13.14 17.50
CA ARG A 379 5.06 13.41 16.13
C ARG A 379 6.27 13.64 15.25
N GLU A 380 6.45 12.79 14.25
CA GLU A 380 7.55 12.97 13.31
C GLU A 380 7.46 14.28 12.53
N PRO A 381 6.33 14.68 11.95
CA PRO A 381 6.25 16.00 11.35
C PRO A 381 6.44 17.09 12.40
N LYS A 382 7.06 18.19 11.96
CA LYS A 382 7.36 19.28 12.91
C LYS A 382 6.09 19.95 13.40
N SER A 383 5.04 19.95 12.58
CA SER A 383 3.77 20.51 13.00
C SER A 383 3.18 19.70 14.15
N VAL A 384 2.68 20.41 15.16
CA VAL A 384 2.07 19.74 16.31
C VAL A 384 0.74 19.12 15.88
N CYS A 385 0.33 18.09 16.64
CA CYS A 385 -0.90 17.32 16.41
C CYS A 385 -1.12 16.99 14.95
N LYS A 386 -0.03 16.66 14.25
CA LYS A 386 -0.16 16.26 12.84
C LYS A 386 -0.78 14.89 12.70
N ALA A 387 -0.49 13.98 13.63
CA ALA A 387 -1.09 12.64 13.57
C ALA A 387 -2.61 12.69 13.61
N PRO A 388 -3.25 13.43 14.51
CA PRO A 388 -4.69 13.66 14.35
C PRO A 388 -5.03 14.40 13.06
N GLU A 389 -4.15 15.33 12.64
CA GLU A 389 -4.43 16.10 11.43
C GLU A 389 -4.44 15.20 10.19
N LEU A 390 -3.43 14.33 10.05
CA LEU A 390 -3.41 13.42 8.92
C LEU A 390 -4.52 12.38 9.03
N LEU A 391 -4.96 12.07 10.25
CA LEU A 391 -5.98 11.05 10.43
C LEU A 391 -7.27 11.43 9.75
N ALA A 392 -7.68 12.71 9.86
CA ALA A 392 -8.87 13.17 9.14
C ALA A 392 -8.69 13.04 7.64
N LYS A 393 -7.53 13.45 7.12
CA LYS A 393 -7.25 13.26 5.71
C LYS A 393 -7.14 11.78 5.37
N TYR A 394 -6.59 10.98 6.28
CA TYR A 394 -6.52 9.54 6.07
C TYR A 394 -7.91 8.93 5.94
N CYS A 395 -8.81 9.27 6.86
CA CYS A 395 -10.18 8.77 6.77
C CYS A 395 -10.91 9.35 5.58
N ASP A 396 -10.59 10.59 5.20
CA ASP A 396 -11.27 11.23 4.08
C ASP A 396 -11.04 10.48 2.78
N ASN A 397 -9.91 9.78 2.66
CA ASN A 397 -9.65 8.99 1.46
C ASN A 397 -10.76 7.97 1.23
N LEU A 398 -11.12 7.24 2.29
CA LEU A 398 -12.28 6.36 2.20
C LEU A 398 -13.57 7.16 2.10
N LEU A 399 -13.65 8.30 2.80
CA LEU A 399 -14.87 9.09 2.81
C LEU A 399 -15.09 9.78 1.46
N LYS A 400 -14.06 10.43 0.92
CA LYS A 400 -14.20 11.13 -0.34
C LYS A 400 -14.41 10.14 -1.48
N LYS A 401 -15.22 10.54 -2.45
CA LYS A 401 -15.41 9.75 -3.66
C LYS A 401 -14.06 9.57 -4.36
N SER A 402 -13.55 8.35 -4.36
CA SER A 402 -12.23 8.05 -4.91
C SER A 402 -12.38 7.11 -6.10
N ALA A 403 -11.71 7.44 -7.19
CA ALA A 403 -11.70 6.55 -8.34
C ALA A 403 -11.04 5.23 -7.97
N LYS A 404 -11.58 4.14 -8.54
CA LYS A 404 -11.17 2.78 -8.16
C LYS A 404 -11.39 2.58 -6.66
N GLY A 405 -12.65 2.44 -6.28
CA GLY A 405 -12.98 2.24 -4.88
C GLY A 405 -12.69 0.82 -4.42
N MET A 406 -12.04 0.72 -3.27
CA MET A 406 -11.80 -0.58 -2.67
C MET A 406 -13.09 -1.15 -2.12
N THR A 407 -13.11 -2.47 -1.94
CA THR A 407 -14.33 -3.16 -1.50
C THR A 407 -14.80 -2.62 -0.15
N GLU A 408 -16.10 -2.32 -0.08
CA GLU A 408 -16.70 -1.78 1.14
C GLU A 408 -16.49 -2.74 2.31
N ASN A 409 -16.48 -4.04 2.05
CA ASN A 409 -16.18 -5.06 3.09
C ASN A 409 -14.77 -4.80 3.61
N GLU A 410 -13.77 -4.75 2.73
CA GLU A 410 -12.36 -4.48 3.11
C GLU A 410 -12.30 -3.10 3.78
N VAL A 411 -13.09 -2.15 3.31
CA VAL A 411 -13.14 -0.78 3.89
C VAL A 411 -13.56 -0.91 5.36
N GLU A 412 -14.60 -1.71 5.63
CA GLU A 412 -15.07 -1.95 7.03
C GLU A 412 -13.90 -2.53 7.84
N ASP A 413 -13.12 -3.44 7.23
CA ASP A 413 -11.97 -4.10 7.92
C ASP A 413 -10.95 -3.04 8.35
N ARG A 414 -10.54 -2.16 7.44
CA ARG A 414 -9.54 -1.11 7.75
C ARG A 414 -10.15 -0.12 8.74
N LEU A 415 -11.46 0.15 8.64
CA LEU A 415 -12.16 1.08 9.55
C LEU A 415 -12.15 0.50 10.97
N THR A 416 -12.42 -0.80 11.12
CA THR A 416 -12.39 -1.49 12.43
C THR A 416 -10.94 -1.48 12.92
N SER A 417 -9.97 -1.67 12.03
CA SER A 417 -8.53 -1.62 12.37
C SER A 417 -8.17 -0.19 12.78
N PHE A 418 -8.78 0.81 12.14
CA PHE A 418 -8.55 2.24 12.44
C PHE A 418 -8.97 2.52 13.89
N ILE A 419 -9.97 1.79 14.40
CA ILE A 419 -10.47 1.97 15.80
C ILE A 419 -9.36 1.57 16.76
N THR A 420 -8.62 0.51 16.47
CA THR A 420 -7.49 0.09 17.29
C THR A 420 -6.48 1.21 17.46
N VAL A 421 -6.15 1.89 16.37
CA VAL A 421 -5.25 3.03 16.46
C VAL A 421 -5.89 4.18 17.22
N PHE A 422 -7.21 4.36 17.07
CA PHE A 422 -7.85 5.55 17.63
C PHE A 422 -7.80 5.57 19.14
N LYS A 423 -7.61 4.41 19.77
CA LYS A 423 -7.41 4.41 21.22
C LYS A 423 -6.11 5.10 21.59
N TYR A 424 -5.06 4.89 20.79
CA TYR A 424 -3.74 5.38 21.16
C TYR A 424 -3.66 6.90 21.08
N ILE A 425 -4.69 7.53 20.51
CA ILE A 425 -4.69 8.98 20.35
C ILE A 425 -4.46 9.64 21.71
N ASP A 426 -3.72 10.75 21.69
CA ASP A 426 -3.46 11.47 22.93
C ASP A 426 -4.66 12.30 23.37
N ASP A 427 -5.28 13.00 22.44
CA ASP A 427 -6.40 13.89 22.72
C ASP A 427 -7.44 13.72 21.63
N LYS A 428 -8.61 13.20 22.02
CA LYS A 428 -9.73 13.01 21.10
C LYS A 428 -10.29 14.33 20.60
N ASP A 429 -10.49 15.31 21.48
CA ASP A 429 -11.08 16.57 21.07
C ASP A 429 -10.20 17.31 20.07
N VAL A 430 -8.89 17.07 20.12
CA VAL A 430 -8.02 17.58 19.06
C VAL A 430 -8.44 16.98 17.72
N PHE A 431 -8.66 15.67 17.68
CA PHE A 431 -9.15 15.04 16.47
C PHE A 431 -10.56 15.48 16.13
N GLN A 432 -11.39 15.68 17.15
CA GLN A 432 -12.77 16.09 16.91
C GLN A 432 -12.82 17.43 16.17
N LYS A 433 -11.95 18.36 16.56
CA LYS A 433 -11.86 19.62 15.83
C LYS A 433 -11.43 19.39 14.38
N PHE A 434 -10.44 18.52 14.17
CA PHE A 434 -10.03 18.20 12.81
C PHE A 434 -11.17 17.56 12.04
N TYR A 435 -11.85 16.57 12.65
CA TYR A 435 -12.88 15.84 11.93
C TYR A 435 -14.03 16.76 11.52
N ALA A 436 -14.46 17.64 12.42
CA ALA A 436 -15.58 18.51 12.12
C ALA A 436 -15.28 19.43 10.95
N ARG A 437 -14.11 20.06 10.97
CA ARG A 437 -13.76 21.00 9.90
C ARG A 437 -13.64 20.29 8.57
N MET A 438 -13.02 19.10 8.56
CA MET A 438 -12.89 18.35 7.31
C MET A 438 -14.24 17.84 6.82
N LEU A 439 -15.12 17.47 7.75
CA LEU A 439 -16.45 16.99 7.36
C LEU A 439 -17.26 18.06 6.65
N ALA A 440 -16.90 19.33 6.84
CA ALA A 440 -17.64 20.41 6.20
C ALA A 440 -17.65 20.26 4.69
N LYS A 441 -16.48 19.98 4.09
CA LYS A 441 -16.38 19.86 2.65
C LYS A 441 -17.18 18.69 2.10
N ARG A 442 -17.51 17.71 2.94
CA ARG A 442 -18.13 16.49 2.44
C ARG A 442 -19.50 16.77 1.82
N LEU A 443 -20.38 17.47 2.53
CA LEU A 443 -21.67 17.82 1.94
C LEU A 443 -21.59 19.09 1.10
N ILE A 444 -20.47 19.82 1.15
CA ILE A 444 -20.27 20.92 0.22
C ILE A 444 -20.12 20.39 -1.20
N HIS A 445 -19.35 19.31 -1.37
CA HIS A 445 -19.01 18.80 -2.68
C HIS A 445 -19.55 17.40 -2.94
N GLY A 446 -20.28 16.82 -2.01
CA GLY A 446 -20.76 15.45 -2.19
C GLY A 446 -19.65 14.43 -2.29
N LEU A 447 -18.62 14.57 -1.45
CA LEU A 447 -17.48 13.66 -1.51
C LEU A 447 -17.87 12.25 -1.11
N SER A 448 -18.74 12.10 -0.12
CA SER A 448 -19.16 10.78 0.33
C SER A 448 -19.94 10.08 -0.78
N MET A 449 -19.50 8.87 -1.13
CA MET A 449 -20.21 8.10 -2.16
C MET A 449 -21.50 7.49 -1.62
N SER A 450 -21.53 7.09 -0.36
CA SER A 450 -22.69 6.48 0.26
C SER A 450 -22.94 7.11 1.62
N MET A 451 -24.18 7.50 1.87
CA MET A 451 -24.51 8.17 3.14
C MET A 451 -24.52 7.18 4.29
N ASP A 452 -24.79 5.90 4.01
CA ASP A 452 -24.85 4.91 5.09
C ASP A 452 -23.47 4.58 5.64
N SER A 453 -22.45 4.59 4.80
CA SER A 453 -21.09 4.32 5.27
C SER A 453 -20.66 5.36 6.31
N GLU A 454 -21.01 6.63 6.06
CA GLU A 454 -20.76 7.67 7.05
C GLU A 454 -21.46 7.36 8.36
N GLU A 455 -22.68 6.84 8.28
CA GLU A 455 -23.43 6.53 9.50
C GLU A 455 -22.74 5.47 10.33
N ALA A 456 -22.03 4.54 9.68
CA ALA A 456 -21.43 3.43 10.42
C ALA A 456 -20.36 3.92 11.40
N MET A 457 -19.51 4.86 10.98
CA MET A 457 -18.54 5.44 11.89
C MET A 457 -19.23 6.11 13.07
N ILE A 458 -20.30 6.86 12.80
CA ILE A 458 -21.00 7.57 13.87
C ILE A 458 -21.42 6.59 14.95
N ASN A 459 -21.99 5.45 14.54
CA ASN A 459 -22.34 4.43 15.52
C ASN A 459 -21.10 3.83 16.16
N LYS A 460 -20.05 3.60 15.37
CA LYS A 460 -18.82 3.03 15.94
C LYS A 460 -18.20 3.97 16.97
N LEU A 461 -18.15 5.27 16.67
CA LEU A 461 -17.58 6.21 17.63
C LEU A 461 -18.41 6.27 18.90
N LYS A 462 -19.74 6.21 18.78
CA LYS A 462 -20.59 6.26 19.96
C LYS A 462 -20.25 5.14 20.94
N GLN A 463 -20.04 3.93 20.42
CA GLN A 463 -19.76 2.78 21.27
C GLN A 463 -18.43 2.96 22.01
N ALA A 464 -17.56 3.81 21.48
CA ALA A 464 -16.25 4.01 22.11
C ALA A 464 -16.35 4.95 23.31
N CYS A 465 -16.75 6.20 23.09
CA CYS A 465 -16.58 7.24 24.08
C CYS A 465 -17.84 8.04 24.38
N GLY A 466 -19.00 7.40 24.47
CA GLY A 466 -20.16 8.06 25.03
C GLY A 466 -20.94 8.88 24.02
N TYR A 467 -22.14 9.28 24.43
CA TYR A 467 -23.05 9.96 23.53
C TYR A 467 -22.63 11.41 23.28
N GLU A 468 -22.25 12.12 24.34
CA GLU A 468 -22.01 13.56 24.21
C GLU A 468 -20.83 13.85 23.31
N PHE A 469 -19.96 12.86 23.10
CA PHE A 469 -18.81 13.05 22.23
C PHE A 469 -19.24 13.32 20.79
N THR A 470 -20.44 12.87 20.42
CA THR A 470 -20.91 13.00 19.05
C THR A 470 -22.34 13.52 18.97
N SER A 471 -22.72 14.39 19.91
CA SER A 471 -24.08 14.91 19.91
C SER A 471 -24.35 15.74 18.65
N LYS A 472 -23.48 16.71 18.36
CA LYS A 472 -23.67 17.53 17.18
C LYS A 472 -23.53 16.72 15.91
N LEU A 473 -22.63 15.73 15.92
CA LEU A 473 -22.39 14.93 14.73
C LEU A 473 -23.64 14.15 14.31
N HIS A 474 -24.60 13.96 15.20
CA HIS A 474 -25.82 13.25 14.90
C HIS A 474 -26.96 14.17 14.50
N ARG A 475 -27.17 15.27 15.23
CA ARG A 475 -28.21 16.22 14.88
C ARG A 475 -27.96 16.81 13.49
N MET A 476 -26.68 16.95 13.13
CA MET A 476 -26.35 17.50 11.81
C MET A 476 -26.77 16.57 10.69
N TYR A 477 -26.61 15.26 10.89
CA TYR A 477 -26.99 14.31 9.84
C TYR A 477 -28.49 14.33 9.60
N THR A 478 -29.27 14.38 10.67
CA THR A 478 -30.73 14.46 10.51
C THR A 478 -31.14 15.73 9.79
N ASP A 479 -30.35 16.79 9.93
CA ASP A 479 -30.71 18.07 9.34
C ASP A 479 -30.73 17.98 7.82
N MET A 480 -29.76 17.27 7.23
CA MET A 480 -29.67 17.18 5.78
C MET A 480 -30.71 16.23 5.18
N SER A 481 -31.02 15.13 5.86
CA SER A 481 -31.99 14.18 5.33
C SER A 481 -33.38 14.80 5.27
N VAL A 482 -33.70 15.69 6.22
CA VAL A 482 -35.00 16.35 6.23
C VAL A 482 -35.15 17.25 5.01
N SER A 483 -34.04 17.84 4.55
CA SER A 483 -34.11 18.81 3.46
C SER A 483 -34.72 18.23 2.20
N ALA A 484 -34.64 16.91 2.01
CA ALA A 484 -35.24 16.30 0.84
C ALA A 484 -36.75 16.53 0.81
N ASP A 485 -37.42 16.32 1.94
CA ASP A 485 -38.87 16.53 1.98
C ASP A 485 -39.21 18.02 1.92
N LEU A 486 -38.39 18.86 2.57
CA LEU A 486 -38.65 20.29 2.55
C LEU A 486 -38.56 20.84 1.13
N ASN A 487 -37.58 20.38 0.36
CA ASN A 487 -37.55 20.71 -1.05
C ASN A 487 -38.80 20.20 -1.76
N ASN A 488 -39.21 18.98 -1.45
CA ASN A 488 -40.47 18.46 -1.98
C ASN A 488 -41.65 19.29 -1.47
N LYS A 489 -41.63 19.67 -0.20
CA LYS A 489 -42.65 20.58 0.30
C LYS A 489 -42.56 21.93 -0.39
N PHE A 490 -41.34 22.37 -0.71
CA PHE A 490 -41.19 23.52 -1.60
C PHE A 490 -41.74 23.23 -2.99
N ASN A 491 -41.50 22.01 -3.49
CA ASN A 491 -42.16 21.58 -4.72
C ASN A 491 -43.66 21.56 -4.52
N ASN A 492 -44.13 21.07 -3.37
CA ASN A 492 -45.54 21.19 -3.04
C ASN A 492 -45.96 22.65 -2.98
N PHE A 493 -45.11 23.50 -2.38
CA PHE A 493 -45.36 24.94 -2.41
C PHE A 493 -45.32 25.48 -3.82
N ILE A 494 -44.48 24.89 -4.68
CA ILE A 494 -44.49 25.25 -6.10
C ILE A 494 -45.83 24.88 -6.72
N LYS A 495 -46.40 23.75 -6.31
CA LYS A 495 -47.77 23.44 -6.70
C LYS A 495 -48.76 24.42 -6.09
N ASN A 496 -48.52 24.81 -4.83
CA ASN A 496 -49.33 25.87 -4.22
C ASN A 496 -49.19 27.17 -4.99
N GLN A 497 -48.06 27.39 -5.65
CA GLN A 497 -47.85 28.56 -6.47
C GLN A 497 -48.75 28.52 -7.71
N ASP A 502 -40.80 34.19 -13.61
CA ASP A 502 -39.87 33.09 -13.35
C ASP A 502 -38.48 33.40 -13.88
N LEU A 503 -37.46 32.98 -13.12
CA LEU A 503 -36.09 33.17 -13.55
C LEU A 503 -35.69 32.21 -14.67
N GLY A 504 -36.42 31.11 -14.84
CA GLY A 504 -36.09 30.14 -15.85
C GLY A 504 -34.89 29.29 -15.55
N ILE A 505 -34.37 29.35 -14.32
CA ILE A 505 -33.16 28.64 -13.92
C ILE A 505 -33.46 27.86 -12.65
N SER A 506 -33.05 26.59 -12.62
CA SER A 506 -33.27 25.76 -11.45
C SER A 506 -32.49 26.29 -10.26
N PHE A 507 -33.18 26.42 -9.12
CA PHE A 507 -32.60 26.99 -7.91
C PHE A 507 -32.59 25.93 -6.82
N GLN A 508 -31.43 25.74 -6.19
CA GLN A 508 -31.22 24.69 -5.20
C GLN A 508 -31.07 25.32 -3.82
N ILE A 509 -31.51 24.61 -2.79
CA ILE A 509 -31.52 25.10 -1.42
C ILE A 509 -30.87 24.07 -0.51
N TYR A 510 -30.00 24.53 0.38
CA TYR A 510 -29.50 23.75 1.51
C TYR A 510 -29.79 24.50 2.79
N VAL A 511 -30.24 23.78 3.82
CA VAL A 511 -30.56 24.34 5.12
C VAL A 511 -29.73 23.62 6.16
N LEU A 512 -29.03 24.38 7.01
CA LEU A 512 -28.14 23.79 8.01
C LEU A 512 -28.34 24.48 9.35
N GLN A 513 -27.46 24.15 10.29
CA GLN A 513 -27.41 24.80 11.59
C GLN A 513 -25.96 25.08 11.97
N ALA A 514 -25.69 26.32 12.41
CA ALA A 514 -24.33 26.73 12.72
C ALA A 514 -23.76 25.94 13.90
N GLY A 515 -24.57 25.71 14.94
CA GLY A 515 -24.10 24.92 16.06
C GLY A 515 -23.63 23.54 15.63
N ALA A 516 -24.35 22.93 14.69
CA ALA A 516 -23.89 21.68 14.11
C ALA A 516 -22.75 21.91 13.12
N TRP A 517 -22.86 22.94 12.30
CA TRP A 517 -21.92 23.16 11.21
C TRP A 517 -20.97 24.30 11.55
N PRO A 518 -19.71 24.02 11.86
CA PRO A 518 -18.81 25.10 12.29
C PRO A 518 -18.32 25.95 11.13
N LEU A 519 -18.88 27.15 10.99
CA LEU A 519 -18.41 28.16 10.04
C LEU A 519 -18.27 29.45 10.81
N THR A 520 -17.10 29.66 11.42
CA THR A 520 -16.86 30.87 12.20
C THR A 520 -16.86 32.12 11.32
N GLN A 521 -16.72 31.97 10.00
CA GLN A 521 -16.68 33.10 9.08
C GLN A 521 -18.08 33.66 8.92
N ALA A 522 -18.42 34.59 9.81
CA ALA A 522 -19.66 35.33 9.69
C ALA A 522 -19.41 36.60 8.90
N PRO A 523 -20.01 36.76 7.71
CA PRO A 523 -19.73 37.95 6.90
C PRO A 523 -20.40 39.18 7.48
N SER A 524 -19.58 40.18 7.84
CA SER A 524 -20.12 41.41 8.40
C SER A 524 -20.69 42.32 7.31
N SER A 525 -20.11 42.28 6.11
CA SER A 525 -20.53 43.17 5.05
C SER A 525 -21.93 42.79 4.53
N THR A 526 -22.52 43.71 3.79
CA THR A 526 -23.87 43.54 3.24
C THR A 526 -23.78 43.35 1.72
N PHE A 527 -24.53 42.40 1.21
CA PHE A 527 -24.53 42.07 -0.21
C PHE A 527 -25.92 42.32 -0.80
N ALA A 528 -25.97 43.12 -1.86
CA ALA A 528 -27.23 43.34 -2.57
C ALA A 528 -27.57 42.13 -3.42
N ILE A 529 -28.79 41.65 -3.29
CA ILE A 529 -29.20 40.43 -4.01
C ILE A 529 -29.38 40.78 -5.49
N PRO A 530 -29.04 39.88 -6.41
CA PRO A 530 -29.30 40.14 -7.84
C PRO A 530 -30.78 40.10 -8.17
N GLN A 531 -31.11 40.29 -9.44
CA GLN A 531 -32.50 40.34 -9.85
C GLN A 531 -33.15 38.96 -9.82
N GLU A 532 -32.40 37.92 -10.19
CA GLU A 532 -33.00 36.59 -10.30
C GLU A 532 -33.39 36.04 -8.92
N LEU A 533 -32.46 36.11 -7.95
CA LEU A 533 -32.80 35.69 -6.60
C LEU A 533 -33.78 36.64 -5.94
N GLU A 534 -33.90 37.87 -6.46
CA GLU A 534 -34.86 38.81 -5.92
C GLU A 534 -36.28 38.25 -6.00
N LYS A 535 -36.57 37.49 -7.05
CA LYS A 535 -37.82 36.74 -7.10
C LYS A 535 -37.85 35.66 -6.03
N SER A 536 -36.77 34.87 -5.95
CA SER A 536 -36.75 33.72 -5.07
C SER A 536 -36.97 34.09 -3.62
N VAL A 537 -36.56 35.29 -3.22
CA VAL A 537 -36.76 35.72 -1.84
C VAL A 537 -38.24 35.85 -1.52
N GLN A 538 -39.02 36.41 -2.44
CA GLN A 538 -40.41 36.75 -2.14
C GLN A 538 -41.24 35.51 -1.83
N MET A 539 -41.11 34.46 -2.65
CA MET A 539 -41.94 33.28 -2.45
C MET A 539 -41.52 32.51 -1.21
N PHE A 540 -40.22 32.53 -0.88
CA PHE A 540 -39.74 31.75 0.26
C PHE A 540 -40.37 32.22 1.56
N GLU A 541 -40.53 33.53 1.73
CA GLU A 541 -41.09 34.06 2.97
C GLU A 541 -42.48 33.50 3.22
N LEU A 542 -43.33 33.50 2.19
CA LEU A 542 -44.64 32.88 2.32
C LEU A 542 -44.51 31.39 2.56
N PHE A 543 -43.62 30.72 1.84
CA PHE A 543 -43.37 29.30 2.05
C PHE A 543 -42.87 29.04 3.47
N TYR A 544 -41.91 29.83 3.93
CA TYR A 544 -41.34 29.63 5.26
C TYR A 544 -42.36 29.94 6.35
N SER A 545 -43.16 30.99 6.14
CA SER A 545 -44.09 31.43 7.19
C SER A 545 -45.13 30.36 7.50
N GLN A 546 -45.68 29.73 6.47
CA GLN A 546 -46.80 28.81 6.67
C GLN A 546 -46.36 27.54 7.37
N HIS A 547 -45.08 27.19 7.28
CA HIS A 547 -44.64 25.90 7.78
C HIS A 547 -43.85 26.03 9.08
N PHE A 548 -43.10 27.10 9.25
CA PHE A 548 -42.22 27.26 10.40
C PHE A 548 -42.54 28.56 11.13
N SER A 549 -42.54 28.50 12.45
CA SER A 549 -42.84 29.64 13.29
C SER A 549 -41.81 29.75 14.39
N GLY A 550 -41.54 30.99 14.82
CA GLY A 550 -40.53 31.21 15.85
C GLY A 550 -39.17 30.72 15.43
N ARG A 551 -38.74 31.06 14.21
CA ARG A 551 -37.52 30.53 13.63
C ARG A 551 -36.81 31.65 12.89
N LYS A 552 -35.62 31.36 12.39
CA LYS A 552 -34.92 32.28 11.51
C LYS A 552 -33.91 31.50 10.67
N LEU A 553 -33.62 32.01 9.48
CA LEU A 553 -32.68 31.39 8.57
C LEU A 553 -31.59 32.38 8.20
N THR A 554 -30.41 31.86 7.88
CA THR A 554 -29.26 32.70 7.57
C THR A 554 -28.86 32.50 6.11
N TRP A 555 -28.45 33.59 5.47
CA TRP A 555 -28.02 33.59 4.08
C TRP A 555 -26.53 33.91 4.02
N LEU A 556 -25.71 32.89 3.76
CA LEU A 556 -24.28 33.06 3.52
C LEU A 556 -24.04 32.85 2.03
N HIS A 557 -23.81 33.96 1.33
CA HIS A 557 -23.74 33.91 -0.13
C HIS A 557 -22.36 33.61 -0.68
N TYR A 558 -21.31 33.96 0.06
CA TYR A 558 -19.95 33.75 -0.45
C TYR A 558 -19.65 32.27 -0.61
N LEU A 559 -20.11 31.44 0.34
CA LEU A 559 -19.85 30.01 0.25
C LEU A 559 -20.59 29.35 -0.90
N CYS A 560 -21.68 29.97 -1.36
CA CYS A 560 -22.44 29.42 -2.49
C CYS A 560 -21.57 29.41 -3.74
N THR A 561 -21.57 28.28 -4.45
CA THR A 561 -20.80 28.12 -5.68
C THR A 561 -21.70 27.56 -6.77
N GLY A 562 -21.49 28.03 -7.99
CA GLY A 562 -22.26 27.56 -9.13
C GLY A 562 -21.47 27.67 -10.41
N GLU A 563 -21.66 26.68 -11.28
CA GLU A 563 -21.02 26.69 -12.59
C GLU A 563 -21.80 27.56 -13.55
N VAL A 564 -21.09 28.35 -14.35
CA VAL A 564 -21.69 29.24 -15.33
C VAL A 564 -21.04 29.01 -16.68
N LYS A 565 -21.86 28.86 -17.71
CA LYS A 565 -21.39 28.72 -19.09
C LYS A 565 -21.49 30.07 -19.78
N MET A 566 -20.36 30.52 -20.33
CA MET A 566 -20.31 31.79 -21.06
C MET A 566 -20.83 31.59 -22.47
N ASN A 567 -21.97 32.23 -22.77
CA ASN A 567 -22.64 32.02 -24.05
C ASN A 567 -21.90 32.66 -25.22
N TYR A 568 -21.42 33.90 -25.05
CA TYR A 568 -20.89 34.66 -26.17
C TYR A 568 -19.59 34.07 -26.71
N LEU A 569 -18.97 33.13 -26.01
CA LEU A 569 -17.81 32.44 -26.54
C LEU A 569 -18.21 31.60 -27.75
N GLY A 570 -17.31 31.54 -28.74
CA GLY A 570 -17.56 30.68 -29.89
C GLY A 570 -17.69 29.22 -29.50
N LYS A 571 -16.78 28.74 -28.67
CA LYS A 571 -16.90 27.42 -28.07
C LYS A 571 -17.40 27.58 -26.64
N PRO A 572 -18.57 27.06 -26.30
CA PRO A 572 -19.08 27.21 -24.93
C PRO A 572 -18.14 26.55 -23.92
N TYR A 573 -17.98 27.21 -22.78
CA TYR A 573 -17.12 26.72 -21.70
C TYR A 573 -17.85 26.89 -20.37
N VAL A 574 -17.77 25.89 -19.52
CA VAL A 574 -18.45 25.87 -18.22
C VAL A 574 -17.39 25.94 -17.14
N ALA A 575 -17.49 26.94 -16.27
CA ALA A 575 -16.56 27.12 -15.17
C ALA A 575 -17.34 27.46 -13.90
N MET A 576 -16.91 26.88 -12.79
CA MET A 576 -17.54 27.19 -11.51
C MET A 576 -17.06 28.54 -11.00
N VAL A 577 -17.99 29.37 -10.54
CA VAL A 577 -17.69 30.69 -10.01
C VAL A 577 -18.51 30.91 -8.74
N THR A 578 -18.02 31.81 -7.91
CA THR A 578 -18.71 32.14 -6.67
C THR A 578 -19.86 33.11 -6.94
N THR A 579 -20.81 33.14 -6.00
CA THR A 579 -21.98 34.00 -6.16
C THR A 579 -21.58 35.47 -6.17
N TYR A 580 -20.65 35.86 -5.28
CA TYR A 580 -20.16 37.23 -5.30
C TYR A 580 -19.56 37.58 -6.65
N GLN A 581 -18.85 36.64 -7.27
CA GLN A 581 -18.38 36.84 -8.63
C GLN A 581 -19.55 37.01 -9.59
N MET A 582 -20.58 36.16 -9.45
CA MET A 582 -21.73 36.23 -10.35
C MET A 582 -22.41 37.59 -10.27
N ALA A 583 -22.46 38.17 -9.08
CA ALA A 583 -22.94 39.55 -8.97
C ALA A 583 -22.02 40.50 -9.73
N VAL A 584 -20.71 40.32 -9.61
CA VAL A 584 -19.78 41.07 -10.43
C VAL A 584 -19.89 40.66 -11.90
N LEU A 585 -20.10 39.37 -12.15
CA LEU A 585 -20.27 38.89 -13.52
C LEU A 585 -21.52 39.46 -14.18
N LEU A 586 -22.44 40.03 -13.41
CA LEU A 586 -23.68 40.56 -13.98
C LEU A 586 -23.40 41.70 -14.95
N ALA A 587 -22.44 42.56 -14.62
CA ALA A 587 -22.18 43.76 -15.40
C ALA A 587 -21.26 43.54 -16.58
N PHE A 588 -20.78 42.31 -16.82
CA PHE A 588 -19.93 42.03 -17.97
C PHE A 588 -20.71 41.69 -19.22
N ASN A 589 -21.95 41.19 -19.08
CA ASN A 589 -22.73 40.80 -20.25
C ASN A 589 -23.17 42.01 -21.06
N ASN A 590 -23.67 43.04 -20.39
CA ASN A 590 -24.21 44.20 -21.10
C ASN A 590 -23.12 45.07 -21.70
N SER A 591 -22.04 45.32 -20.95
CA SER A 591 -20.93 46.14 -21.42
C SER A 591 -19.62 45.40 -21.21
N GLU A 592 -18.78 45.38 -22.25
CA GLU A 592 -17.53 44.63 -22.17
C GLU A 592 -16.52 45.33 -21.29
N THR A 593 -16.37 46.66 -21.43
CA THR A 593 -15.46 47.43 -20.61
C THR A 593 -16.24 48.10 -19.49
N VAL A 594 -15.87 47.79 -18.24
CA VAL A 594 -16.58 48.25 -17.06
C VAL A 594 -15.58 48.84 -16.09
N SER A 595 -15.91 50.00 -15.52
CA SER A 595 -15.08 50.58 -14.47
C SER A 595 -15.32 49.88 -13.14
N TYR A 596 -14.39 50.09 -12.21
CA TYR A 596 -14.48 49.39 -10.92
C TYR A 596 -15.58 49.96 -10.04
N LYS A 597 -15.98 51.21 -10.27
CA LYS A 597 -16.96 51.85 -9.40
C LYS A 597 -18.33 51.18 -9.47
N GLU A 598 -18.76 50.76 -10.66
CA GLU A 598 -20.11 50.23 -10.82
C GLU A 598 -20.30 48.94 -10.04
N LEU A 599 -19.30 48.05 -10.06
CA LEU A 599 -19.46 46.74 -9.46
C LEU A 599 -19.64 46.82 -7.94
N GLN A 600 -19.11 47.86 -7.30
CA GLN A 600 -19.37 48.03 -5.87
C GLN A 600 -20.84 48.27 -5.61
N ASP A 601 -21.51 49.03 -6.48
CA ASP A 601 -22.93 49.28 -6.31
C ASP A 601 -23.72 47.98 -6.35
N SER A 602 -23.36 47.08 -7.27
CA SER A 602 -24.01 45.77 -7.33
C SER A 602 -23.71 44.96 -6.08
N THR A 603 -22.45 44.96 -5.63
CA THR A 603 -22.09 44.17 -4.46
C THR A 603 -22.55 44.82 -3.18
N GLN A 604 -22.58 46.16 -3.13
CA GLN A 604 -22.95 46.92 -1.94
C GLN A 604 -22.03 46.59 -0.77
N MET A 605 -20.81 46.16 -1.06
CA MET A 605 -19.83 45.80 -0.05
C MET A 605 -18.49 46.43 -0.41
N ASN A 606 -17.63 46.54 0.59
CA ASN A 606 -16.48 47.42 0.50
C ASN A 606 -15.55 47.03 -0.65
N GLU A 607 -14.97 48.05 -1.30
CA GLU A 607 -14.13 47.81 -2.48
C GLU A 607 -12.84 47.09 -2.10
N LYS A 608 -12.34 47.32 -0.88
CA LYS A 608 -11.07 46.73 -0.48
C LYS A 608 -11.12 45.21 -0.51
N GLU A 609 -12.21 44.63 0.01
CA GLU A 609 -12.39 43.19 -0.13
C GLU A 609 -12.81 42.82 -1.54
N LEU A 610 -13.62 43.66 -2.19
CA LEU A 610 -13.95 43.44 -3.58
C LEU A 610 -12.72 43.57 -4.47
N THR A 611 -11.72 44.34 -4.03
CA THR A 611 -10.47 44.42 -4.78
C THR A 611 -9.82 43.05 -4.89
N LYS A 612 -9.82 42.29 -3.80
CA LYS A 612 -9.33 40.91 -3.84
C LYS A 612 -10.20 40.05 -4.75
N THR A 613 -11.50 40.36 -4.82
CA THR A 613 -12.39 39.60 -5.70
C THR A 613 -12.03 39.80 -7.16
N ILE A 614 -11.90 41.06 -7.58
CA ILE A 614 -11.52 41.34 -8.97
C ILE A 614 -10.11 40.86 -9.24
N LYS A 615 -9.22 40.99 -8.25
CA LYS A 615 -7.89 40.40 -8.39
C LYS A 615 -7.97 38.90 -8.57
N SER A 616 -8.84 38.24 -7.80
CA SER A 616 -9.06 36.81 -7.99
C SER A 616 -9.62 36.52 -9.38
N LEU A 617 -10.42 37.43 -9.91
CA LEU A 617 -10.93 37.27 -11.27
C LEU A 617 -9.82 37.46 -12.30
N LEU A 618 -8.88 38.38 -12.04
CA LEU A 618 -7.82 38.64 -13.00
C LEU A 618 -6.88 37.44 -13.13
N ASP A 619 -6.59 36.76 -12.02
CA ASP A 619 -5.70 35.60 -12.09
C ASP A 619 -6.33 34.48 -12.90
N VAL A 620 -7.65 34.32 -12.81
CA VAL A 620 -8.35 33.37 -13.67
C VAL A 620 -8.28 33.81 -15.13
N LYS A 621 -8.02 35.10 -15.37
CA LYS A 621 -7.80 35.68 -16.68
C LYS A 621 -9.04 35.65 -17.57
N MET A 622 -10.22 35.51 -16.98
CA MET A 622 -11.45 35.66 -17.76
C MET A 622 -11.56 37.09 -18.30
N ILE A 623 -11.14 38.07 -17.52
CA ILE A 623 -11.09 39.47 -17.94
C ILE A 623 -9.65 39.95 -17.87
N ASN A 624 -9.33 40.91 -18.72
CA ASN A 624 -7.99 41.48 -18.80
C ASN A 624 -8.04 42.93 -18.37
N HIS A 625 -7.18 43.28 -17.41
CA HIS A 625 -7.20 44.62 -16.83
C HIS A 625 -6.77 45.67 -17.86
N ASP A 626 -7.49 46.78 -17.87
CA ASP A 626 -7.11 47.92 -18.69
C ASP A 626 -5.92 48.68 -18.13
N SER A 627 -5.50 48.38 -16.90
CA SER A 627 -4.34 48.99 -16.28
C SER A 627 -3.34 47.90 -15.93
N GLU A 628 -2.09 48.07 -16.38
CA GLU A 628 -1.06 47.07 -16.13
C GLU A 628 -0.65 47.00 -14.66
N LYS A 629 -1.04 47.99 -13.86
CA LYS A 629 -0.69 48.00 -12.44
C LYS A 629 -1.36 46.84 -11.70
N GLU A 630 -0.63 46.28 -10.72
CA GLU A 630 -1.21 45.24 -9.88
C GLU A 630 -2.34 45.79 -9.03
N ASP A 631 -2.18 47.00 -8.49
CA ASP A 631 -3.20 47.58 -7.62
C ASP A 631 -4.46 47.92 -8.41
N ILE A 632 -5.61 47.72 -7.77
CA ILE A 632 -6.90 48.00 -8.36
C ILE A 632 -7.59 49.09 -7.54
N ASP A 633 -8.03 50.14 -8.22
CA ASP A 633 -8.77 51.23 -7.59
C ASP A 633 -10.12 51.37 -8.29
N ALA A 634 -10.95 52.26 -7.75
CA ALA A 634 -12.27 52.50 -8.34
C ALA A 634 -12.15 53.04 -9.76
N GLU A 635 -11.09 53.82 -10.02
CA GLU A 635 -10.92 54.41 -11.34
C GLU A 635 -10.66 53.35 -12.40
N SER A 636 -9.88 52.32 -12.06
CA SER A 636 -9.46 51.34 -13.03
C SER A 636 -10.66 50.61 -13.65
N SER A 637 -10.61 50.42 -14.97
CA SER A 637 -11.61 49.68 -15.71
C SER A 637 -11.01 48.36 -16.20
N PHE A 638 -11.89 47.48 -16.65
CA PHE A 638 -11.48 46.16 -17.14
C PHE A 638 -12.23 45.87 -18.43
N SER A 639 -11.55 45.18 -19.35
CA SER A 639 -12.10 44.85 -20.66
C SER A 639 -12.45 43.37 -20.70
N LEU A 640 -13.67 43.07 -21.13
CA LEU A 640 -14.09 41.69 -21.27
C LEU A 640 -13.30 40.99 -22.37
N ASN A 641 -12.87 39.76 -22.08
CA ASN A 641 -12.15 38.95 -23.07
C ASN A 641 -13.17 38.19 -23.88
N MET A 642 -13.37 38.62 -25.13
CA MET A 642 -14.37 37.97 -25.98
C MET A 642 -13.95 36.56 -26.38
N ASN A 643 -12.65 36.29 -26.44
CA ASN A 643 -12.13 35.00 -26.88
C ASN A 643 -11.58 34.16 -25.74
N PHE A 644 -11.99 34.41 -24.50
CA PHE A 644 -11.49 33.64 -23.37
C PHE A 644 -11.96 32.19 -23.45
N SER A 645 -11.06 31.28 -23.09
CA SER A 645 -11.34 29.84 -23.14
C SER A 645 -11.25 29.26 -21.74
N SER A 646 -12.26 28.47 -21.37
CA SER A 646 -12.31 27.84 -20.06
C SER A 646 -12.78 26.39 -20.16
N MET B 1 53.17 -19.32 -40.78
CA MET B 1 52.10 -20.19 -41.23
C MET B 1 50.75 -19.61 -40.83
N SER B 2 49.73 -20.48 -40.72
CA SER B 2 48.36 -20.08 -40.40
C SER B 2 47.80 -19.17 -41.48
N LEU B 3 48.47 -19.11 -42.62
CA LEU B 3 48.03 -18.35 -43.78
C LEU B 3 47.09 -19.20 -44.60
N LYS B 4 46.74 -18.69 -45.78
CA LYS B 4 45.88 -19.45 -46.67
C LYS B 4 46.68 -20.52 -47.41
N PRO B 5 46.30 -21.79 -47.30
CA PRO B 5 46.90 -22.81 -48.16
C PRO B 5 46.21 -22.82 -49.51
N ARG B 6 46.99 -23.11 -50.54
CA ARG B 6 46.48 -23.02 -51.90
C ARG B 6 45.32 -23.98 -52.13
N VAL B 7 45.51 -25.25 -51.79
CA VAL B 7 44.49 -26.27 -52.00
C VAL B 7 44.46 -27.19 -50.79
N VAL B 8 43.25 -27.53 -50.35
CA VAL B 8 43.02 -28.60 -49.38
C VAL B 8 41.80 -29.37 -49.85
N ASP B 9 41.99 -30.65 -50.16
CA ASP B 9 40.90 -31.48 -50.67
C ASP B 9 40.14 -32.04 -49.48
N PHE B 10 39.00 -31.44 -49.18
CA PHE B 10 38.20 -31.91 -48.05
C PHE B 10 37.81 -33.36 -48.23
N ASP B 11 37.72 -33.81 -49.48
CA ASP B 11 37.48 -35.23 -49.74
C ASP B 11 38.62 -36.08 -49.22
N GLU B 12 39.77 -35.47 -48.95
CA GLU B 12 40.88 -36.22 -48.38
C GLU B 12 40.95 -36.04 -46.87
N THR B 13 40.80 -34.81 -46.40
CA THR B 13 41.00 -34.51 -44.98
C THR B 13 39.78 -34.79 -44.13
N TRP B 14 38.64 -35.12 -44.73
CA TRP B 14 37.41 -35.31 -43.96
C TRP B 14 37.42 -36.63 -43.21
N ASN B 15 38.23 -37.59 -43.65
CA ASN B 15 38.16 -38.93 -43.08
C ASN B 15 38.73 -38.98 -41.67
N LYS B 16 39.79 -38.23 -41.39
CA LYS B 16 40.32 -38.20 -40.03
C LYS B 16 39.28 -37.66 -39.06
N LEU B 17 38.62 -36.57 -39.44
CA LEU B 17 37.58 -35.99 -38.61
C LEU B 17 36.44 -36.99 -38.40
N LEU B 18 36.04 -37.68 -39.47
CA LEU B 18 34.95 -38.64 -39.34
C LEU B 18 35.38 -39.84 -38.51
N THR B 19 36.69 -40.07 -38.42
CA THR B 19 37.18 -41.14 -37.56
C THR B 19 37.15 -40.73 -36.11
N THR B 20 37.48 -39.47 -35.82
CA THR B 20 37.65 -39.10 -34.42
C THR B 20 36.36 -38.63 -33.76
N ILE B 21 35.46 -37.95 -34.49
CA ILE B 21 34.27 -37.43 -33.81
C ILE B 21 33.35 -38.58 -33.38
N LYS B 22 33.24 -39.62 -34.19
CA LYS B 22 32.45 -40.79 -33.79
C LYS B 22 32.97 -41.36 -32.48
N ALA B 23 34.28 -41.45 -32.34
CA ALA B 23 34.86 -41.89 -31.08
C ALA B 23 34.51 -40.93 -29.95
N VAL B 24 34.54 -39.63 -30.22
CA VAL B 24 34.33 -38.64 -29.17
C VAL B 24 32.91 -38.74 -28.62
N VAL B 25 31.92 -38.82 -29.50
CA VAL B 25 30.54 -38.73 -29.04
C VAL B 25 30.10 -40.04 -28.40
N MET B 26 31.00 -41.02 -28.27
CA MET B 26 30.69 -42.27 -27.59
C MET B 26 31.50 -42.45 -26.32
N LEU B 27 32.23 -41.42 -25.90
CA LEU B 27 32.99 -41.42 -24.65
C LEU B 27 34.04 -42.52 -24.58
N GLU B 28 34.78 -42.74 -25.66
CA GLU B 28 35.95 -43.60 -25.60
C GLU B 28 37.19 -42.76 -25.34
N TYR B 29 38.30 -43.42 -25.05
CA TYR B 29 39.51 -42.69 -24.70
C TYR B 29 40.18 -42.10 -25.94
N VAL B 30 40.36 -40.78 -25.94
CA VAL B 30 40.89 -40.06 -27.08
C VAL B 30 42.34 -39.67 -26.79
N GLU B 31 43.00 -39.13 -27.81
CA GLU B 31 44.42 -38.84 -27.75
C GLU B 31 44.67 -37.34 -27.95
N ARG B 32 45.51 -36.78 -27.08
CA ARG B 32 45.70 -35.33 -27.04
C ARG B 32 46.26 -34.77 -28.34
N ALA B 33 47.29 -35.42 -28.90
CA ALA B 33 47.93 -34.88 -30.09
C ALA B 33 46.95 -34.80 -31.25
N THR B 34 46.17 -35.86 -31.45
CA THR B 34 45.08 -35.80 -32.42
C THR B 34 44.11 -34.68 -32.08
N TRP B 35 43.88 -34.46 -30.78
CA TRP B 35 42.93 -33.44 -30.37
C TRP B 35 43.37 -32.06 -30.86
N ASN B 36 44.67 -31.74 -30.73
CA ASN B 36 45.12 -30.43 -31.21
C ASN B 36 45.22 -30.39 -32.74
N ASP B 37 45.69 -31.47 -33.35
CA ASP B 37 45.75 -31.48 -34.81
C ASP B 37 44.38 -31.26 -35.43
N ARG B 38 43.31 -31.69 -34.75
CA ARG B 38 41.98 -31.48 -35.29
C ARG B 38 41.61 -30.00 -35.30
N PHE B 39 41.98 -29.26 -34.24
CA PHE B 39 41.77 -27.82 -34.28
C PHE B 39 42.52 -27.19 -35.43
N SER B 40 43.77 -27.62 -35.61
CA SER B 40 44.57 -27.09 -36.72
C SER B 40 43.85 -27.29 -38.05
N ASP B 41 43.37 -28.51 -38.28
CA ASP B 41 42.76 -28.83 -39.57
C ASP B 41 41.45 -28.09 -39.77
N ILE B 42 40.66 -27.92 -38.70
CA ILE B 42 39.40 -27.20 -38.84
C ILE B 42 39.65 -25.75 -39.22
N TYR B 43 40.64 -25.12 -38.58
CA TYR B 43 40.96 -23.76 -39.01
C TYR B 43 41.47 -23.74 -40.44
N ALA B 44 42.26 -24.74 -40.82
CA ALA B 44 42.75 -24.76 -42.20
C ALA B 44 41.62 -24.82 -43.20
N LEU B 45 40.60 -25.63 -42.92
CA LEU B 45 39.46 -25.70 -43.83
C LEU B 45 38.66 -24.41 -43.84
N CYS B 46 38.33 -23.88 -42.66
CA CYS B 46 37.30 -22.85 -42.57
C CYS B 46 37.57 -21.67 -43.50
N VAL B 47 38.80 -21.54 -44.00
CA VAL B 47 39.12 -20.53 -44.99
C VAL B 47 39.92 -21.21 -46.08
N ALA B 48 39.27 -21.59 -47.18
CA ALA B 48 39.93 -22.16 -48.34
C ALA B 48 40.15 -21.06 -49.36
N TYR B 49 41.40 -20.87 -49.77
CA TYR B 49 41.78 -19.67 -50.51
C TYR B 49 41.09 -19.53 -51.86
N PRO B 50 41.00 -20.56 -52.71
CA PRO B 50 40.25 -20.37 -53.96
C PRO B 50 38.78 -20.08 -53.74
N GLU B 51 38.11 -20.86 -52.89
CA GLU B 51 36.72 -20.65 -52.53
C GLU B 51 36.54 -21.10 -51.09
N PRO B 52 36.03 -20.23 -50.22
CA PRO B 52 35.71 -20.68 -48.85
C PRO B 52 34.74 -21.84 -48.87
N LEU B 53 34.96 -22.80 -47.98
CA LEU B 53 34.23 -24.06 -47.99
C LEU B 53 33.46 -24.19 -46.68
N GLY B 54 32.27 -23.61 -46.62
CA GLY B 54 31.53 -23.60 -45.38
C GLY B 54 30.47 -24.67 -45.24
N GLU B 55 29.59 -24.81 -46.23
CA GLU B 55 28.34 -25.52 -46.05
C GLU B 55 28.45 -27.03 -46.24
N ARG B 56 29.47 -27.52 -46.94
CA ARG B 56 29.64 -28.95 -47.09
C ARG B 56 29.82 -29.62 -45.75
N LEU B 57 30.62 -28.99 -44.88
CA LEU B 57 30.79 -29.48 -43.52
C LEU B 57 29.46 -29.59 -42.81
N TYR B 58 28.65 -28.55 -42.90
CA TYR B 58 27.34 -28.55 -42.27
C TYR B 58 26.49 -29.72 -42.75
N THR B 59 26.39 -29.90 -44.06
CA THR B 59 25.54 -30.95 -44.59
C THR B 59 26.03 -32.32 -44.15
N GLU B 60 27.35 -32.56 -44.24
CA GLU B 60 27.87 -33.87 -43.89
C GLU B 60 27.63 -34.19 -42.43
N THR B 61 27.87 -33.22 -41.55
CA THR B 61 27.66 -33.51 -40.14
C THR B 61 26.18 -33.74 -39.83
N LYS B 62 25.28 -33.01 -40.49
CA LYS B 62 23.86 -33.26 -40.29
C LYS B 62 23.50 -34.69 -40.66
N ILE B 63 23.93 -35.14 -41.85
CA ILE B 63 23.58 -36.49 -42.29
C ILE B 63 24.16 -37.52 -41.34
N PHE B 64 25.42 -37.32 -40.92
CA PHE B 64 26.05 -38.26 -40.00
C PHE B 64 25.25 -38.39 -38.72
N LEU B 65 24.87 -37.26 -38.12
CA LEU B 65 24.12 -37.31 -36.88
C LEU B 65 22.77 -38.00 -37.08
N GLU B 66 22.11 -37.70 -38.20
CA GLU B 66 20.79 -38.28 -38.44
C GLU B 66 20.88 -39.80 -38.54
N ASN B 67 21.87 -40.29 -39.28
CA ASN B 67 22.06 -41.73 -39.38
C ASN B 67 22.34 -42.35 -38.01
N HIS B 68 23.17 -41.69 -37.20
CA HIS B 68 23.48 -42.23 -35.89
C HIS B 68 22.22 -42.34 -35.03
N VAL B 69 21.37 -41.31 -35.05
CA VAL B 69 20.16 -41.33 -34.24
C VAL B 69 19.25 -42.47 -34.67
N ARG B 70 19.02 -42.62 -35.98
CA ARG B 70 18.13 -43.68 -36.42
C ARG B 70 18.69 -45.06 -36.11
N HIS B 71 20.01 -45.23 -36.29
CA HIS B 71 20.64 -46.50 -35.97
C HIS B 71 20.47 -46.84 -34.50
N LEU B 72 20.49 -45.83 -33.64
CA LEU B 72 20.22 -46.11 -32.24
C LEU B 72 18.76 -46.49 -32.03
N HIS B 73 17.84 -45.79 -32.70
CA HIS B 73 16.41 -46.03 -32.48
C HIS B 73 16.01 -47.44 -32.86
N LYS B 74 16.62 -47.98 -33.93
CA LYS B 74 16.24 -49.31 -34.38
C LYS B 74 16.53 -50.36 -33.31
N ARG B 75 17.69 -50.27 -32.65
CA ARG B 75 17.96 -51.18 -31.55
C ARG B 75 17.11 -50.85 -30.34
N VAL B 76 16.74 -49.58 -30.17
CA VAL B 76 15.95 -49.22 -29.00
C VAL B 76 14.59 -49.89 -29.05
N LEU B 77 13.93 -49.87 -30.21
CA LEU B 77 12.54 -50.32 -30.26
C LEU B 77 12.40 -51.80 -29.91
N GLU B 78 13.16 -52.66 -30.58
CA GLU B 78 12.95 -54.10 -30.49
C GLU B 78 13.53 -54.66 -29.19
N SER B 79 12.94 -54.22 -28.08
CA SER B 79 13.34 -54.67 -26.75
C SER B 79 12.14 -54.46 -25.84
N GLU B 80 11.58 -55.56 -25.34
CA GLU B 80 10.40 -55.51 -24.51
C GLU B 80 10.77 -55.47 -23.03
N GLU B 81 9.99 -54.72 -22.26
CA GLU B 81 10.04 -54.65 -20.80
C GLU B 81 11.27 -53.90 -20.31
N GLN B 82 12.18 -53.49 -21.19
CA GLN B 82 13.36 -52.76 -20.79
C GLN B 82 13.52 -51.47 -21.56
N VAL B 83 12.49 -51.06 -22.31
CA VAL B 83 12.64 -49.96 -23.26
C VAL B 83 13.11 -48.70 -22.55
N LEU B 84 12.51 -48.37 -21.42
CA LEU B 84 12.90 -47.14 -20.75
C LEU B 84 14.25 -47.30 -20.04
N VAL B 85 14.56 -48.49 -19.55
CA VAL B 85 15.85 -48.69 -18.90
C VAL B 85 16.98 -48.38 -19.88
N MET B 86 16.91 -48.96 -21.07
CA MET B 86 17.95 -48.71 -22.06
C MET B 86 17.88 -47.29 -22.62
N TYR B 87 16.67 -46.74 -22.74
CA TYR B 87 16.51 -45.33 -23.08
C TYR B 87 17.33 -44.47 -22.14
N HIS B 88 17.29 -44.78 -20.85
CA HIS B 88 18.03 -43.99 -19.88
C HIS B 88 19.51 -43.93 -20.21
N ARG B 89 20.14 -45.09 -20.42
CA ARG B 89 21.58 -45.12 -20.65
C ARG B 89 21.94 -44.41 -21.94
N TYR B 90 21.19 -44.69 -23.00
CA TYR B 90 21.53 -44.07 -24.28
C TYR B 90 21.43 -42.55 -24.21
N TRP B 91 20.37 -42.05 -23.57
CA TRP B 91 20.25 -40.60 -23.42
C TRP B 91 21.38 -40.05 -22.57
N GLU B 92 21.72 -40.73 -21.48
CA GLU B 92 22.74 -40.23 -20.58
C GLU B 92 24.09 -40.14 -21.28
N GLU B 93 24.31 -41.00 -22.28
CA GLU B 93 25.53 -40.87 -23.07
C GLU B 93 25.44 -39.71 -24.04
N TYR B 94 24.39 -39.71 -24.88
CA TYR B 94 24.30 -38.73 -25.95
C TYR B 94 24.33 -37.30 -25.42
N SER B 95 23.81 -37.09 -24.20
CA SER B 95 23.82 -35.75 -23.64
C SER B 95 25.23 -35.17 -23.59
N LYS B 96 26.11 -35.79 -22.81
CA LYS B 96 27.47 -35.29 -22.72
C LYS B 96 28.16 -35.30 -24.07
N GLY B 97 27.80 -36.24 -24.93
CA GLY B 97 28.33 -36.21 -26.28
C GLY B 97 28.08 -34.88 -26.96
N ALA B 98 26.87 -34.33 -26.80
CA ALA B 98 26.52 -33.10 -27.48
C ALA B 98 27.41 -31.94 -27.03
N ASP B 99 27.60 -31.78 -25.72
CA ASP B 99 28.41 -30.67 -25.24
C ASP B 99 29.86 -30.81 -25.66
N TYR B 100 30.42 -32.02 -25.59
CA TYR B 100 31.81 -32.15 -26.04
C TYR B 100 31.93 -31.83 -27.52
N MET B 101 30.97 -32.28 -28.33
CA MET B 101 30.99 -31.98 -29.75
C MET B 101 30.95 -30.48 -30.00
N ASP B 102 30.08 -29.77 -29.29
CA ASP B 102 30.03 -28.32 -29.47
C ASP B 102 31.34 -27.68 -29.08
N CYS B 103 31.90 -28.08 -27.95
CA CYS B 103 33.14 -27.45 -27.51
C CYS B 103 34.31 -27.78 -28.42
N LEU B 104 34.23 -28.83 -29.23
CA LEU B 104 35.36 -29.10 -30.12
C LEU B 104 35.58 -27.95 -31.09
N TYR B 105 34.69 -27.74 -32.05
CA TYR B 105 34.93 -26.66 -33.00
C TYR B 105 33.96 -25.52 -32.74
N ARG B 106 34.53 -24.36 -32.48
CA ARG B 106 33.81 -23.12 -32.23
C ARG B 106 33.93 -22.13 -33.38
N TYR B 107 35.06 -22.11 -34.08
CA TYR B 107 35.30 -21.12 -35.10
C TYR B 107 34.19 -21.12 -36.16
N LEU B 108 33.73 -22.30 -36.56
CA LEU B 108 32.54 -22.37 -37.41
C LEU B 108 31.30 -21.90 -36.66
N ASN B 109 31.23 -22.17 -35.36
CA ASN B 109 30.06 -21.78 -34.61
C ASN B 109 29.91 -20.27 -34.54
N THR B 110 30.99 -19.52 -34.78
CA THR B 110 30.96 -18.10 -34.47
C THR B 110 31.46 -17.20 -35.61
N GLN B 111 31.95 -17.73 -36.71
CA GLN B 111 32.41 -16.81 -37.76
C GLN B 111 31.72 -17.01 -39.11
N PHE B 112 31.03 -18.13 -39.30
CA PHE B 112 30.32 -18.32 -40.57
C PHE B 112 28.87 -18.73 -40.36
N ILE B 113 28.54 -19.28 -39.19
CA ILE B 113 27.15 -19.59 -38.89
C ILE B 113 26.42 -18.35 -38.39
N LYS B 114 27.05 -17.60 -37.48
CA LYS B 114 26.39 -16.44 -36.89
C LYS B 114 26.11 -15.34 -37.90
N LYS B 115 27.03 -15.10 -38.83
CA LYS B 115 26.94 -13.89 -39.65
C LYS B 115 25.81 -13.97 -40.67
N ASN B 116 25.23 -15.15 -40.86
CA ASN B 116 24.08 -15.32 -41.74
C ASN B 116 22.98 -16.05 -40.98
N LYS B 117 22.17 -15.31 -40.24
CA LYS B 117 21.18 -15.91 -39.36
C LYS B 117 19.86 -15.16 -39.53
N LEU B 118 18.88 -15.55 -38.70
CA LEU B 118 17.56 -14.93 -38.68
C LEU B 118 17.30 -14.35 -37.30
N THR B 119 17.04 -13.05 -37.25
CA THR B 119 16.79 -12.40 -35.97
C THR B 119 15.45 -12.83 -35.41
N GLU B 120 15.29 -12.65 -34.09
CA GLU B 120 14.04 -13.01 -33.44
C GLU B 120 12.89 -12.13 -33.92
N ALA B 121 13.20 -10.96 -34.48
CA ALA B 121 12.15 -10.10 -35.01
C ALA B 121 11.37 -10.80 -36.11
N ASP B 122 12.06 -11.33 -37.12
CA ASP B 122 11.38 -12.05 -38.18
C ASP B 122 10.79 -13.35 -37.67
N LEU B 123 11.37 -13.92 -36.60
CA LEU B 123 10.78 -15.10 -35.99
C LEU B 123 9.40 -14.79 -35.44
N GLN B 124 9.26 -13.66 -34.75
CA GLN B 124 7.95 -13.25 -34.26
C GLN B 124 7.04 -12.88 -35.43
N TYR B 125 7.60 -12.27 -36.47
CA TYR B 125 6.81 -11.92 -37.65
C TYR B 125 6.46 -13.17 -38.45
N GLY B 126 7.37 -14.13 -38.53
CA GLY B 126 7.13 -15.35 -39.27
C GLY B 126 6.81 -16.54 -38.39
N ASN B 133 12.24 -22.58 -46.32
CA ASN B 133 13.67 -22.82 -46.26
C ASN B 133 14.15 -22.98 -44.82
N GLU B 134 14.71 -24.13 -44.50
CA GLU B 134 15.20 -24.38 -43.15
C GLU B 134 16.45 -23.55 -42.89
N PRO B 135 16.49 -22.80 -41.79
CA PRO B 135 17.55 -21.79 -41.61
C PRO B 135 18.83 -22.40 -41.04
N LEU B 136 19.85 -21.55 -40.94
CA LEU B 136 21.11 -21.96 -40.34
C LEU B 136 21.06 -21.73 -38.83
N MET B 137 21.78 -22.56 -38.08
CA MET B 137 21.68 -22.55 -36.64
C MET B 137 22.89 -23.26 -36.03
N GLU B 138 23.12 -23.01 -34.74
CA GLU B 138 24.36 -23.42 -34.10
C GLU B 138 24.41 -24.93 -33.88
N ILE B 139 25.65 -25.44 -33.78
CA ILE B 139 25.87 -26.89 -33.81
C ILE B 139 25.25 -27.58 -32.60
N GLY B 140 25.54 -27.09 -31.40
CA GLY B 140 25.11 -27.80 -30.21
C GLY B 140 23.61 -28.01 -30.17
N GLU B 141 22.86 -26.96 -30.45
CA GLU B 141 21.41 -27.07 -30.36
C GLU B 141 20.84 -27.88 -31.52
N LEU B 142 21.52 -27.92 -32.66
CA LEU B 142 21.09 -28.84 -33.70
C LEU B 142 21.26 -30.29 -33.27
N ALA B 143 22.43 -30.61 -32.71
CA ALA B 143 22.69 -31.97 -32.27
C ALA B 143 21.72 -32.38 -31.17
N LEU B 144 21.21 -31.40 -30.43
CA LEU B 144 20.23 -31.71 -29.41
C LEU B 144 18.83 -31.83 -30.00
N ASP B 145 18.46 -30.91 -30.87
CA ASP B 145 17.11 -30.88 -31.43
C ASP B 145 16.84 -32.13 -32.27
N MET B 146 17.86 -32.62 -32.96
CA MET B 146 17.65 -33.80 -33.80
C MET B 146 17.23 -34.99 -32.95
N TRP B 147 17.43 -34.91 -31.63
CA TRP B 147 16.97 -35.98 -30.76
C TRP B 147 15.49 -35.82 -30.42
N ARG B 148 14.80 -34.92 -31.11
CA ARG B 148 13.37 -34.82 -30.90
C ARG B 148 12.59 -35.49 -32.02
N LYS B 149 12.85 -35.09 -33.27
CA LYS B 149 11.99 -35.52 -34.37
C LYS B 149 12.20 -36.99 -34.72
N LEU B 150 13.07 -37.68 -34.00
CA LEU B 150 13.29 -39.08 -34.38
C LEU B 150 12.97 -40.05 -33.26
N MET B 151 13.37 -39.75 -32.02
CA MET B 151 13.25 -40.74 -30.96
C MET B 151 11.99 -40.55 -30.11
N VAL B 152 11.60 -39.31 -29.85
CA VAL B 152 10.48 -39.06 -28.94
C VAL B 152 9.15 -39.41 -29.59
N GLU B 153 8.92 -38.90 -30.81
CA GLU B 153 7.58 -39.04 -31.41
C GLU B 153 7.19 -40.49 -31.61
N PRO B 154 7.96 -41.33 -32.29
CA PRO B 154 7.50 -42.70 -32.55
C PRO B 154 7.30 -43.54 -31.29
N LEU B 155 7.93 -43.21 -30.17
CA LEU B 155 7.78 -43.99 -28.95
C LEU B 155 7.00 -43.25 -27.88
N GLN B 156 6.37 -42.14 -28.24
CA GLN B 156 5.68 -41.30 -27.27
C GLN B 156 4.58 -42.07 -26.53
N ALA B 157 3.70 -42.74 -27.28
CA ALA B 157 2.60 -43.45 -26.64
C ALA B 157 3.10 -44.53 -25.70
N ILE B 158 4.07 -45.34 -26.18
CA ILE B 158 4.58 -46.44 -25.37
C ILE B 158 5.18 -45.92 -24.08
N LEU B 159 6.01 -44.87 -24.18
CA LEU B 159 6.70 -44.42 -22.98
C LEU B 159 5.73 -43.80 -21.98
N ILE B 160 4.75 -43.02 -22.46
CA ILE B 160 3.80 -42.46 -21.51
C ILE B 160 3.03 -43.57 -20.81
N ARG B 161 2.59 -44.58 -21.57
CA ARG B 161 1.82 -45.65 -20.93
C ARG B 161 2.65 -46.37 -19.88
N MET B 162 3.89 -46.73 -20.20
CA MET B 162 4.72 -47.46 -19.25
C MET B 162 4.99 -46.63 -17.99
N LEU B 163 5.33 -45.35 -18.16
CA LEU B 163 5.63 -44.52 -17.01
C LEU B 163 4.41 -44.35 -16.12
N LEU B 164 3.24 -44.15 -16.72
CA LEU B 164 2.04 -44.01 -15.91
C LEU B 164 1.74 -45.31 -15.17
N ARG B 165 1.99 -46.46 -15.80
CA ARG B 165 1.81 -47.72 -15.09
C ARG B 165 2.73 -47.79 -13.88
N GLU B 166 3.99 -47.36 -14.05
CA GLU B 166 4.93 -47.38 -12.93
C GLU B 166 4.45 -46.50 -11.78
N ILE B 167 4.06 -45.26 -12.09
CA ILE B 167 3.61 -44.37 -11.03
C ILE B 167 2.37 -44.93 -10.34
N LYS B 168 1.43 -45.47 -11.12
CA LYS B 168 0.22 -46.01 -10.52
C LYS B 168 0.54 -47.13 -9.56
N ASN B 169 1.42 -48.04 -9.94
CA ASN B 169 1.85 -49.04 -8.96
C ASN B 169 2.58 -48.43 -7.78
N ASP B 170 3.22 -47.27 -7.96
CA ASP B 170 3.97 -46.65 -6.88
C ASP B 170 3.09 -46.04 -5.80
N ARG B 171 1.78 -45.94 -6.02
CA ARG B 171 0.91 -45.49 -4.94
C ARG B 171 0.92 -46.50 -3.79
N GLY B 172 1.37 -47.72 -4.06
CA GLY B 172 1.64 -48.66 -2.99
C GLY B 172 2.93 -48.31 -2.28
N GLY B 173 3.19 -49.01 -1.18
CA GLY B 173 4.33 -48.65 -0.33
C GLY B 173 5.67 -48.75 -1.04
N GLU B 174 5.90 -49.85 -1.75
CA GLU B 174 7.20 -50.08 -2.38
C GLU B 174 7.34 -49.26 -3.65
N ASP B 175 8.60 -48.98 -4.05
CA ASP B 175 8.88 -48.22 -5.30
C ASP B 175 9.94 -48.98 -6.11
N PRO B 176 9.62 -49.50 -7.31
CA PRO B 176 10.59 -50.27 -8.10
C PRO B 176 11.95 -49.61 -8.23
N ASN B 177 12.01 -48.29 -8.39
CA ASN B 177 13.28 -47.65 -8.71
C ASN B 177 13.18 -46.16 -8.45
N GLN B 178 14.31 -45.53 -8.15
CA GLN B 178 14.28 -44.16 -7.68
C GLN B 178 14.79 -43.15 -8.71
N LYS B 179 15.91 -43.42 -9.35
CA LYS B 179 16.54 -42.40 -10.17
C LYS B 179 16.24 -42.52 -11.66
N VAL B 180 15.93 -43.72 -12.15
CA VAL B 180 15.74 -43.90 -13.59
C VAL B 180 14.56 -43.11 -14.09
N ILE B 181 13.42 -43.25 -13.40
CA ILE B 181 12.25 -42.51 -13.84
C ILE B 181 12.46 -41.02 -13.64
N HIS B 182 13.20 -40.62 -12.60
CA HIS B 182 13.49 -39.20 -12.44
C HIS B 182 14.27 -38.67 -13.62
N GLY B 183 15.27 -39.43 -14.08
CA GLY B 183 16.05 -38.98 -15.22
C GLY B 183 15.24 -38.90 -16.50
N VAL B 184 14.44 -39.94 -16.77
CA VAL B 184 13.66 -39.92 -18.01
C VAL B 184 12.62 -38.82 -17.98
N ILE B 185 12.10 -38.47 -16.81
CA ILE B 185 11.17 -37.33 -16.74
C ILE B 185 11.91 -36.02 -16.94
N ASN B 186 13.03 -35.85 -16.25
CA ASN B 186 13.74 -34.58 -16.34
C ASN B 186 14.31 -34.33 -17.72
N SER B 187 14.50 -35.36 -18.53
CA SER B 187 15.04 -35.13 -19.86
C SER B 187 14.09 -34.32 -20.73
N PHE B 188 12.78 -34.47 -20.53
CA PHE B 188 11.81 -33.71 -21.33
C PHE B 188 12.06 -32.22 -21.23
N VAL B 189 12.33 -31.72 -20.03
CA VAL B 189 12.55 -30.29 -19.86
C VAL B 189 13.84 -29.87 -20.54
N HIS B 190 14.92 -30.61 -20.32
CA HIS B 190 16.23 -30.20 -20.79
C HIS B 190 16.38 -30.32 -22.30
N VAL B 191 15.50 -31.06 -22.98
CA VAL B 191 15.59 -31.15 -24.43
C VAL B 191 15.45 -29.77 -25.06
N GLU B 192 14.56 -28.94 -24.54
CA GLU B 192 14.33 -27.61 -25.09
C GLU B 192 15.12 -26.55 -24.34
N GLN B 193 16.45 -26.65 -24.41
CA GLN B 193 17.29 -25.74 -23.63
C GLN B 193 17.23 -24.32 -24.18
N TYR B 194 17.42 -24.16 -25.50
CA TYR B 194 17.42 -22.85 -26.14
C TYR B 194 16.13 -22.63 -26.87
N LYS B 195 15.28 -21.74 -26.33
CA LYS B 195 14.11 -21.23 -27.03
C LYS B 195 13.89 -19.79 -26.61
N LYS B 196 13.15 -19.07 -27.45
CA LYS B 196 12.88 -17.65 -27.16
C LYS B 196 11.89 -17.50 -26.01
N LYS B 197 10.79 -18.27 -26.04
CA LYS B 197 9.71 -18.10 -25.09
C LYS B 197 9.14 -19.47 -24.74
N PHE B 198 8.47 -19.53 -23.60
CA PHE B 198 7.82 -20.74 -23.12
C PHE B 198 8.72 -21.98 -23.19
N PRO B 199 9.77 -22.02 -22.38
CA PRO B 199 10.62 -23.23 -22.34
C PRO B 199 9.88 -24.48 -21.93
N LEU B 200 8.85 -24.37 -21.09
CA LEU B 200 8.18 -25.53 -20.53
C LEU B 200 7.04 -26.03 -21.39
N LYS B 201 6.82 -25.42 -22.56
CA LYS B 201 5.63 -25.71 -23.33
C LYS B 201 5.55 -27.18 -23.72
N PHE B 202 6.68 -27.75 -24.15
CA PHE B 202 6.71 -29.17 -24.50
C PHE B 202 6.33 -30.03 -23.30
N TYR B 203 6.99 -29.80 -22.16
CA TYR B 203 6.77 -30.63 -20.99
C TYR B 203 5.35 -30.49 -20.48
N GLN B 204 4.75 -29.30 -20.63
CA GLN B 204 3.36 -29.14 -20.22
C GLN B 204 2.42 -29.80 -21.22
N GLU B 205 2.79 -29.81 -22.50
CA GLU B 205 1.88 -30.29 -23.54
C GLU B 205 1.82 -31.81 -23.56
N ILE B 206 2.94 -32.47 -23.29
CA ILE B 206 2.98 -33.92 -23.50
C ILE B 206 2.96 -34.72 -22.21
N PHE B 207 3.05 -34.08 -21.06
CA PHE B 207 3.09 -34.84 -19.81
C PHE B 207 2.00 -34.46 -18.83
N GLU B 208 1.71 -33.18 -18.65
CA GLU B 208 0.85 -32.77 -17.53
C GLU B 208 -0.54 -33.39 -17.62
N SER B 209 -1.20 -33.23 -18.77
CA SER B 209 -2.63 -33.52 -18.82
C SER B 209 -2.98 -34.95 -18.43
N PRO B 210 -2.34 -36.00 -18.97
CA PRO B 210 -2.68 -37.35 -18.53
C PRO B 210 -2.43 -37.55 -17.06
N PHE B 211 -1.36 -36.96 -16.53
CA PHE B 211 -1.05 -37.11 -15.11
C PHE B 211 -2.14 -36.51 -14.24
N LEU B 212 -2.52 -35.26 -14.51
CA LEU B 212 -3.54 -34.61 -13.70
C LEU B 212 -4.88 -35.34 -13.81
N THR B 213 -5.26 -35.74 -15.02
CA THR B 213 -6.55 -36.42 -15.17
C THR B 213 -6.55 -37.75 -14.45
N GLU B 214 -5.45 -38.51 -14.52
CA GLU B 214 -5.39 -39.75 -13.77
C GLU B 214 -5.37 -39.51 -12.26
N THR B 215 -4.91 -38.34 -11.82
CA THR B 215 -4.82 -38.08 -10.39
C THR B 215 -6.18 -38.16 -9.71
N GLY B 216 -7.21 -37.60 -10.37
CA GLY B 216 -8.48 -37.42 -9.68
C GLY B 216 -9.14 -38.73 -9.28
N GLU B 217 -9.26 -39.66 -10.23
CA GLU B 217 -10.16 -40.79 -10.04
C GLU B 217 -9.67 -41.74 -8.96
N TYR B 218 -8.35 -41.91 -8.83
CA TYR B 218 -7.81 -42.81 -7.82
C TYR B 218 -8.23 -42.37 -6.43
N TYR B 219 -8.00 -41.08 -6.12
CA TYR B 219 -8.45 -40.58 -4.83
C TYR B 219 -9.95 -40.46 -4.72
N LYS B 220 -10.66 -40.25 -5.84
CA LYS B 220 -12.11 -40.26 -5.75
C LYS B 220 -12.61 -41.60 -5.25
N GLN B 221 -12.13 -42.68 -5.86
CA GLN B 221 -12.53 -44.02 -5.42
C GLN B 221 -12.08 -44.30 -4.00
N GLU B 222 -10.84 -43.92 -3.65
CA GLU B 222 -10.36 -44.19 -2.31
C GLU B 222 -11.18 -43.43 -1.27
N ALA B 223 -11.52 -42.17 -1.57
CA ALA B 223 -12.32 -41.37 -0.65
C ALA B 223 -13.70 -41.97 -0.47
N SER B 224 -14.30 -42.44 -1.55
CA SER B 224 -15.60 -43.10 -1.43
C SER B 224 -15.49 -44.31 -0.52
N ASN B 225 -14.50 -45.16 -0.76
CA ASN B 225 -14.35 -46.38 0.04
C ASN B 225 -14.13 -46.05 1.50
N LEU B 226 -13.31 -45.03 1.79
CA LEU B 226 -13.11 -44.61 3.17
C LEU B 226 -14.40 -44.13 3.80
N LEU B 227 -15.07 -43.19 3.15
CA LEU B 227 -16.24 -42.55 3.75
C LEU B 227 -17.36 -43.53 3.98
N GLN B 228 -17.49 -44.55 3.12
CA GLN B 228 -18.64 -45.44 3.25
C GLN B 228 -18.57 -46.30 4.51
N GLU B 229 -17.37 -46.58 5.03
CA GLU B 229 -17.24 -47.43 6.20
C GLU B 229 -16.24 -46.84 7.20
N SER B 230 -16.39 -45.56 7.51
CA SER B 230 -15.54 -44.92 8.51
C SER B 230 -16.36 -43.93 9.32
N ASN B 231 -15.86 -43.64 10.52
CA ASN B 231 -16.50 -42.66 11.38
C ASN B 231 -15.88 -41.29 11.15
N CYS B 232 -16.64 -40.24 11.50
CA CYS B 232 -16.23 -38.87 11.22
C CYS B 232 -14.84 -38.56 11.77
N SER B 233 -14.61 -38.86 13.04
CA SER B 233 -13.29 -38.63 13.61
C SER B 233 -12.25 -39.49 12.93
N GLN B 234 -12.61 -40.75 12.62
CA GLN B 234 -11.69 -41.64 11.93
C GLN B 234 -11.30 -41.09 10.57
N TYR B 235 -12.28 -40.63 9.79
CA TYR B 235 -12.00 -40.07 8.49
C TYR B 235 -11.15 -38.81 8.61
N MET B 236 -11.48 -37.97 9.59
CA MET B 236 -10.73 -36.74 9.80
C MET B 236 -9.27 -37.03 10.10
N GLU B 237 -9.01 -38.03 10.94
CA GLU B 237 -7.63 -38.42 11.21
C GLU B 237 -6.97 -39.01 9.98
N LYS B 238 -7.68 -39.87 9.26
CA LYS B 238 -7.09 -40.58 8.14
C LYS B 238 -6.62 -39.62 7.06
N VAL B 239 -7.41 -38.58 6.79
CA VAL B 239 -7.08 -37.73 5.65
C VAL B 239 -5.72 -37.04 5.81
N LEU B 240 -5.38 -36.60 7.02
CA LEU B 240 -4.21 -35.72 7.17
C LEU B 240 -2.92 -36.42 6.78
N GLY B 241 -2.84 -37.75 6.95
CA GLY B 241 -1.63 -38.45 6.57
C GLY B 241 -1.37 -38.47 5.08
N ARG B 242 -2.41 -38.66 4.28
CA ARG B 242 -2.22 -38.92 2.87
C ARG B 242 -1.73 -37.68 2.12
N LEU B 243 -2.20 -36.50 2.53
CA LEU B 243 -1.70 -35.28 1.92
C LEU B 243 -0.20 -35.13 2.13
N LYS B 244 0.25 -35.42 3.35
CA LYS B 244 1.69 -35.39 3.62
C LYS B 244 2.42 -36.42 2.78
N ASP B 245 1.84 -37.62 2.65
CA ASP B 245 2.44 -38.66 1.83
C ASP B 245 2.66 -38.18 0.41
N GLU B 246 1.64 -37.58 -0.20
CA GLU B 246 1.78 -37.15 -1.59
C GLU B 246 2.70 -35.96 -1.73
N GLU B 247 2.73 -35.07 -0.74
CA GLU B 247 3.66 -33.96 -0.84
C GLU B 247 5.09 -34.46 -0.72
N ILE B 248 5.29 -35.58 -0.01
CA ILE B 248 6.59 -36.23 -0.02
C ILE B 248 6.88 -36.85 -1.39
N ARG B 249 5.89 -37.55 -1.95
CA ARG B 249 6.08 -38.26 -3.21
C ARG B 249 6.45 -37.33 -4.34
N CYS B 250 5.76 -36.19 -4.47
CA CYS B 250 5.98 -35.32 -5.63
C CYS B 250 7.40 -34.77 -5.65
N ARG B 251 8.11 -34.85 -4.53
CA ARG B 251 9.45 -34.28 -4.49
C ARG B 251 10.45 -35.14 -5.26
N LYS B 252 10.06 -36.36 -5.64
CA LYS B 252 11.00 -37.23 -6.34
C LYS B 252 10.86 -37.12 -7.85
N TYR B 253 9.67 -37.43 -8.39
CA TYR B 253 9.55 -37.77 -9.79
C TYR B 253 9.08 -36.62 -10.67
N LEU B 254 9.00 -35.41 -10.15
CA LEU B 254 8.49 -34.30 -10.93
C LEU B 254 9.43 -33.11 -10.89
N HIS B 255 9.31 -32.27 -11.91
CA HIS B 255 9.96 -30.97 -11.86
C HIS B 255 9.38 -30.17 -10.70
N PRO B 256 10.20 -29.44 -9.93
CA PRO B 256 9.69 -28.84 -8.69
C PRO B 256 8.59 -27.83 -8.91
N SER B 257 8.47 -27.22 -10.09
CA SER B 257 7.55 -26.12 -10.27
C SER B 257 6.12 -26.56 -10.55
N SER B 258 5.75 -27.80 -10.22
CA SER B 258 4.38 -28.26 -10.41
C SER B 258 3.78 -28.89 -9.15
N TYR B 259 4.28 -28.53 -7.97
CA TYR B 259 3.69 -29.03 -6.73
C TYR B 259 2.30 -28.45 -6.50
N THR B 260 2.13 -27.18 -6.86
CA THR B 260 0.92 -26.44 -6.50
C THR B 260 -0.31 -27.09 -7.10
N LYS B 261 -0.30 -27.33 -8.41
CA LYS B 261 -1.50 -27.87 -9.05
C LYS B 261 -1.83 -29.26 -8.53
N VAL B 262 -0.81 -30.07 -8.26
CA VAL B 262 -1.07 -31.42 -7.76
C VAL B 262 -1.76 -31.36 -6.39
N ILE B 263 -1.19 -30.58 -5.46
CA ILE B 263 -1.80 -30.51 -4.14
C ILE B 263 -3.20 -29.91 -4.24
N HIS B 264 -3.36 -28.91 -5.09
CA HIS B 264 -4.65 -28.24 -5.22
C HIS B 264 -5.73 -29.20 -5.72
N GLU B 265 -5.39 -30.01 -6.72
CA GLU B 265 -6.37 -30.97 -7.22
C GLU B 265 -6.68 -32.03 -6.17
N CYS B 266 -5.66 -32.47 -5.42
CA CYS B 266 -5.94 -33.39 -4.33
C CYS B 266 -6.93 -32.78 -3.35
N GLN B 267 -6.75 -31.51 -3.01
CA GLN B 267 -7.68 -30.84 -2.10
C GLN B 267 -9.09 -30.86 -2.65
N GLN B 268 -9.27 -30.40 -3.89
CA GLN B 268 -10.63 -30.29 -4.41
C GLN B 268 -11.24 -31.64 -4.72
N ARG B 269 -10.46 -32.71 -4.66
CA ARG B 269 -11.11 -34.01 -4.83
C ARG B 269 -11.22 -34.81 -3.54
N MET B 270 -10.63 -34.35 -2.44
CA MET B 270 -10.68 -35.12 -1.21
C MET B 270 -11.66 -34.55 -0.19
N VAL B 271 -11.74 -33.24 -0.06
CA VAL B 271 -12.46 -32.62 1.05
C VAL B 271 -13.64 -31.79 0.57
N ALA B 272 -13.39 -30.84 -0.33
CA ALA B 272 -14.40 -29.85 -0.68
C ALA B 272 -15.70 -30.47 -1.17
N ASP B 273 -15.63 -31.68 -1.73
CA ASP B 273 -16.80 -32.35 -2.33
C ASP B 273 -17.51 -33.19 -1.25
N HIS B 274 -16.94 -33.30 -0.05
CA HIS B 274 -17.54 -34.04 1.07
C HIS B 274 -17.84 -33.07 2.23
N LEU B 275 -17.79 -31.77 1.94
CA LEU B 275 -17.85 -30.69 2.95
C LEU B 275 -19.25 -30.69 3.59
N GLN B 276 -20.26 -31.19 2.88
CA GLN B 276 -21.66 -31.26 3.40
C GLN B 276 -21.67 -32.18 4.63
N PHE B 277 -20.70 -33.09 4.74
CA PHE B 277 -20.61 -34.04 5.87
C PHE B 277 -19.87 -33.38 7.03
N LEU B 278 -18.91 -32.50 6.72
CA LEU B 278 -18.11 -31.86 7.76
C LEU B 278 -18.94 -30.85 8.55
N HIS B 279 -19.77 -30.07 7.87
CA HIS B 279 -20.61 -29.12 8.59
C HIS B 279 -21.71 -29.82 9.36
N ALA B 280 -21.95 -31.11 9.10
CA ALA B 280 -23.02 -31.81 9.81
C ALA B 280 -22.68 -32.04 11.26
N GLU B 281 -21.42 -32.36 11.56
CA GLU B 281 -21.01 -32.65 12.93
C GLU B 281 -20.31 -31.47 13.59
N CYS B 282 -20.17 -30.34 12.90
CA CYS B 282 -19.53 -29.19 13.52
C CYS B 282 -20.34 -28.69 14.71
N HIS B 283 -21.63 -28.99 14.73
CA HIS B 283 -22.47 -28.59 15.86
C HIS B 283 -22.08 -29.34 17.14
N ASN B 284 -21.98 -30.66 17.06
CA ASN B 284 -21.77 -31.44 18.28
C ASN B 284 -20.36 -31.27 18.84
N ILE B 285 -19.35 -31.32 17.96
CA ILE B 285 -17.97 -31.35 18.44
C ILE B 285 -17.68 -30.13 19.31
N ILE B 286 -18.23 -28.99 18.96
CA ILE B 286 -18.14 -27.84 19.86
C ILE B 286 -18.92 -28.11 21.14
N ARG B 287 -20.11 -28.72 21.02
CA ARG B 287 -20.99 -28.84 22.18
C ARG B 287 -20.37 -29.67 23.29
N GLN B 288 -19.73 -30.79 22.97
CA GLN B 288 -19.09 -31.59 24.01
C GLN B 288 -17.75 -31.02 24.44
N GLU B 289 -17.35 -29.86 23.90
CA GLU B 289 -16.14 -29.16 24.34
C GLU B 289 -14.89 -29.99 24.14
N LYS B 290 -14.91 -30.87 23.14
CA LYS B 290 -13.76 -31.71 22.82
C LYS B 290 -12.64 -30.85 22.26
N LYS B 291 -11.39 -31.25 22.51
CA LYS B 291 -10.26 -30.42 22.11
C LYS B 291 -9.63 -30.88 20.81
N ASN B 292 -9.38 -32.18 20.68
CA ASN B 292 -8.48 -32.67 19.63
C ASN B 292 -9.02 -32.36 18.24
N ASP B 293 -10.33 -32.55 18.03
CA ASP B 293 -10.88 -32.37 16.70
C ASP B 293 -10.79 -30.93 16.22
N MET B 294 -10.68 -29.96 17.12
CA MET B 294 -10.46 -28.58 16.69
C MET B 294 -9.23 -28.47 15.81
N ALA B 295 -8.12 -29.07 16.25
CA ALA B 295 -6.87 -28.92 15.49
C ALA B 295 -7.02 -29.48 14.09
N ASN B 296 -7.65 -30.64 13.95
CA ASN B 296 -7.81 -31.22 12.62
C ASN B 296 -8.79 -30.40 11.78
N MET B 297 -9.96 -30.07 12.32
CA MET B 297 -10.98 -29.41 11.51
C MET B 297 -10.49 -28.05 11.02
N TYR B 298 -9.76 -27.32 11.85
CA TYR B 298 -9.33 -25.98 11.44
C TYR B 298 -8.35 -26.04 10.29
N VAL B 299 -7.37 -26.94 10.35
CA VAL B 299 -6.34 -26.98 9.32
C VAL B 299 -6.94 -27.37 7.97
N LEU B 300 -7.93 -28.27 7.98
CA LEU B 300 -8.39 -28.85 6.73
C LEU B 300 -9.20 -27.85 5.92
N LEU B 301 -10.08 -27.07 6.56
CA LEU B 301 -10.98 -26.21 5.80
C LEU B 301 -10.29 -25.08 5.06
N ARG B 302 -9.23 -24.49 5.62
CA ARG B 302 -8.78 -23.19 5.13
C ARG B 302 -8.36 -23.25 3.67
N ALA B 303 -8.12 -24.45 3.14
CA ALA B 303 -7.79 -24.57 1.73
C ALA B 303 -8.94 -24.07 0.85
N VAL B 304 -10.17 -24.46 1.16
CA VAL B 304 -11.34 -24.03 0.41
C VAL B 304 -11.93 -22.81 1.12
N SER B 305 -12.41 -21.85 0.33
CA SER B 305 -12.76 -20.55 0.88
C SER B 305 -14.00 -20.60 1.77
N THR B 306 -15.01 -21.37 1.35
CA THR B 306 -16.32 -21.24 1.98
C THR B 306 -16.38 -21.98 3.32
N GLY B 307 -15.31 -22.67 3.70
CA GLY B 307 -15.36 -23.52 4.89
C GLY B 307 -15.54 -22.75 6.18
N LEU B 308 -14.80 -21.65 6.34
CA LEU B 308 -14.80 -20.95 7.62
C LEU B 308 -16.14 -20.36 8.04
N PRO B 309 -16.88 -19.62 7.19
CA PRO B 309 -17.99 -18.81 7.73
C PRO B 309 -18.96 -19.54 8.64
N HIS B 310 -19.35 -20.76 8.29
CA HIS B 310 -20.32 -21.47 9.13
C HIS B 310 -19.70 -21.85 10.47
N MET B 311 -18.41 -22.19 10.48
CA MET B 311 -17.78 -22.62 11.73
C MET B 311 -17.71 -21.49 12.74
N ILE B 312 -17.36 -20.29 12.29
CA ILE B 312 -17.34 -19.15 13.20
C ILE B 312 -18.73 -18.92 13.79
N GLN B 313 -19.75 -18.86 12.93
CA GLN B 313 -21.08 -18.52 13.41
C GLN B 313 -21.57 -19.54 14.42
N GLU B 314 -21.11 -20.79 14.31
CA GLU B 314 -21.52 -21.80 15.28
C GLU B 314 -20.82 -21.58 16.62
N LEU B 315 -19.53 -21.26 16.60
CA LEU B 315 -18.81 -21.07 17.84
C LEU B 315 -19.40 -19.94 18.65
N GLN B 316 -19.68 -18.81 17.99
CA GLN B 316 -20.19 -17.64 18.69
C GLN B 316 -21.47 -17.96 19.45
N ASN B 317 -22.39 -18.69 18.81
CA ASN B 317 -23.67 -18.98 19.45
C ASN B 317 -23.48 -19.83 20.70
N HIS B 318 -22.33 -20.49 20.82
CA HIS B 318 -22.09 -21.30 22.02
C HIS B 318 -21.78 -20.41 23.22
N ILE B 319 -21.03 -19.33 23.00
CA ILE B 319 -20.71 -18.43 24.11
C ILE B 319 -21.97 -17.78 24.65
N HIS B 320 -22.87 -17.37 23.76
CA HIS B 320 -24.02 -16.57 24.17
C HIS B 320 -24.85 -17.29 25.24
N ASP B 321 -24.92 -18.61 25.18
CA ASP B 321 -25.59 -19.35 26.24
C ASP B 321 -24.79 -19.32 27.53
N GLU B 322 -23.49 -19.62 27.45
CA GLU B 322 -22.69 -19.67 28.68
C GLU B 322 -22.55 -18.30 29.31
N GLY B 323 -22.75 -17.23 28.55
CA GLY B 323 -22.66 -15.91 29.12
C GLY B 323 -23.74 -15.65 30.15
N LEU B 324 -25.00 -15.91 29.78
CA LEU B 324 -26.10 -15.58 30.68
C LEU B 324 -26.20 -16.57 31.83
N ARG B 325 -26.00 -17.86 31.56
CA ARG B 325 -26.22 -18.85 32.60
C ARG B 325 -25.21 -18.68 33.74
N ALA B 326 -24.06 -18.08 33.47
CA ALA B 326 -23.10 -17.81 34.52
C ALA B 326 -23.59 -16.71 35.46
N THR B 327 -24.66 -16.01 35.10
CA THR B 327 -25.24 -14.98 35.95
C THR B 327 -26.75 -15.13 36.09
N SER B 328 -27.23 -16.37 36.28
CA SER B 328 -28.66 -16.60 36.37
C SER B 328 -29.25 -15.88 37.58
N ASN B 329 -28.67 -16.10 38.75
CA ASN B 329 -29.11 -15.46 39.98
C ASN B 329 -27.94 -14.76 40.63
N LEU B 330 -28.24 -13.72 41.41
CA LEU B 330 -27.21 -12.93 42.07
C LEU B 330 -27.53 -12.80 43.55
N THR B 331 -26.47 -12.79 44.37
CA THR B 331 -26.63 -12.59 45.80
C THR B 331 -26.98 -11.13 46.07
N GLN B 332 -28.07 -10.92 46.82
CA GLN B 332 -28.45 -9.57 47.20
C GLN B 332 -27.34 -8.90 48.00
N GLU B 333 -26.63 -9.66 48.83
CA GLU B 333 -25.56 -9.09 49.64
C GLU B 333 -24.40 -8.63 48.78
N ASN B 334 -24.19 -9.28 47.62
CA ASN B 334 -23.01 -9.02 46.80
C ASN B 334 -23.35 -8.82 45.33
N MET B 335 -24.39 -8.03 45.04
CA MET B 335 -24.63 -7.62 43.66
C MET B 335 -23.40 -7.00 42.99
N PRO B 336 -22.66 -6.10 43.62
CA PRO B 336 -21.46 -5.59 42.93
C PRO B 336 -20.29 -6.57 42.93
N THR B 337 -20.23 -7.47 43.92
CA THR B 337 -19.09 -8.37 44.01
C THR B 337 -19.26 -9.58 43.11
N LEU B 338 -20.38 -10.28 43.24
CA LEU B 338 -20.60 -11.54 42.54
C LEU B 338 -20.59 -11.34 41.03
N PHE B 339 -21.21 -10.25 40.57
CA PHE B 339 -21.36 -10.03 39.14
C PHE B 339 -20.01 -9.93 38.44
N VAL B 340 -19.22 -8.91 38.79
CA VAL B 340 -17.98 -8.66 38.07
C VAL B 340 -17.05 -9.86 38.15
N GLU B 341 -17.18 -10.64 39.22
CA GLU B 341 -16.29 -11.79 39.36
C GLU B 341 -16.61 -12.88 38.33
N SER B 342 -17.89 -13.06 38.01
CA SER B 342 -18.26 -14.13 37.10
C SER B 342 -17.89 -13.79 35.66
N VAL B 343 -18.37 -12.65 35.16
CA VAL B 343 -18.15 -12.31 33.76
C VAL B 343 -16.68 -12.13 33.45
N LEU B 344 -15.89 -11.75 34.46
CA LEU B 344 -14.47 -11.51 34.20
C LEU B 344 -13.76 -12.78 33.75
N GLU B 345 -14.07 -13.93 34.39
CA GLU B 345 -13.31 -15.14 34.11
C GLU B 345 -13.70 -15.78 32.78
N VAL B 346 -14.98 -15.68 32.39
CA VAL B 346 -15.41 -16.29 31.13
C VAL B 346 -14.65 -15.70 29.97
N HIS B 347 -14.48 -14.37 29.97
CA HIS B 347 -13.63 -13.75 28.96
C HIS B 347 -12.19 -14.21 29.09
N GLY B 348 -11.78 -14.59 30.30
CA GLY B 348 -10.42 -15.05 30.49
C GLY B 348 -10.17 -16.40 29.85
N LYS B 349 -11.01 -17.39 30.16
CA LYS B 349 -10.73 -18.76 29.74
C LYS B 349 -10.76 -18.92 28.22
N PHE B 350 -11.71 -18.27 27.56
CA PHE B 350 -11.82 -18.43 26.12
C PHE B 350 -10.67 -17.76 25.39
N VAL B 351 -9.91 -16.90 26.07
CA VAL B 351 -8.73 -16.32 25.44
C VAL B 351 -7.64 -17.37 25.29
N GLN B 352 -7.43 -18.19 26.33
CA GLN B 352 -6.39 -19.21 26.27
C GLN B 352 -6.68 -20.22 25.17
N LEU B 353 -7.95 -20.58 24.99
CA LEU B 353 -8.30 -21.58 23.98
C LEU B 353 -7.90 -21.14 22.59
N ILE B 354 -8.13 -19.87 22.25
CA ILE B 354 -7.84 -19.39 20.91
C ILE B 354 -6.34 -19.43 20.63
N ASN B 355 -5.53 -19.01 21.60
CA ASN B 355 -4.08 -19.08 21.41
C ASN B 355 -3.56 -20.51 21.49
N THR B 356 -4.27 -21.38 22.20
CA THR B 356 -3.80 -22.75 22.35
C THR B 356 -3.90 -23.52 21.04
N VAL B 357 -5.03 -23.43 20.36
CA VAL B 357 -5.36 -24.31 19.25
C VAL B 357 -5.45 -23.54 17.93
N LEU B 358 -6.34 -22.55 17.85
CA LEU B 358 -6.64 -21.92 16.58
C LEU B 358 -5.63 -20.87 16.15
N ASN B 359 -4.45 -20.85 16.76
CA ASN B 359 -3.35 -19.98 16.31
C ASN B 359 -3.71 -18.50 16.40
N GLY B 360 -4.69 -18.18 17.24
CA GLY B 360 -5.03 -16.79 17.47
C GLY B 360 -5.45 -16.03 16.23
N ASP B 361 -6.33 -16.61 15.42
CA ASP B 361 -6.86 -15.91 14.27
C ASP B 361 -7.55 -14.63 14.69
N GLN B 362 -7.34 -13.57 13.90
CA GLN B 362 -7.92 -12.27 14.24
C GLN B 362 -9.45 -12.32 14.19
N HIS B 363 -10.00 -13.15 13.31
CA HIS B 363 -11.46 -13.20 13.17
C HIS B 363 -12.13 -13.66 14.46
N PHE B 364 -11.58 -14.69 15.11
CA PHE B 364 -12.24 -15.25 16.28
C PHE B 364 -12.32 -14.24 17.41
N MET B 365 -11.25 -13.48 17.65
CA MET B 365 -11.28 -12.48 18.71
C MET B 365 -12.35 -11.44 18.46
N SER B 366 -12.72 -11.24 17.19
CA SER B 366 -13.85 -10.36 16.89
C SER B 366 -15.16 -11.01 17.33
N ALA B 367 -15.25 -12.33 17.26
CA ALA B 367 -16.50 -13.00 17.62
C ALA B 367 -16.79 -12.86 19.11
N LEU B 368 -15.75 -12.89 19.95
CA LEU B 368 -15.98 -12.80 21.39
C LEU B 368 -16.59 -11.47 21.78
N ASP B 369 -16.12 -10.38 21.18
CA ASP B 369 -16.59 -9.06 21.58
C ASP B 369 -18.09 -8.90 21.33
N LYS B 370 -18.56 -9.29 20.16
CA LYS B 370 -20.00 -9.27 19.94
C LYS B 370 -20.70 -10.33 20.76
N ALA B 371 -19.96 -11.34 21.23
CA ALA B 371 -20.59 -12.38 22.03
C ALA B 371 -21.05 -11.81 23.37
N LEU B 372 -20.17 -11.11 24.07
CA LEU B 372 -20.50 -10.66 25.42
C LEU B 372 -21.38 -9.41 25.42
N THR B 373 -21.41 -8.66 24.32
CA THR B 373 -22.20 -7.43 24.31
C THR B 373 -23.68 -7.75 24.44
N SER B 374 -24.07 -9.01 24.23
CA SER B 374 -25.43 -9.42 24.54
C SER B 374 -25.56 -9.84 25.98
N VAL B 375 -24.43 -10.05 26.67
CA VAL B 375 -24.49 -10.49 28.06
C VAL B 375 -24.61 -9.29 28.99
N VAL B 376 -23.59 -8.42 28.99
CA VAL B 376 -23.50 -7.39 30.02
C VAL B 376 -24.37 -6.20 29.69
N ASN B 377 -24.45 -5.82 28.41
CA ASN B 377 -25.12 -4.57 28.07
C ASN B 377 -26.62 -4.65 28.33
N TYR B 378 -27.16 -5.85 28.53
CA TYR B 378 -28.57 -6.02 28.82
C TYR B 378 -28.84 -7.39 29.42
N ARG B 379 -29.81 -7.44 30.33
CA ARG B 379 -30.44 -8.69 30.74
C ARG B 379 -31.95 -8.49 30.70
N GLU B 380 -32.67 -9.56 30.39
CA GLU B 380 -34.12 -9.46 30.24
C GLU B 380 -34.85 -9.00 31.50
N PRO B 381 -34.64 -9.58 32.69
CA PRO B 381 -35.42 -9.17 33.86
C PRO B 381 -34.95 -7.83 34.41
N LYS B 382 -35.56 -7.45 35.53
CA LYS B 382 -35.25 -6.20 36.24
C LYS B 382 -35.37 -4.99 35.33
N SER B 383 -36.38 -5.02 34.45
CA SER B 383 -36.68 -3.94 33.51
C SER B 383 -35.43 -3.70 32.67
N VAL B 384 -35.01 -2.45 32.47
CA VAL B 384 -33.82 -2.14 31.70
C VAL B 384 -33.01 -1.10 32.47
N CYS B 385 -31.73 -0.97 32.11
CA CYS B 385 -30.76 -0.03 32.64
C CYS B 385 -30.29 -0.40 34.05
N LYS B 386 -30.79 -1.50 34.63
CA LYS B 386 -30.29 -1.90 35.95
C LYS B 386 -28.85 -2.35 35.87
N ALA B 387 -28.42 -2.87 34.73
CA ALA B 387 -27.07 -3.39 34.62
C ALA B 387 -26.00 -2.30 34.70
N PRO B 388 -26.05 -1.26 33.86
CA PRO B 388 -24.91 -0.32 33.83
C PRO B 388 -24.72 0.51 35.09
N GLU B 389 -25.73 0.60 35.95
CA GLU B 389 -25.61 1.50 37.10
C GLU B 389 -24.73 0.90 38.19
N LEU B 390 -24.82 -0.41 38.40
CA LEU B 390 -24.23 -0.95 39.62
C LEU B 390 -22.72 -1.07 39.56
N LEU B 391 -22.11 -0.83 38.41
CA LEU B 391 -20.65 -0.86 38.34
C LEU B 391 -20.03 0.15 39.28
N ALA B 392 -20.78 1.19 39.63
CA ALA B 392 -20.28 2.18 40.58
C ALA B 392 -20.11 1.57 41.98
N LYS B 393 -21.13 0.86 42.45
CA LYS B 393 -21.10 0.35 43.82
C LYS B 393 -19.91 -0.56 44.03
N TYR B 394 -19.52 -1.33 43.01
CA TYR B 394 -18.31 -2.13 43.11
C TYR B 394 -17.08 -1.23 43.22
N CYS B 395 -17.08 -0.09 42.52
CA CYS B 395 -15.99 0.83 42.68
C CYS B 395 -16.12 1.67 43.94
N ASP B 396 -17.30 1.66 44.57
CA ASP B 396 -17.46 2.43 45.80
C ASP B 396 -16.82 1.72 46.99
N ASN B 397 -17.30 0.53 47.31
CA ASN B 397 -16.82 -0.18 48.49
C ASN B 397 -15.35 -0.55 48.35
N LEU B 398 -14.91 -0.88 47.13
CA LEU B 398 -13.50 -1.13 46.91
C LEU B 398 -12.67 0.10 47.26
N LEU B 399 -13.28 1.27 47.27
CA LEU B 399 -12.61 2.49 47.70
C LEU B 399 -13.13 3.03 49.02
N LYS B 400 -14.08 2.35 49.66
CA LYS B 400 -14.53 2.73 50.99
C LYS B 400 -13.55 2.21 52.02
N LYS B 401 -13.51 2.88 53.18
CA LYS B 401 -12.61 2.46 54.24
C LYS B 401 -12.95 1.04 54.67
N SER B 402 -12.08 0.11 54.29
CA SER B 402 -12.31 -1.32 54.52
C SER B 402 -11.31 -1.82 55.55
N ALA B 403 -11.82 -2.41 56.63
CA ALA B 403 -10.96 -3.08 57.59
C ALA B 403 -10.25 -4.25 56.91
N LYS B 404 -8.99 -4.46 57.28
CA LYS B 404 -8.12 -5.40 56.58
C LYS B 404 -8.08 -5.06 55.08
N GLY B 405 -7.99 -3.77 54.81
CA GLY B 405 -8.02 -3.32 53.43
C GLY B 405 -6.89 -3.91 52.61
N MET B 406 -7.20 -4.25 51.37
CA MET B 406 -6.20 -4.84 50.48
C MET B 406 -5.05 -3.86 50.26
N THR B 407 -3.85 -4.42 50.11
CA THR B 407 -2.66 -3.59 49.99
C THR B 407 -2.72 -2.77 48.72
N GLU B 408 -1.95 -1.67 48.70
CA GLU B 408 -2.01 -0.72 47.59
C GLU B 408 -1.69 -1.38 46.25
N ASN B 409 -0.88 -2.45 46.26
CA ASN B 409 -0.53 -3.10 45.01
C ASN B 409 -1.69 -3.88 44.43
N GLU B 410 -2.39 -4.64 45.27
CA GLU B 410 -3.41 -5.56 44.75
C GLU B 410 -4.68 -4.81 44.34
N VAL B 411 -5.04 -3.75 45.07
CA VAL B 411 -6.14 -2.91 44.61
C VAL B 411 -5.77 -2.26 43.29
N GLU B 412 -4.53 -1.79 43.17
CA GLU B 412 -4.06 -1.13 41.93
C GLU B 412 -4.38 -2.04 40.75
N ASP B 413 -3.96 -3.31 40.80
CA ASP B 413 -4.22 -4.30 39.72
C ASP B 413 -5.73 -4.50 39.59
N ARG B 414 -6.46 -4.42 40.70
CA ARG B 414 -7.94 -4.60 40.70
C ARG B 414 -8.55 -3.56 39.76
N LEU B 415 -8.08 -2.31 39.81
CA LEU B 415 -8.58 -1.21 38.94
C LEU B 415 -8.15 -1.46 37.49
N THR B 416 -7.01 -2.12 37.27
CA THR B 416 -6.51 -2.43 35.90
C THR B 416 -7.43 -3.48 35.28
N SER B 417 -7.89 -4.46 36.06
CA SER B 417 -8.81 -5.53 35.58
C SER B 417 -10.20 -4.96 35.36
N PHE B 418 -10.58 -3.92 36.11
CA PHE B 418 -11.88 -3.28 36.01
C PHE B 418 -12.12 -2.68 34.64
N ILE B 419 -11.06 -2.26 33.95
CA ILE B 419 -11.25 -1.58 32.67
C ILE B 419 -11.87 -2.52 31.64
N THR B 420 -11.52 -3.80 31.70
CA THR B 420 -11.98 -4.73 30.66
C THR B 420 -13.50 -4.82 30.63
N VAL B 421 -14.14 -4.88 31.80
CA VAL B 421 -15.60 -4.90 31.81
C VAL B 421 -16.15 -3.57 31.32
N PHE B 422 -15.43 -2.48 31.53
CA PHE B 422 -15.95 -1.15 31.21
C PHE B 422 -16.23 -1.00 29.73
N LYS B 423 -15.36 -1.52 28.86
CA LYS B 423 -15.47 -1.23 27.44
C LYS B 423 -16.77 -1.71 26.83
N TYR B 424 -17.47 -2.62 27.50
CA TYR B 424 -18.64 -3.21 26.88
C TYR B 424 -19.92 -2.44 27.13
N ILE B 425 -20.02 -1.70 28.23
CA ILE B 425 -21.23 -0.97 28.56
C ILE B 425 -21.44 0.07 27.48
N ASP B 426 -22.68 0.21 27.01
CA ASP B 426 -22.91 1.09 25.87
C ASP B 426 -23.01 2.56 26.28
N ASP B 427 -24.02 2.90 27.08
CA ASP B 427 -24.32 4.28 27.40
C ASP B 427 -23.58 4.70 28.66
N LYS B 428 -22.33 5.11 28.51
CA LYS B 428 -21.51 5.50 29.65
C LYS B 428 -21.99 6.77 30.30
N ASP B 429 -22.91 7.49 29.67
CA ASP B 429 -23.29 8.81 30.18
C ASP B 429 -23.92 8.70 31.57
N VAL B 430 -24.82 7.73 31.76
CA VAL B 430 -25.42 7.56 33.08
C VAL B 430 -24.36 7.22 34.12
N PHE B 431 -23.29 6.55 33.70
CA PHE B 431 -22.25 6.15 34.65
C PHE B 431 -21.63 7.37 35.32
N GLN B 432 -21.37 8.43 34.56
CA GLN B 432 -20.76 9.61 35.13
C GLN B 432 -21.62 10.19 36.24
N LYS B 433 -22.92 10.29 36.00
CA LYS B 433 -23.80 10.92 36.98
C LYS B 433 -23.83 10.13 38.28
N PHE B 434 -23.86 8.79 38.18
CA PHE B 434 -23.87 7.99 39.39
C PHE B 434 -22.54 8.05 40.12
N TYR B 435 -21.44 8.23 39.38
CA TYR B 435 -20.14 8.28 40.02
C TYR B 435 -19.93 9.61 40.74
N ALA B 436 -20.41 10.70 40.14
CA ALA B 436 -20.20 12.01 40.75
C ALA B 436 -20.89 12.12 42.09
N ARG B 437 -22.11 11.59 42.20
CA ARG B 437 -22.85 11.66 43.44
C ARG B 437 -22.09 11.00 44.58
N MET B 438 -21.40 9.89 44.27
CA MET B 438 -20.62 9.21 45.30
C MET B 438 -19.52 10.12 45.82
N LEU B 439 -18.72 10.71 44.93
CA LEU B 439 -17.58 11.51 45.37
C LEU B 439 -18.02 12.62 46.30
N ALA B 440 -19.25 13.08 46.16
CA ALA B 440 -19.77 14.05 47.12
C ALA B 440 -19.80 13.47 48.52
N LYS B 441 -20.61 12.43 48.73
CA LYS B 441 -20.92 12.01 50.09
C LYS B 441 -19.78 11.26 50.75
N ARG B 442 -18.88 10.67 49.95
CA ARG B 442 -17.76 9.99 50.58
C ARG B 442 -16.89 10.97 51.34
N LEU B 443 -16.25 11.89 50.63
CA LEU B 443 -15.12 12.60 51.21
C LEU B 443 -15.56 13.67 52.20
N ILE B 444 -16.73 14.29 52.01
CA ILE B 444 -17.13 15.33 52.95
C ILE B 444 -17.50 14.74 54.30
N HIS B 445 -18.30 13.67 54.29
CA HIS B 445 -18.69 13.05 55.56
C HIS B 445 -17.49 12.37 56.21
N GLY B 446 -16.74 11.60 55.44
CA GLY B 446 -15.58 10.90 55.98
C GLY B 446 -14.69 10.27 54.93
N LEU B 447 -13.40 10.54 55.04
CA LEU B 447 -12.44 10.04 54.06
C LEU B 447 -12.48 8.52 54.02
N SER B 448 -12.19 7.94 52.86
CA SER B 448 -12.33 6.51 52.67
C SER B 448 -11.02 5.80 52.30
N MET B 449 -10.23 6.47 51.47
CA MET B 449 -8.91 5.92 51.05
C MET B 449 -7.93 7.08 50.83
N SER B 450 -6.64 6.77 50.71
CA SER B 450 -5.61 7.78 50.52
C SER B 450 -5.87 8.59 49.26
N MET B 451 -5.34 9.80 49.25
CA MET B 451 -5.61 10.73 48.16
C MET B 451 -5.09 10.21 46.83
N ASP B 452 -3.89 9.61 46.83
CA ASP B 452 -3.31 9.14 45.59
C ASP B 452 -4.16 8.04 44.94
N SER B 453 -4.69 7.12 45.75
CA SER B 453 -5.52 6.06 45.20
C SER B 453 -6.75 6.60 44.50
N GLU B 454 -7.40 7.60 45.11
CA GLU B 454 -8.54 8.23 44.48
C GLU B 454 -8.13 8.96 43.21
N GLU B 455 -6.91 9.49 43.18
CA GLU B 455 -6.40 10.06 41.95
C GLU B 455 -6.17 9.01 40.88
N ALA B 456 -5.79 7.80 41.30
CA ALA B 456 -5.45 6.75 40.34
C ALA B 456 -6.63 6.39 39.46
N MET B 457 -7.83 6.29 40.04
CA MET B 457 -9.01 5.98 39.25
C MET B 457 -9.26 7.04 38.19
N ILE B 458 -9.09 8.31 38.56
CA ILE B 458 -9.27 9.39 37.60
C ILE B 458 -8.25 9.29 36.47
N ASN B 459 -7.04 8.86 36.80
CA ASN B 459 -6.00 8.77 35.77
C ASN B 459 -6.40 7.79 34.67
N LYS B 460 -6.93 6.63 35.06
CA LYS B 460 -7.32 5.63 34.07
C LYS B 460 -8.44 6.16 33.18
N LEU B 461 -9.49 6.72 33.80
CA LEU B 461 -10.63 7.21 33.03
C LEU B 461 -10.20 8.25 32.02
N LYS B 462 -9.33 9.18 32.43
CA LYS B 462 -8.87 10.21 31.49
C LYS B 462 -8.28 9.57 30.25
N GLN B 463 -7.43 8.56 30.42
CA GLN B 463 -6.85 7.89 29.26
C GLN B 463 -7.83 6.89 28.65
N ALA B 464 -8.87 6.53 29.40
CA ALA B 464 -9.70 5.40 28.99
C ALA B 464 -10.52 5.73 27.75
N CYS B 465 -11.41 6.71 27.86
CA CYS B 465 -12.31 7.00 26.75
C CYS B 465 -12.74 8.45 26.86
N GLY B 466 -13.01 9.05 25.71
CA GLY B 466 -13.46 10.43 25.65
C GLY B 466 -12.60 11.37 26.47
N TYR B 467 -11.37 11.61 26.03
CA TYR B 467 -10.53 12.52 26.77
C TYR B 467 -11.22 13.88 26.91
N GLU B 468 -11.41 14.28 28.16
CA GLU B 468 -12.07 15.49 28.63
C GLU B 468 -13.60 15.44 28.63
N PHE B 469 -14.25 14.27 28.68
CA PHE B 469 -15.63 14.32 29.16
C PHE B 469 -15.63 14.21 30.68
N THR B 470 -14.46 13.86 31.25
CA THR B 470 -14.24 13.95 32.68
C THR B 470 -13.72 15.33 33.07
N SER B 471 -14.01 16.35 32.27
CA SER B 471 -13.65 17.72 32.63
C SER B 471 -14.33 18.09 33.93
N LYS B 472 -15.61 17.74 34.06
CA LYS B 472 -16.26 17.82 35.35
C LYS B 472 -15.52 16.93 36.33
N LEU B 473 -15.52 17.30 37.60
CA LEU B 473 -14.97 16.54 38.72
C LEU B 473 -13.45 16.56 38.75
N HIS B 474 -12.78 17.06 37.71
CA HIS B 474 -11.32 16.94 37.69
C HIS B 474 -10.70 17.85 38.73
N ARG B 475 -11.22 19.06 38.88
CA ARG B 475 -10.64 20.01 39.81
C ARG B 475 -11.01 19.69 41.26
N MET B 476 -12.05 18.87 41.45
CA MET B 476 -12.55 18.62 42.80
C MET B 476 -11.45 18.17 43.73
N TYR B 477 -10.60 17.25 43.27
CA TYR B 477 -9.48 16.79 44.08
C TYR B 477 -8.57 17.94 44.45
N THR B 478 -8.25 18.80 43.48
CA THR B 478 -7.48 20.00 43.79
C THR B 478 -8.26 20.94 44.70
N ASP B 479 -9.58 21.00 44.50
CA ASP B 479 -10.39 21.96 45.24
C ASP B 479 -10.31 21.75 46.74
N MET B 480 -10.42 20.50 47.18
CA MET B 480 -10.24 20.24 48.61
C MET B 480 -8.78 20.35 49.01
N SER B 481 -7.85 20.13 48.09
CA SER B 481 -6.44 20.23 48.45
C SER B 481 -6.09 21.65 48.90
N VAL B 482 -6.57 22.66 48.19
CA VAL B 482 -6.21 24.04 48.52
C VAL B 482 -7.03 24.55 49.68
N SER B 483 -7.98 23.76 50.17
CA SER B 483 -8.91 24.24 51.19
C SER B 483 -8.17 24.73 52.43
N ALA B 484 -7.50 23.81 53.14
CA ALA B 484 -6.83 24.19 54.37
C ALA B 484 -5.66 25.13 54.11
N ASP B 485 -5.09 25.08 52.90
CA ASP B 485 -3.89 25.86 52.61
C ASP B 485 -4.16 27.35 52.74
N LEU B 486 -5.20 27.85 52.07
CA LEU B 486 -5.55 29.25 52.23
C LEU B 486 -6.20 29.49 53.58
N ASN B 487 -6.83 28.46 54.16
CA ASN B 487 -7.39 28.60 55.50
C ASN B 487 -6.32 29.02 56.49
N ASN B 488 -5.08 28.59 56.26
CA ASN B 488 -3.96 29.11 57.04
C ASN B 488 -3.80 30.61 56.82
N LYS B 489 -3.91 31.06 55.56
CA LYS B 489 -3.81 32.49 55.29
C LYS B 489 -4.94 33.25 55.98
N PHE B 490 -6.11 32.61 56.13
CA PHE B 490 -7.16 33.18 56.95
C PHE B 490 -6.72 33.26 58.41
N ASN B 491 -5.98 32.25 58.87
CA ASN B 491 -5.49 32.26 60.24
C ASN B 491 -4.52 33.41 60.48
N ASN B 492 -3.76 33.79 59.46
CA ASN B 492 -2.82 34.90 59.61
C ASN B 492 -3.55 36.20 59.95
N PHE B 493 -4.64 36.48 59.23
CA PHE B 493 -5.47 37.62 59.59
C PHE B 493 -6.09 37.44 60.98
N ILE B 494 -6.42 36.19 61.33
CA ILE B 494 -6.98 35.93 62.66
C ILE B 494 -5.96 36.23 63.75
N LYS B 495 -4.66 36.06 63.44
CA LYS B 495 -3.63 36.38 64.41
C LYS B 495 -3.66 37.85 64.80
N ASN B 496 -3.81 38.73 63.81
CA ASN B 496 -3.81 40.17 64.08
C ASN B 496 -4.99 40.58 64.95
N GLN B 497 -6.16 40.01 64.68
CA GLN B 497 -7.35 40.33 65.46
C GLN B 497 -7.61 39.25 66.51
N ASP B 502 -16.38 32.80 71.42
CA ASP B 502 -16.05 31.71 70.50
C ASP B 502 -16.09 30.35 71.18
N LEU B 503 -16.59 29.36 70.46
CA LEU B 503 -16.63 27.98 70.92
C LEU B 503 -15.76 27.05 70.07
N GLY B 504 -14.65 27.56 69.56
CA GLY B 504 -13.70 26.74 68.83
C GLY B 504 -14.20 26.19 67.52
N ILE B 505 -14.86 27.02 66.72
CA ILE B 505 -15.49 26.59 65.47
C ILE B 505 -14.82 27.31 64.31
N SER B 506 -14.35 26.54 63.33
CA SER B 506 -13.79 27.08 62.10
C SER B 506 -14.55 26.47 60.93
N PHE B 507 -14.77 27.27 59.91
CA PHE B 507 -15.60 26.84 58.78
C PHE B 507 -14.75 26.29 57.64
N GLN B 508 -15.30 25.31 56.93
CA GLN B 508 -14.67 24.86 55.71
C GLN B 508 -14.84 25.95 54.65
N ILE B 509 -13.92 25.94 53.67
CA ILE B 509 -13.80 27.08 52.76
C ILE B 509 -14.81 27.02 51.61
N TYR B 510 -15.38 25.84 51.32
CA TYR B 510 -16.48 25.66 50.37
C TYR B 510 -16.25 26.37 49.04
N VAL B 511 -15.00 26.65 48.72
CA VAL B 511 -14.68 27.33 47.48
C VAL B 511 -14.61 26.29 46.38
N LEU B 512 -15.64 26.23 45.55
CA LEU B 512 -15.69 25.23 44.49
C LEU B 512 -16.76 25.63 43.48
N GLN B 513 -16.50 25.25 42.24
CA GLN B 513 -17.20 25.82 41.09
C GLN B 513 -18.69 25.53 41.11
N ALA B 514 -19.47 26.50 40.65
CA ALA B 514 -20.89 26.26 40.41
C ALA B 514 -21.07 25.38 39.18
N GLY B 515 -22.27 24.85 39.01
CA GLY B 515 -22.53 23.91 37.95
C GLY B 515 -21.82 22.57 38.10
N ALA B 516 -20.91 22.46 39.07
CA ALA B 516 -20.26 21.21 39.41
C ALA B 516 -20.59 20.92 40.86
N TRP B 517 -20.29 19.70 41.31
CA TRP B 517 -20.42 19.32 42.71
C TRP B 517 -21.88 19.51 43.13
N PRO B 518 -22.79 18.70 42.60
CA PRO B 518 -24.21 19.05 42.67
C PRO B 518 -24.81 18.84 44.04
N LEU B 519 -25.08 19.94 44.75
CA LEU B 519 -25.88 19.86 45.95
C LEU B 519 -27.28 20.41 45.72
N THR B 520 -27.37 21.55 45.03
CA THR B 520 -28.65 22.18 44.71
C THR B 520 -29.47 22.41 45.97
N GLN B 521 -30.76 22.08 45.92
CA GLN B 521 -31.64 22.12 47.09
C GLN B 521 -31.75 23.53 47.66
N ALA B 522 -32.08 24.48 46.79
CA ALA B 522 -32.22 25.87 47.23
C ALA B 522 -33.62 26.11 47.76
N PRO B 523 -33.79 26.39 49.06
CA PRO B 523 -35.13 26.67 49.60
C PRO B 523 -35.44 28.16 49.62
N SER B 524 -36.73 28.51 49.60
CA SER B 524 -37.12 29.91 49.65
C SER B 524 -36.98 30.47 51.06
N SER B 525 -37.34 29.68 52.07
CA SER B 525 -37.39 30.19 53.44
C SER B 525 -36.01 30.60 53.94
N THR B 526 -34.99 29.79 53.65
CA THR B 526 -33.60 30.06 53.99
C THR B 526 -33.36 30.19 55.49
N PHE B 527 -34.37 29.94 56.31
CA PHE B 527 -34.21 29.78 57.77
C PHE B 527 -33.67 31.04 58.45
N ALA B 528 -33.54 32.15 57.71
CA ALA B 528 -32.96 33.40 58.22
C ALA B 528 -31.53 33.11 58.65
N ILE B 529 -31.12 33.45 59.86
CA ILE B 529 -29.71 33.39 60.26
C ILE B 529 -29.62 32.73 61.61
N PRO B 530 -28.44 32.20 61.97
CA PRO B 530 -28.22 31.72 63.33
C PRO B 530 -28.32 32.87 64.33
N GLN B 531 -28.74 32.54 65.56
CA GLN B 531 -28.99 33.58 66.56
C GLN B 531 -27.83 33.69 67.55
N GLU B 532 -27.20 32.57 67.89
CA GLU B 532 -26.26 32.55 68.99
C GLU B 532 -25.02 33.39 68.70
N LEU B 533 -24.57 33.39 67.44
CA LEU B 533 -23.33 34.06 67.09
C LEU B 533 -23.39 34.52 65.65
N GLU B 534 -22.78 35.67 65.39
CA GLU B 534 -22.67 36.22 64.06
C GLU B 534 -21.25 36.69 63.75
N LYS B 535 -20.37 36.71 64.74
CA LYS B 535 -18.98 37.14 64.55
C LYS B 535 -18.31 36.34 63.45
N SER B 536 -18.72 35.09 63.29
CA SER B 536 -18.12 34.22 62.29
C SER B 536 -18.28 34.78 60.89
N VAL B 537 -19.48 35.27 60.56
CA VAL B 537 -19.78 35.62 59.18
C VAL B 537 -18.89 36.74 58.70
N GLN B 538 -18.81 37.82 59.47
CA GLN B 538 -18.06 39.00 59.04
C GLN B 538 -16.57 38.67 58.88
N MET B 539 -16.07 37.76 59.73
CA MET B 539 -14.65 37.46 59.69
C MET B 539 -14.24 36.88 58.34
N PHE B 540 -15.06 36.01 57.77
CA PHE B 540 -14.76 35.47 56.45
C PHE B 540 -14.76 36.56 55.40
N GLU B 541 -15.81 37.38 55.38
CA GLU B 541 -15.96 38.37 54.32
C GLU B 541 -14.79 39.34 54.28
N LEU B 542 -14.37 39.84 55.44
CA LEU B 542 -13.25 40.78 55.48
C LEU B 542 -11.99 40.15 54.91
N PHE B 543 -11.67 38.92 55.35
CA PHE B 543 -10.56 38.20 54.76
C PHE B 543 -10.82 37.90 53.29
N TYR B 544 -12.04 37.49 52.96
CA TYR B 544 -12.32 37.06 51.61
C TYR B 544 -12.32 38.25 50.65
N SER B 545 -12.88 39.38 51.07
CA SER B 545 -13.05 40.52 50.17
C SER B 545 -11.71 41.05 49.68
N GLN B 546 -10.75 41.22 50.59
CA GLN B 546 -9.45 41.73 50.17
C GLN B 546 -8.75 40.73 49.26
N HIS B 547 -8.87 39.44 49.54
CA HIS B 547 -8.19 38.44 48.73
C HIS B 547 -8.99 38.12 47.47
N PHE B 548 -10.31 38.10 47.57
CA PHE B 548 -11.19 37.80 46.45
C PHE B 548 -12.08 39.00 46.17
N SER B 549 -11.99 39.54 44.96
CA SER B 549 -12.81 40.65 44.53
C SER B 549 -13.26 40.44 43.10
N GLY B 550 -14.38 41.09 42.75
CA GLY B 550 -14.98 40.94 41.44
C GLY B 550 -15.85 39.71 41.28
N ARG B 551 -16.02 38.92 42.32
CA ARG B 551 -16.80 37.68 42.26
C ARG B 551 -17.85 37.69 43.36
N LYS B 552 -18.84 36.82 43.21
CA LYS B 552 -20.03 36.87 44.06
C LYS B 552 -19.76 36.34 45.47
N LEU B 553 -20.84 36.24 46.23
CA LEU B 553 -20.84 35.63 47.56
C LEU B 553 -22.02 34.67 47.62
N THR B 554 -21.77 33.43 48.08
CA THR B 554 -22.80 32.41 48.01
C THR B 554 -23.45 32.13 49.36
N TRP B 555 -22.67 31.67 50.34
CA TRP B 555 -23.12 31.47 51.71
C TRP B 555 -24.36 30.58 51.79
N LEU B 556 -24.20 29.32 51.40
CA LEU B 556 -25.26 28.32 51.56
C LEU B 556 -25.21 27.78 52.98
N HIS B 557 -25.67 28.62 53.91
CA HIS B 557 -25.47 28.33 55.33
C HIS B 557 -26.32 27.14 55.79
N TYR B 558 -27.25 26.68 54.96
CA TYR B 558 -28.12 25.60 55.36
C TYR B 558 -27.56 24.25 54.93
N LEU B 559 -28.14 23.19 55.50
CA LEU B 559 -27.69 21.82 55.26
C LEU B 559 -26.21 21.65 55.54
N CYS B 560 -25.74 22.41 56.53
CA CYS B 560 -24.33 22.46 56.89
C CYS B 560 -24.12 21.68 58.16
N THR B 561 -23.35 20.60 58.06
CA THR B 561 -23.15 19.74 59.21
C THR B 561 -22.33 20.46 60.28
N GLY B 562 -22.62 20.15 61.53
CA GLY B 562 -21.89 20.69 62.65
C GLY B 562 -22.10 19.82 63.89
N GLU B 563 -21.06 19.68 64.71
CA GLU B 563 -21.19 18.90 65.93
C GLU B 563 -21.67 19.81 67.07
N VAL B 564 -22.46 19.25 67.99
CA VAL B 564 -23.01 19.99 69.11
C VAL B 564 -22.61 19.30 70.41
N LYS B 565 -22.40 20.11 71.45
CA LYS B 565 -22.10 19.62 72.79
C LYS B 565 -23.21 20.12 73.71
N MET B 566 -24.24 19.31 73.89
CA MET B 566 -25.41 19.68 74.67
C MET B 566 -25.08 19.67 76.16
N ASN B 567 -25.68 20.61 76.89
CA ASN B 567 -25.37 20.81 78.29
C ASN B 567 -26.56 20.63 79.23
N TYR B 568 -27.59 19.87 78.84
CA TYR B 568 -28.72 19.69 79.74
C TYR B 568 -28.50 18.48 80.66
N LEU B 569 -27.92 17.41 80.13
CA LEU B 569 -27.54 16.28 80.97
C LEU B 569 -26.21 16.54 81.66
N GLY B 570 -25.96 15.77 82.73
CA GLY B 570 -24.65 15.79 83.34
C GLY B 570 -23.57 15.29 82.40
N LYS B 571 -23.91 14.32 81.55
CA LYS B 571 -22.98 13.77 80.59
C LYS B 571 -23.35 14.24 79.19
N PRO B 572 -22.61 15.17 78.59
CA PRO B 572 -22.85 15.50 77.18
C PRO B 572 -22.53 14.30 76.29
N TYR B 573 -23.25 14.19 75.19
CA TYR B 573 -23.09 13.08 74.25
C TYR B 573 -22.99 13.61 72.82
N VAL B 574 -22.34 12.84 71.96
CA VAL B 574 -22.08 13.23 70.59
C VAL B 574 -23.07 12.50 69.68
N ALA B 575 -23.99 13.26 69.09
CA ALA B 575 -24.93 12.75 68.11
C ALA B 575 -25.00 13.74 66.96
N MET B 576 -25.26 13.23 65.76
CA MET B 576 -25.29 14.07 64.58
C MET B 576 -26.46 15.07 64.65
N VAL B 577 -26.17 16.32 64.30
CA VAL B 577 -27.16 17.39 64.27
C VAL B 577 -26.92 18.24 63.03
N THR B 578 -28.01 18.67 62.41
CA THR B 578 -27.90 19.49 61.22
C THR B 578 -28.29 20.94 61.51
N THR B 579 -27.89 21.83 60.60
CA THR B 579 -28.00 23.26 60.83
C THR B 579 -29.42 23.65 61.23
N TYR B 580 -30.42 23.19 60.46
CA TYR B 580 -31.81 23.45 60.83
C TYR B 580 -32.13 22.85 62.18
N GLN B 581 -31.77 21.57 62.37
CA GLN B 581 -32.13 20.88 63.60
C GLN B 581 -31.38 21.44 64.80
N MET B 582 -30.06 21.62 64.68
CA MET B 582 -29.26 22.03 65.84
C MET B 582 -29.66 23.42 66.33
N ALA B 583 -29.97 24.33 65.41
CA ALA B 583 -30.39 25.66 65.82
C ALA B 583 -31.69 25.61 66.61
N VAL B 584 -32.59 24.71 66.24
CA VAL B 584 -33.82 24.53 67.01
C VAL B 584 -33.49 24.03 68.41
N LEU B 585 -32.49 23.17 68.53
CA LEU B 585 -32.06 22.71 69.85
C LEU B 585 -31.52 23.87 70.69
N LEU B 586 -30.92 24.86 70.04
CA LEU B 586 -30.35 25.97 70.79
C LEU B 586 -31.42 26.78 71.49
N ALA B 587 -32.60 26.91 70.88
CA ALA B 587 -33.72 27.56 71.53
C ALA B 587 -34.23 26.77 72.72
N PHE B 588 -33.80 25.51 72.86
CA PHE B 588 -34.25 24.65 73.93
C PHE B 588 -33.39 24.74 75.18
N ASN B 589 -32.20 25.34 75.07
CA ASN B 589 -31.26 25.35 76.18
C ASN B 589 -31.85 26.09 77.39
N ASN B 590 -32.47 27.25 77.13
CA ASN B 590 -32.96 28.09 78.22
C ASN B 590 -34.24 27.53 78.85
N SER B 591 -35.17 27.06 78.03
CA SER B 591 -36.49 26.65 78.50
C SER B 591 -36.75 25.20 78.14
N GLU B 592 -37.23 24.42 79.12
CA GLU B 592 -37.58 23.04 78.87
C GLU B 592 -38.87 22.93 78.06
N THR B 593 -39.87 23.73 78.40
CA THR B 593 -41.15 23.73 77.71
C THR B 593 -41.24 24.96 76.82
N VAL B 594 -41.51 24.74 75.53
CA VAL B 594 -41.46 25.78 74.52
C VAL B 594 -42.72 25.71 73.68
N SER B 595 -43.27 26.87 73.35
CA SER B 595 -44.41 26.93 72.44
C SER B 595 -43.96 26.88 70.98
N TYR B 596 -44.84 26.39 70.11
CA TYR B 596 -44.48 26.20 68.71
C TYR B 596 -44.20 27.53 68.02
N LYS B 597 -45.03 28.54 68.27
CA LYS B 597 -44.93 29.80 67.53
C LYS B 597 -43.58 30.48 67.75
N GLU B 598 -42.96 30.26 68.91
CA GLU B 598 -41.71 30.94 69.22
C GLU B 598 -40.59 30.53 68.28
N LEU B 599 -40.54 29.25 67.91
CA LEU B 599 -39.55 28.81 66.93
C LEU B 599 -39.79 29.46 65.58
N GLN B 600 -41.05 29.50 65.13
CA GLN B 600 -41.35 30.06 63.81
C GLN B 600 -40.89 31.50 63.72
N ASP B 601 -40.95 32.25 64.82
CA ASP B 601 -40.36 33.59 64.84
C ASP B 601 -38.86 33.53 64.60
N SER B 602 -38.20 32.55 65.22
CA SER B 602 -36.76 32.42 65.06
C SER B 602 -36.40 31.64 63.80
N THR B 603 -37.03 30.48 63.60
CA THR B 603 -36.66 29.64 62.46
C THR B 603 -36.92 30.34 61.14
N GLN B 604 -38.07 31.01 61.00
CA GLN B 604 -38.44 31.69 59.77
C GLN B 604 -38.38 30.73 58.59
N MET B 605 -39.19 29.68 58.66
CA MET B 605 -39.20 28.64 57.64
C MET B 605 -40.48 27.82 57.73
N ASN B 606 -40.74 27.04 56.69
CA ASN B 606 -42.05 26.42 56.52
C ASN B 606 -42.34 25.45 57.65
N GLU B 607 -43.62 25.40 58.04
CA GLU B 607 -44.02 24.63 59.21
C GLU B 607 -43.78 23.14 59.00
N LYS B 608 -44.16 22.62 57.83
CA LYS B 608 -43.99 21.19 57.49
C LYS B 608 -42.57 20.75 57.84
N GLU B 609 -41.55 21.46 57.34
CA GLU B 609 -40.13 21.09 57.56
C GLU B 609 -39.73 21.46 58.99
N LEU B 610 -40.25 22.56 59.54
CA LEU B 610 -39.98 22.94 60.95
C LEU B 610 -40.48 21.81 61.84
N THR B 611 -41.75 21.43 61.69
CA THR B 611 -42.39 20.38 62.52
C THR B 611 -41.87 19.02 62.04
N LYS B 612 -41.32 18.93 60.82
CA LYS B 612 -40.70 17.68 60.32
C LYS B 612 -39.40 17.50 61.09
N THR B 613 -38.65 18.57 61.32
CA THR B 613 -37.42 18.53 62.15
C THR B 613 -37.87 18.26 63.58
N ILE B 614 -38.99 18.84 63.99
CA ILE B 614 -39.58 18.58 65.34
C ILE B 614 -40.03 17.12 65.35
N LYS B 615 -40.60 16.63 64.25
CA LYS B 615 -41.02 15.21 64.12
C LYS B 615 -39.75 14.37 64.12
N SER B 616 -38.65 14.91 63.61
CA SER B 616 -37.33 14.23 63.65
C SER B 616 -36.93 14.14 65.12
N LEU B 617 -37.21 15.19 65.90
CA LEU B 617 -36.95 15.17 67.37
C LEU B 617 -37.76 14.01 67.96
N LEU B 618 -39.04 13.88 67.61
CA LEU B 618 -39.86 12.85 68.23
C LEU B 618 -39.38 11.45 67.88
N ASP B 619 -38.80 11.29 66.67
CA ASP B 619 -38.27 9.99 66.28
C ASP B 619 -37.15 9.54 67.20
N VAL B 620 -36.28 10.49 67.59
CA VAL B 620 -35.24 10.19 68.56
C VAL B 620 -35.76 10.22 69.99
N LYS B 621 -37.03 10.61 70.18
CA LYS B 621 -37.68 10.70 71.48
C LYS B 621 -36.97 11.69 72.39
N MET B 622 -36.40 12.75 71.83
CA MET B 622 -35.63 13.71 72.61
C MET B 622 -36.48 14.81 73.22
N ILE B 623 -37.76 14.91 72.85
CA ILE B 623 -38.70 15.81 73.50
C ILE B 623 -40.03 15.08 73.68
N ASN B 624 -40.86 15.64 74.55
CA ASN B 624 -42.21 15.14 74.78
C ASN B 624 -43.21 16.22 74.40
N HIS B 625 -44.16 15.86 73.54
CA HIS B 625 -45.16 16.80 73.05
C HIS B 625 -46.29 16.92 74.07
N ASP B 626 -46.51 18.13 74.59
CA ASP B 626 -47.58 18.33 75.56
C ASP B 626 -48.94 18.02 74.95
N SER B 627 -49.18 18.49 73.72
CA SER B 627 -50.41 18.16 73.03
C SER B 627 -50.36 16.72 72.54
N GLU B 628 -51.49 16.02 72.65
CA GLU B 628 -51.49 14.57 72.39
C GLU B 628 -51.32 14.26 70.91
N LYS B 629 -52.00 15.00 70.04
CA LYS B 629 -51.93 14.71 68.62
C LYS B 629 -50.52 14.95 68.08
N GLU B 630 -50.09 14.08 67.17
CA GLU B 630 -48.73 14.18 66.64
C GLU B 630 -48.53 15.47 65.85
N ASP B 631 -49.55 15.88 65.09
CA ASP B 631 -49.48 17.15 64.40
C ASP B 631 -49.40 18.30 65.40
N ILE B 632 -48.53 19.26 65.12
CA ILE B 632 -48.29 20.39 66.01
C ILE B 632 -48.67 21.67 65.27
N ASP B 633 -49.58 22.43 65.85
CA ASP B 633 -49.90 23.78 65.39
C ASP B 633 -49.21 24.77 66.31
N ALA B 634 -49.50 26.06 66.10
CA ALA B 634 -48.88 27.10 66.91
C ALA B 634 -49.25 26.94 68.38
N GLU B 635 -50.50 26.57 68.66
CA GLU B 635 -50.96 26.42 70.03
C GLU B 635 -50.24 25.29 70.74
N SER B 636 -49.99 24.18 70.04
CA SER B 636 -49.42 23.00 70.68
C SER B 636 -48.04 23.28 71.23
N SER B 637 -47.80 22.82 72.46
CA SER B 637 -46.52 22.96 73.13
C SER B 637 -45.94 21.59 73.43
N PHE B 638 -44.70 21.58 73.90
CA PHE B 638 -43.96 20.35 74.09
C PHE B 638 -42.99 20.52 75.26
N SER B 639 -42.56 19.40 75.82
CA SER B 639 -41.72 19.39 77.01
C SER B 639 -40.43 18.62 76.75
N LEU B 640 -39.39 18.97 77.50
CA LEU B 640 -38.09 18.33 77.38
C LEU B 640 -38.13 16.90 77.91
N ASN B 641 -37.29 16.03 77.33
CA ASN B 641 -37.18 14.65 77.76
C ASN B 641 -36.04 14.53 78.75
N MET B 642 -36.38 14.39 80.04
CA MET B 642 -35.35 14.33 81.08
C MET B 642 -34.66 12.97 81.10
N ASN B 643 -35.38 11.91 80.76
CA ASN B 643 -34.84 10.56 80.89
C ASN B 643 -33.92 10.17 79.73
N PHE B 644 -33.91 10.94 78.65
CA PHE B 644 -33.18 10.53 77.45
C PHE B 644 -31.68 10.57 77.71
N SER B 645 -30.98 9.55 77.20
CA SER B 645 -29.53 9.51 77.21
C SER B 645 -29.05 8.97 75.88
N SER B 646 -27.87 9.41 75.46
CA SER B 646 -27.30 8.99 74.19
C SER B 646 -25.95 8.29 74.39
N VAL C 24 -25.09 32.49 -14.75
CA VAL C 24 -26.49 32.31 -14.35
C VAL C 24 -26.91 30.88 -14.60
N LYS C 25 -25.96 30.04 -15.02
CA LYS C 25 -26.30 28.67 -15.40
C LYS C 25 -26.84 27.88 -14.22
N LYS C 26 -26.21 27.99 -13.06
CA LYS C 26 -26.62 27.21 -11.91
C LYS C 26 -26.19 27.92 -10.63
N TRP C 27 -27.05 27.84 -9.61
CA TRP C 27 -26.76 28.39 -8.30
C TRP C 27 -27.37 27.49 -7.23
N ASN C 28 -26.61 27.27 -6.15
CA ASN C 28 -27.06 26.47 -5.01
C ASN C 28 -27.05 27.35 -3.78
N ALA C 29 -28.13 27.28 -2.99
CA ALA C 29 -28.25 28.08 -1.78
C ALA C 29 -27.90 27.23 -0.56
N VAL C 30 -27.06 27.79 0.30
CA VAL C 30 -26.73 27.18 1.59
C VAL C 30 -27.23 28.13 2.68
N ALA C 31 -27.89 27.56 3.68
CA ALA C 31 -28.55 28.37 4.69
C ALA C 31 -28.41 27.74 6.08
N LEU C 32 -28.20 28.60 7.07
CA LEU C 32 -28.12 28.19 8.46
C LEU C 32 -29.40 28.56 9.19
N TRP C 33 -29.87 27.65 10.03
CA TRP C 33 -31.12 27.83 10.78
C TRP C 33 -30.80 27.84 12.27
N ALA C 34 -31.26 28.87 12.96
CA ALA C 34 -30.97 29.08 14.38
C ALA C 34 -32.00 30.06 14.94
N TRP C 35 -31.75 30.56 16.15
CA TRP C 35 -32.65 31.48 16.82
C TRP C 35 -31.84 32.59 17.47
N ASP C 36 -32.57 33.60 17.99
CA ASP C 36 -31.98 34.73 18.67
C ASP C 36 -32.40 34.85 20.12
N ILE C 37 -33.50 34.20 20.52
CA ILE C 37 -34.01 34.35 21.87
C ILE C 37 -33.07 33.74 22.91
N VAL C 38 -32.14 32.88 22.48
CA VAL C 38 -31.25 32.22 23.43
C VAL C 38 -30.23 33.20 24.00
N VAL C 39 -29.61 34.01 23.15
CA VAL C 39 -28.55 34.93 23.56
C VAL C 39 -28.94 36.34 23.15
N ASP C 40 -28.73 37.30 24.05
CA ASP C 40 -29.12 38.69 23.81
C ASP C 40 -28.00 39.68 24.06
N ASN C 41 -27.12 39.42 25.02
CA ASN C 41 -26.07 40.37 25.38
C ASN C 41 -24.75 39.65 25.60
N CYS C 42 -23.66 40.41 25.48
CA CYS C 42 -22.34 39.90 25.83
C CYS C 42 -22.27 39.62 27.33
N ALA C 43 -21.64 38.50 27.69
CA ALA C 43 -21.44 38.20 29.09
C ALA C 43 -20.48 39.18 29.74
N ILE C 44 -19.69 39.90 28.96
CA ILE C 44 -18.76 40.88 29.50
C ILE C 44 -19.32 42.30 29.43
N CYS C 45 -19.69 42.74 28.22
CA CYS C 45 -20.15 44.11 28.05
C CYS C 45 -21.61 44.31 28.43
N ARG C 46 -22.34 43.24 28.75
CA ARG C 46 -23.75 43.30 29.08
C ARG C 46 -24.58 43.92 27.96
N ASN C 47 -24.03 43.95 26.75
CA ASN C 47 -24.72 44.46 25.57
C ASN C 47 -24.63 43.39 24.48
N HIS C 48 -25.45 43.56 23.45
CA HIS C 48 -25.53 42.54 22.40
C HIS C 48 -24.15 42.27 21.80
N ILE C 49 -23.86 40.98 21.62
CA ILE C 49 -22.58 40.58 21.03
C ILE C 49 -22.46 41.14 19.62
N MET C 50 -23.53 41.05 18.83
CA MET C 50 -23.52 41.64 17.50
C MET C 50 -23.35 43.14 17.57
N ASP C 51 -24.03 43.79 18.52
CA ASP C 51 -23.88 45.22 18.70
C ASP C 51 -22.54 45.53 19.35
N LEU C 52 -22.27 46.83 19.51
CA LEU C 52 -21.01 47.26 20.09
C LEU C 52 -20.98 46.98 21.59
N CYS C 53 -19.77 46.88 22.12
CA CYS C 53 -19.59 46.74 23.56
C CYS C 53 -20.00 48.02 24.26
N ILE C 54 -20.11 47.93 25.60
CA ILE C 54 -20.57 49.08 26.38
C ILE C 54 -19.62 50.26 26.22
N GLU C 55 -18.31 49.99 26.13
CA GLU C 55 -17.37 51.06 25.89
C GLU C 55 -17.56 51.67 24.50
N CYS C 56 -17.72 50.81 23.48
CA CYS C 56 -17.91 51.31 22.13
C CYS C 56 -19.32 51.86 21.93
N GLN C 57 -20.28 51.38 22.72
CA GLN C 57 -21.65 51.85 22.59
C GLN C 57 -22.11 52.54 23.88
N CYS C 68 -16.80 48.43 17.17
CA CYS C 68 -16.07 47.59 18.12
C CYS C 68 -15.37 46.44 17.40
N THR C 69 -14.77 45.54 18.17
CA THR C 69 -14.06 44.38 17.65
C THR C 69 -14.44 43.14 18.43
N VAL C 70 -14.33 41.98 17.79
CA VAL C 70 -14.77 40.70 18.35
C VAL C 70 -13.62 39.72 18.24
N ALA C 71 -13.36 38.99 19.32
CA ALA C 71 -12.36 37.93 19.33
C ALA C 71 -13.01 36.58 19.63
N TRP C 72 -12.23 35.51 19.40
CA TRP C 72 -12.69 34.14 19.59
C TRP C 72 -11.56 33.29 20.15
N GLY C 73 -11.90 32.36 21.03
CA GLY C 73 -10.95 31.42 21.58
C GLY C 73 -11.12 30.04 20.97
N VAL C 74 -10.24 29.12 21.36
CA VAL C 74 -10.31 27.76 20.83
C VAL C 74 -11.44 26.95 21.45
N CYS C 75 -12.04 27.45 22.54
CA CYS C 75 -13.26 26.85 23.08
C CYS C 75 -14.51 27.42 22.45
N ASN C 76 -14.36 28.23 21.39
CA ASN C 76 -15.47 28.75 20.60
C ASN C 76 -16.40 29.66 21.42
N HIS C 77 -15.85 30.37 22.39
CA HIS C 77 -16.61 31.36 23.14
C HIS C 77 -16.49 32.71 22.46
N ALA C 78 -17.61 33.43 22.36
CA ALA C 78 -17.69 34.66 21.58
C ALA C 78 -17.91 35.85 22.50
N PHE C 79 -17.04 36.85 22.37
CA PHE C 79 -17.15 38.10 23.11
C PHE C 79 -16.55 39.20 22.28
N HIS C 80 -16.84 40.45 22.65
CA HIS C 80 -16.18 41.58 22.02
C HIS C 80 -14.69 41.56 22.35
N PHE C 81 -13.86 41.89 21.34
CA PHE C 81 -12.41 41.92 21.55
C PHE C 81 -12.04 42.92 22.64
N HIS C 82 -12.67 44.08 22.66
CA HIS C 82 -12.45 45.01 23.76
C HIS C 82 -12.94 44.43 25.07
N CYS C 83 -14.09 43.75 25.05
CA CYS C 83 -14.59 43.08 26.25
C CYS C 83 -13.60 42.03 26.73
N ILE C 84 -13.08 41.22 25.80
CA ILE C 84 -12.11 40.19 26.16
C ILE C 84 -10.85 40.81 26.72
N SER C 85 -10.35 41.88 26.10
CA SER C 85 -9.14 42.54 26.60
C SER C 85 -9.36 43.09 28.00
N ARG C 86 -10.51 43.73 28.23
CA ARG C 86 -10.80 44.26 29.56
C ARG C 86 -10.85 43.14 30.60
N TRP C 87 -11.58 42.06 30.29
CA TRP C 87 -11.69 40.97 31.25
C TRP C 87 -10.33 40.35 31.51
N LEU C 88 -9.53 40.16 30.46
CA LEU C 88 -8.22 39.54 30.61
C LEU C 88 -7.29 40.40 31.45
N LYS C 89 -7.27 41.71 31.20
CA LYS C 89 -6.42 42.57 32.01
C LYS C 89 -6.90 42.60 33.45
N THR C 90 -8.21 42.44 33.67
CA THR C 90 -8.70 42.26 35.03
C THR C 90 -8.39 40.87 35.55
N ARG C 91 -8.54 39.84 34.70
CA ARG C 91 -8.37 38.47 35.14
C ARG C 91 -8.17 37.56 33.94
N GLN C 92 -7.18 36.66 34.04
CA GLN C 92 -6.87 35.75 32.94
C GLN C 92 -7.65 34.45 33.10
N VAL C 93 -8.97 34.61 33.17
CA VAL C 93 -9.90 33.50 33.38
C VAL C 93 -11.03 33.61 32.36
N CYS C 94 -11.37 32.50 31.72
CA CYS C 94 -12.48 32.50 30.78
C CYS C 94 -13.79 32.70 31.53
N PRO C 95 -14.72 33.47 30.97
CA PRO C 95 -16.03 33.62 31.64
C PRO C 95 -16.78 32.31 31.79
N LEU C 96 -16.65 31.39 30.83
CA LEU C 96 -17.43 30.16 30.82
C LEU C 96 -16.56 28.91 30.96
N ASP C 97 -15.51 28.77 30.15
CA ASP C 97 -14.70 27.56 30.18
C ASP C 97 -13.92 27.46 31.48
N ASN C 98 -13.85 28.56 32.25
CA ASN C 98 -13.17 28.64 33.53
C ASN C 98 -11.71 28.24 33.42
N ARG C 99 -11.04 28.66 32.35
CA ARG C 99 -9.62 28.41 32.16
C ARG C 99 -8.97 29.67 31.60
N GLU C 100 -7.68 29.55 31.30
CA GLU C 100 -6.96 30.65 30.67
C GLU C 100 -7.56 30.96 29.31
N TRP C 101 -8.11 32.15 29.17
CA TRP C 101 -8.72 32.54 27.91
C TRP C 101 -7.65 32.66 26.82
N GLU C 102 -8.07 32.35 25.60
CA GLU C 102 -7.15 32.22 24.48
C GLU C 102 -7.77 32.85 23.25
N PHE C 103 -6.97 32.95 22.19
CA PHE C 103 -7.41 33.41 20.88
C PHE C 103 -7.19 32.28 19.87
N GLN C 104 -8.26 31.83 19.25
CA GLN C 104 -8.12 30.86 18.16
C GLN C 104 -7.51 31.49 16.93
N LYS C 105 -7.97 32.69 16.58
CA LYS C 105 -7.45 33.40 15.41
C LYS C 105 -6.81 34.73 15.81
N MET D 3 48.66 -25.98 -10.46
CA MET D 3 48.24 -24.61 -10.71
C MET D 3 49.24 -23.94 -11.66
N TYR D 4 49.58 -24.63 -12.74
CA TYR D 4 50.46 -24.11 -13.77
C TYR D 4 50.15 -24.77 -15.10
N VAL D 5 50.34 -24.04 -16.18
CA VAL D 5 50.07 -24.51 -17.54
C VAL D 5 51.28 -24.22 -18.40
N LYS D 6 51.47 -25.01 -19.45
CA LYS D 6 52.64 -24.88 -20.31
C LYS D 6 52.22 -24.73 -21.76
N LEU D 7 52.91 -23.85 -22.47
CA LEU D 7 52.67 -23.59 -23.90
C LEU D 7 53.89 -24.11 -24.66
N ILE D 8 53.66 -24.98 -25.63
CA ILE D 8 54.74 -25.44 -26.48
C ILE D 8 54.55 -24.89 -27.88
N SER D 9 55.64 -24.68 -28.60
CA SER D 9 55.59 -24.10 -29.95
C SER D 9 56.23 -25.05 -30.95
N SER D 10 56.20 -24.65 -32.21
CA SER D 10 56.82 -25.45 -33.26
C SER D 10 58.33 -25.33 -33.24
N ASP D 11 58.86 -24.35 -32.50
CA ASP D 11 60.30 -24.12 -32.48
C ASP D 11 60.97 -24.77 -31.27
N GLY D 12 60.22 -25.45 -30.42
CA GLY D 12 60.76 -26.20 -29.31
C GLY D 12 60.71 -25.49 -27.97
N HIS D 13 60.53 -24.18 -27.95
CA HIS D 13 60.51 -23.45 -26.70
C HIS D 13 59.24 -23.75 -25.91
N GLU D 14 59.31 -23.55 -24.59
CA GLU D 14 58.22 -23.89 -23.68
C GLU D 14 58.08 -22.78 -22.64
N PHE D 15 57.11 -21.90 -22.82
CA PHE D 15 56.83 -20.84 -21.85
C PHE D 15 55.78 -21.37 -20.87
N ILE D 16 55.97 -21.01 -19.60
CA ILE D 16 55.05 -21.42 -18.54
C ILE D 16 54.61 -20.17 -17.76
N VAL D 17 53.31 -20.06 -17.49
CA VAL D 17 52.75 -19.00 -16.66
C VAL D 17 51.68 -19.59 -15.77
N LYS D 18 51.07 -18.74 -14.96
CA LYS D 18 50.01 -19.17 -14.06
C LYS D 18 48.71 -19.41 -14.84
N ARG D 19 47.74 -20.00 -14.15
CA ARG D 19 46.55 -20.51 -14.84
C ARG D 19 45.69 -19.39 -15.38
N GLU D 20 45.42 -18.35 -14.58
CA GLU D 20 44.43 -17.36 -14.99
C GLU D 20 44.89 -16.58 -16.23
N HIS D 21 46.18 -16.26 -16.30
CA HIS D 21 46.69 -15.52 -17.45
C HIS D 21 46.36 -16.25 -18.74
N ALA D 22 46.40 -17.58 -18.71
CA ALA D 22 45.97 -18.35 -19.87
C ALA D 22 44.45 -18.37 -19.99
N LEU D 23 43.74 -18.49 -18.86
CA LEU D 23 42.28 -18.51 -18.94
C LEU D 23 41.68 -17.20 -19.38
N THR D 24 42.49 -16.17 -19.62
CA THR D 24 41.98 -14.95 -20.23
C THR D 24 41.27 -15.25 -21.55
N SER D 25 41.90 -16.00 -22.43
CA SER D 25 41.38 -16.26 -23.77
C SER D 25 40.19 -17.20 -23.73
N GLY D 26 39.60 -17.44 -24.90
CA GLY D 26 38.54 -18.44 -24.98
C GLY D 26 39.01 -19.76 -25.56
N THR D 27 39.66 -19.72 -26.73
CA THR D 27 40.04 -20.95 -27.40
C THR D 27 40.99 -21.76 -26.51
N ILE D 28 41.78 -21.09 -25.68
CA ILE D 28 42.68 -21.82 -24.79
C ILE D 28 41.88 -22.65 -23.81
N LYS D 29 40.84 -22.07 -23.22
CA LYS D 29 40.00 -22.89 -22.35
C LYS D 29 39.30 -23.97 -23.15
N ALA D 30 39.04 -23.73 -24.44
CA ALA D 30 38.47 -24.80 -25.26
C ALA D 30 39.40 -26.01 -25.31
N MET D 31 40.68 -25.81 -25.61
CA MET D 31 41.56 -26.97 -25.60
C MET D 31 41.69 -27.55 -24.19
N LEU D 32 41.75 -26.71 -23.16
CA LEU D 32 41.95 -27.26 -21.82
C LEU D 32 40.75 -28.04 -21.33
N SER D 33 39.56 -27.82 -21.91
CA SER D 33 38.36 -28.54 -21.51
C SER D 33 38.23 -29.89 -22.18
N GLY D 34 39.12 -30.21 -23.13
CA GLY D 34 39.01 -31.43 -23.89
C GLY D 34 39.43 -32.67 -23.11
N PRO D 35 38.86 -33.81 -23.48
CA PRO D 35 39.18 -35.11 -22.87
C PRO D 35 40.61 -35.53 -23.17
N GLU D 42 48.21 -31.93 -10.96
CA GLU D 42 48.97 -32.50 -12.07
C GLU D 42 49.15 -31.45 -13.15
N THR D 43 50.22 -31.55 -13.93
CA THR D 43 50.59 -30.53 -14.90
C THR D 43 49.94 -30.85 -16.24
N ASN D 44 49.15 -29.90 -16.75
CA ASN D 44 48.40 -30.09 -17.99
C ASN D 44 49.29 -29.85 -19.20
N GLU D 45 48.82 -30.29 -20.37
CA GLU D 45 49.62 -30.31 -21.58
C GLU D 45 48.84 -29.66 -22.72
N VAL D 46 49.47 -28.68 -23.40
CA VAL D 46 48.88 -27.97 -24.52
C VAL D 46 49.91 -27.88 -25.63
N ASN D 47 49.47 -28.08 -26.88
CA ASN D 47 50.39 -28.07 -28.01
C ASN D 47 49.81 -27.28 -29.17
N PHE D 48 50.40 -26.11 -29.44
CA PHE D 48 50.21 -25.37 -30.68
C PHE D 48 51.31 -25.87 -31.61
N ARG D 49 50.92 -26.47 -32.73
CA ARG D 49 51.94 -27.02 -33.62
C ARG D 49 52.25 -26.07 -34.78
N GLU D 50 51.41 -25.06 -34.98
CA GLU D 50 51.52 -24.30 -36.22
C GLU D 50 51.77 -22.81 -36.00
N ILE D 51 52.72 -22.43 -35.15
CA ILE D 51 52.97 -21.02 -34.88
C ILE D 51 54.42 -20.82 -34.44
N PRO D 52 55.06 -19.71 -34.80
CA PRO D 52 56.42 -19.45 -34.31
C PRO D 52 56.42 -19.07 -32.83
N SER D 53 57.58 -18.60 -32.37
CA SER D 53 57.79 -18.30 -30.96
C SER D 53 57.65 -16.81 -30.64
N HIS D 54 57.88 -15.94 -31.62
CA HIS D 54 57.81 -14.51 -31.38
C HIS D 54 56.44 -14.13 -30.87
N VAL D 55 55.41 -14.64 -31.55
CA VAL D 55 54.05 -14.27 -31.24
C VAL D 55 53.65 -14.80 -29.87
N LEU D 56 54.21 -15.94 -29.46
CA LEU D 56 53.91 -16.41 -28.12
C LEU D 56 54.56 -15.54 -27.06
N SER D 57 55.79 -15.07 -27.30
CA SER D 57 56.36 -14.07 -26.40
C SER D 57 55.41 -12.90 -26.24
N LYS D 58 54.95 -12.35 -27.36
CA LYS D 58 54.06 -11.21 -27.31
C LYS D 58 52.75 -11.54 -26.59
N VAL D 59 52.19 -12.73 -26.82
CA VAL D 59 50.90 -13.07 -26.23
C VAL D 59 51.03 -13.18 -24.72
N CYS D 60 52.11 -13.77 -24.24
CA CYS D 60 52.32 -13.81 -22.80
C CYS D 60 52.42 -12.39 -22.24
N MET D 61 53.13 -11.53 -22.96
CA MET D 61 53.25 -10.15 -22.48
C MET D 61 51.88 -9.48 -22.38
N TYR D 62 51.04 -9.68 -23.39
CA TYR D 62 49.69 -9.14 -23.34
C TYR D 62 48.89 -9.70 -22.18
N PHE D 63 49.06 -10.99 -21.89
CA PHE D 63 48.38 -11.53 -20.72
C PHE D 63 48.76 -10.73 -19.48
N THR D 64 50.06 -10.48 -19.31
CA THR D 64 50.50 -9.68 -18.17
C THR D 64 49.86 -8.30 -18.19
N TYR D 65 49.84 -7.68 -19.37
CA TYR D 65 49.29 -6.33 -19.51
C TYR D 65 47.85 -6.27 -19.06
N LYS D 66 47.01 -7.17 -19.60
CA LYS D 66 45.60 -7.15 -19.24
C LYS D 66 45.41 -7.42 -17.77
N VAL D 67 46.14 -8.39 -17.20
CA VAL D 67 45.88 -8.72 -15.81
C VAL D 67 46.28 -7.58 -14.90
N ARG D 68 47.33 -6.82 -15.27
CA ARG D 68 47.76 -5.76 -14.38
C ARG D 68 46.95 -4.49 -14.55
N TYR D 69 46.99 -3.87 -15.73
CA TYR D 69 46.57 -2.49 -15.87
C TYR D 69 45.07 -2.34 -16.14
N THR D 70 44.27 -3.30 -15.70
CA THR D 70 42.84 -3.21 -15.90
C THR D 70 42.25 -2.10 -15.03
N ASN D 71 41.26 -1.40 -15.58
CA ASN D 71 40.36 -0.47 -14.86
C ASN D 71 41.06 0.31 -13.75
N SER D 72 42.14 1.01 -14.12
CA SER D 72 42.87 1.87 -13.19
C SER D 72 42.71 3.32 -13.64
N SER D 73 42.56 4.23 -12.67
CA SER D 73 42.37 5.64 -12.98
C SER D 73 43.63 6.27 -13.60
N THR D 74 44.81 5.84 -13.17
CA THR D 74 46.04 6.39 -13.72
C THR D 74 46.15 6.06 -15.19
N GLU D 75 46.72 6.98 -15.96
CA GLU D 75 46.82 6.82 -17.40
C GLU D 75 47.63 5.57 -17.75
N ILE D 76 47.08 4.77 -18.66
CA ILE D 76 47.69 3.51 -19.04
C ILE D 76 48.81 3.78 -20.03
N PRO D 77 50.02 3.25 -19.81
CA PRO D 77 51.11 3.46 -20.78
C PRO D 77 50.83 2.76 -22.09
N GLU D 78 51.46 3.25 -23.14
CA GLU D 78 51.30 2.69 -24.47
C GLU D 78 52.07 1.39 -24.59
N PHE D 79 51.79 0.64 -25.66
CA PHE D 79 52.50 -0.61 -25.89
C PHE D 79 53.44 -0.46 -27.07
N PRO D 80 54.74 -0.70 -26.90
CA PRO D 80 55.68 -0.53 -28.02
C PRO D 80 55.63 -1.67 -29.02
N ILE D 81 54.72 -1.59 -29.98
CA ILE D 81 54.61 -2.63 -30.99
C ILE D 81 55.83 -2.58 -31.91
N ALA D 82 56.09 -3.67 -32.62
CA ALA D 82 57.25 -3.76 -33.47
C ALA D 82 56.89 -3.37 -34.91
N PRO D 83 57.88 -3.09 -35.76
CA PRO D 83 57.59 -2.83 -37.18
C PRO D 83 57.12 -4.07 -37.93
N GLU D 84 57.85 -5.16 -37.82
CA GLU D 84 57.59 -6.36 -38.63
C GLU D 84 56.49 -7.18 -37.98
N ILE D 85 55.25 -6.80 -38.28
CA ILE D 85 54.13 -7.53 -37.70
C ILE D 85 53.33 -8.24 -38.78
N ALA D 86 52.69 -7.48 -39.67
CA ALA D 86 51.86 -8.04 -40.74
C ALA D 86 50.86 -9.01 -40.12
N LEU D 87 50.99 -10.33 -40.36
CA LEU D 87 49.86 -11.24 -40.16
C LEU D 87 49.42 -11.35 -38.72
N GLU D 88 50.33 -11.45 -37.75
CA GLU D 88 49.86 -11.68 -36.40
C GLU D 88 49.01 -10.53 -35.88
N LEU D 89 49.30 -9.29 -36.29
CA LEU D 89 48.49 -8.15 -35.87
C LEU D 89 47.01 -8.34 -36.22
N LEU D 90 46.70 -9.38 -36.97
CA LEU D 90 45.32 -9.80 -37.14
C LEU D 90 45.07 -11.18 -36.58
N MET D 91 45.87 -12.17 -37.00
CA MET D 91 45.51 -13.56 -36.75
C MET D 91 45.67 -13.92 -35.28
N ALA D 92 46.54 -13.18 -34.59
CA ALA D 92 46.84 -13.45 -33.16
C ALA D 92 45.55 -13.77 -32.41
N ALA D 93 44.50 -12.96 -32.58
CA ALA D 93 43.24 -13.14 -31.85
C ALA D 93 42.21 -13.88 -32.71
N ASN D 94 42.47 -14.04 -34.01
CA ASN D 94 41.53 -14.70 -34.95
C ASN D 94 41.71 -16.21 -34.85
N PHE D 95 42.79 -16.68 -34.22
CA PHE D 95 43.03 -18.13 -34.00
C PHE D 95 43.10 -18.42 -32.50
N LEU D 96 43.62 -17.49 -31.71
CA LEU D 96 43.75 -17.66 -30.24
C LEU D 96 42.60 -16.92 -29.55
N ASP D 97 41.55 -16.57 -30.29
CA ASP D 97 40.35 -15.91 -29.70
C ASP D 97 40.77 -14.99 -28.56
N CYS D 98 41.61 -13.99 -28.83
CA CYS D 98 42.10 -13.04 -27.79
C CYS D 98 41.89 -11.61 -28.29
N MET E 1 61.28 -0.55 -7.92
CA MET E 1 60.54 -1.01 -6.75
C MET E 1 59.79 -2.29 -7.08
N ASP E 2 59.46 -2.47 -8.36
CA ASP E 2 58.83 -3.69 -8.85
C ASP E 2 59.41 -4.03 -10.21
N VAL E 3 59.94 -5.25 -10.34
CA VAL E 3 60.68 -5.65 -11.53
C VAL E 3 60.21 -7.04 -11.96
N PHE E 4 59.84 -7.16 -13.23
CA PHE E 4 59.39 -8.43 -13.77
C PHE E 4 60.59 -9.26 -14.19
N LEU E 5 60.57 -10.54 -13.83
CA LEU E 5 61.74 -11.39 -13.84
C LEU E 5 61.59 -12.46 -14.92
N MET E 6 62.66 -12.70 -15.65
CA MET E 6 62.64 -13.62 -16.77
C MET E 6 63.73 -14.67 -16.59
N ILE E 7 63.33 -15.94 -16.64
CA ILE E 7 64.25 -17.04 -16.38
C ILE E 7 64.56 -17.69 -17.72
N ARG E 8 65.82 -17.66 -18.12
CA ARG E 8 66.27 -18.29 -19.36
C ARG E 8 67.29 -19.37 -19.04
N ARG E 9 66.90 -20.62 -19.24
CA ARG E 9 67.82 -21.75 -19.12
C ARG E 9 67.53 -22.69 -20.27
N HIS E 10 68.41 -22.71 -21.25
CA HIS E 10 68.29 -23.59 -22.43
C HIS E 10 66.91 -23.36 -23.04
N LYS E 11 66.05 -24.39 -23.13
CA LYS E 11 64.75 -24.22 -23.77
C LYS E 11 63.78 -23.47 -22.88
N THR E 12 63.76 -23.79 -21.59
CA THR E 12 62.68 -23.34 -20.72
C THR E 12 62.72 -21.83 -20.51
N THR E 13 61.56 -21.26 -20.18
CA THR E 13 61.42 -19.85 -19.85
C THR E 13 60.28 -19.72 -18.84
N ILE E 14 60.47 -18.91 -17.80
CA ILE E 14 59.52 -18.81 -16.70
C ILE E 14 59.22 -17.35 -16.40
N PHE E 15 57.95 -17.04 -16.15
CA PHE E 15 57.50 -15.68 -15.95
C PHE E 15 56.85 -15.51 -14.58
N THR E 16 57.15 -14.37 -13.94
CA THR E 16 56.46 -13.88 -12.75
C THR E 16 57.06 -12.52 -12.37
N ASP E 17 56.61 -12.01 -11.22
CA ASP E 17 57.03 -10.70 -10.75
C ASP E 17 57.41 -10.78 -9.28
N ALA E 18 58.26 -9.86 -8.84
CA ALA E 18 58.71 -9.83 -7.45
C ALA E 18 59.15 -8.41 -7.09
N LYS E 19 59.28 -8.18 -5.78
CA LYS E 19 59.70 -6.87 -5.29
C LYS E 19 61.21 -6.76 -5.16
N GLU E 20 61.72 -5.53 -5.31
CA GLU E 20 63.15 -5.28 -5.19
C GLU E 20 63.66 -5.61 -3.80
N SER E 21 62.85 -5.35 -2.77
CA SER E 21 63.27 -5.60 -1.41
C SER E 21 63.62 -7.06 -1.16
N SER E 22 63.06 -7.97 -1.97
CA SER E 22 63.37 -9.38 -1.81
C SER E 22 64.84 -9.64 -2.08
N THR E 23 65.38 -10.69 -1.45
CA THR E 23 66.77 -11.01 -1.63
C THR E 23 66.96 -12.14 -2.64
N VAL E 24 68.21 -12.33 -3.05
CA VAL E 24 68.56 -13.40 -3.98
C VAL E 24 68.19 -14.75 -3.38
N PHE E 25 68.30 -14.87 -2.06
CA PHE E 25 68.02 -16.14 -1.40
C PHE E 25 66.56 -16.51 -1.57
N GLU E 26 65.66 -15.53 -1.43
CA GLU E 26 64.23 -15.77 -1.62
C GLU E 26 63.92 -16.18 -3.06
N LEU E 27 64.54 -15.51 -4.03
CA LEU E 27 64.34 -15.90 -5.43
C LEU E 27 64.87 -17.30 -5.68
N LYS E 28 66.00 -17.64 -5.07
CA LYS E 28 66.50 -19.01 -5.09
C LYS E 28 65.42 -19.97 -4.61
N ARG E 29 64.77 -19.62 -3.50
CA ARG E 29 63.72 -20.46 -2.95
C ARG E 29 62.55 -20.60 -3.92
N ILE E 30 62.16 -19.50 -4.58
CA ILE E 30 61.07 -19.56 -5.54
C ILE E 30 61.42 -20.48 -6.70
N VAL E 31 62.65 -20.35 -7.22
CA VAL E 31 63.09 -21.22 -8.30
C VAL E 31 63.06 -22.67 -7.86
N GLU E 32 63.54 -22.95 -6.65
CA GLU E 32 63.51 -24.32 -6.14
C GLU E 32 62.07 -24.81 -6.01
N GLY E 33 61.16 -23.94 -5.59
CA GLY E 33 59.77 -24.35 -5.44
C GLY E 33 59.12 -24.65 -6.78
N ILE E 34 59.49 -23.92 -7.82
CA ILE E 34 58.82 -24.11 -9.10
C ILE E 34 59.49 -25.23 -9.91
N LEU E 35 60.77 -25.51 -9.68
CA LEU E 35 61.49 -26.50 -10.48
C LEU E 35 61.95 -27.71 -9.70
N LYS E 36 61.79 -27.72 -8.37
CA LYS E 36 62.04 -28.89 -7.53
C LYS E 36 63.53 -29.25 -7.52
N ARG E 37 64.36 -28.27 -7.18
CA ARG E 37 65.80 -28.44 -7.17
C ARG E 37 66.38 -27.99 -5.83
N PRO E 38 67.56 -28.50 -5.47
CA PRO E 38 68.20 -28.03 -4.24
C PRO E 38 68.90 -26.70 -4.48
N PRO E 39 69.01 -25.86 -3.45
CA PRO E 39 69.63 -24.54 -3.66
C PRO E 39 71.07 -24.61 -4.15
N ASP E 40 71.83 -25.62 -3.72
CA ASP E 40 73.22 -25.72 -4.15
C ASP E 40 73.33 -25.92 -5.65
N GLU E 41 72.47 -26.78 -6.21
CA GLU E 41 72.44 -26.95 -7.65
C GLU E 41 71.96 -25.69 -8.35
N GLN E 42 71.15 -24.88 -7.68
CA GLN E 42 70.75 -23.60 -8.24
C GLN E 42 71.92 -22.63 -8.21
N ARG E 43 72.14 -21.94 -9.33
CA ARG E 43 73.09 -20.84 -9.37
C ARG E 43 72.45 -19.72 -10.18
N LEU E 44 72.15 -18.60 -9.51
CA LEU E 44 71.57 -17.44 -10.18
C LEU E 44 72.70 -16.57 -10.70
N TYR E 45 72.56 -16.07 -11.91
CA TYR E 45 73.66 -15.40 -12.61
C TYR E 45 73.07 -14.44 -13.63
N LYS E 46 73.10 -13.14 -13.33
CA LYS E 46 72.65 -12.15 -14.30
C LYS E 46 73.68 -11.97 -15.40
N ASP E 47 73.21 -11.47 -16.56
CA ASP E 47 74.10 -11.29 -17.69
C ASP E 47 75.19 -10.28 -17.40
N LYS E 55 70.50 -9.74 -0.88
CA LYS E 55 69.71 -9.07 0.19
C LYS E 55 68.59 -8.25 -0.47
N THR E 56 68.86 -7.59 -1.60
CA THR E 56 67.84 -6.82 -2.36
C THR E 56 68.08 -7.04 -3.86
N LEU E 57 67.01 -7.04 -4.66
CA LEU E 57 67.11 -7.20 -6.13
C LEU E 57 67.61 -5.88 -6.72
N GLY E 58 67.56 -4.79 -5.94
CA GLY E 58 67.99 -3.46 -6.41
C GLY E 58 69.47 -3.25 -6.15
N GLU E 59 70.08 -4.10 -5.32
CA GLU E 59 71.54 -4.04 -5.04
C GLU E 59 72.28 -4.56 -6.27
N CYS E 60 71.56 -5.11 -7.25
CA CYS E 60 72.16 -5.69 -8.48
C CYS E 60 72.15 -4.65 -9.62
N GLY E 61 71.38 -3.57 -9.50
CA GLY E 61 71.26 -2.60 -10.57
C GLY E 61 69.97 -2.66 -11.34
N PHE E 62 68.84 -2.94 -10.67
CA PHE E 62 67.54 -3.02 -11.31
C PHE E 62 66.62 -1.97 -10.73
N THR E 63 65.69 -1.48 -11.55
CA THR E 63 64.71 -0.50 -11.12
C THR E 63 63.38 -0.75 -11.82
N SER E 64 62.31 -0.23 -11.22
CA SER E 64 60.99 -0.36 -11.82
C SER E 64 60.91 0.42 -13.12
N GLN E 65 61.82 1.36 -13.33
CA GLN E 65 61.78 2.16 -14.56
C GLN E 65 62.27 1.36 -15.75
N THR E 66 63.33 0.56 -15.57
CA THR E 66 63.80 -0.28 -16.66
C THR E 66 62.88 -1.48 -16.88
N ALA E 67 62.41 -2.10 -15.80
CA ALA E 67 61.59 -3.29 -15.92
C ALA E 67 60.11 -2.92 -15.90
N ARG E 68 59.37 -3.43 -16.89
CA ARG E 68 57.97 -3.07 -17.04
C ARG E 68 57.10 -4.31 -17.18
N PRO E 69 55.82 -4.21 -16.81
CA PRO E 69 54.90 -5.31 -17.14
C PRO E 69 54.81 -5.56 -18.62
N GLN E 70 54.96 -4.51 -19.43
CA GLN E 70 54.92 -4.63 -20.88
C GLN E 70 56.29 -4.63 -21.52
N ALA E 71 57.29 -4.04 -20.88
CA ALA E 71 58.66 -4.03 -21.40
C ALA E 71 59.61 -4.43 -20.28
N PRO E 72 59.55 -5.68 -19.82
CA PRO E 72 60.45 -6.11 -18.75
C PRO E 72 61.89 -5.99 -19.19
N ALA E 73 62.70 -5.36 -18.34
CA ALA E 73 64.12 -5.24 -18.61
C ALA E 73 64.72 -6.63 -18.74
N THR E 74 65.50 -6.82 -19.81
CA THR E 74 66.10 -8.12 -20.05
C THR E 74 66.98 -8.53 -18.88
N VAL E 75 66.66 -9.68 -18.30
CA VAL E 75 67.47 -10.22 -17.22
C VAL E 75 68.00 -11.56 -17.71
N GLY E 76 68.81 -12.22 -16.89
CA GLY E 76 69.43 -13.46 -17.29
C GLY E 76 69.72 -14.33 -16.09
N LEU E 77 69.61 -15.64 -16.32
CA LEU E 77 69.91 -16.63 -15.30
C LEU E 77 70.49 -17.85 -15.99
N ALA E 78 70.87 -18.85 -15.21
CA ALA E 78 71.48 -20.06 -15.76
C ALA E 78 71.30 -21.20 -14.77
N PHE E 79 71.95 -22.32 -15.08
CA PHE E 79 71.90 -23.50 -14.22
C PHE E 79 73.17 -24.32 -14.45
N ARG E 80 73.48 -25.16 -13.49
CA ARG E 80 74.62 -26.07 -13.60
C ARG E 80 74.30 -27.20 -14.58
N PHE E 85 78.38 -27.01 -12.56
CA PHE E 85 78.32 -25.57 -12.77
C PHE E 85 78.63 -25.21 -14.21
N GLU E 86 77.83 -25.72 -15.13
CA GLU E 86 78.04 -25.46 -16.55
C GLU E 86 77.70 -24.01 -16.89
N ALA E 87 78.42 -23.45 -17.85
CA ALA E 87 78.19 -22.08 -18.29
C ALA E 87 76.85 -21.96 -19.01
N LEU E 88 76.49 -20.73 -19.35
CA LEU E 88 75.21 -20.47 -20.00
C LEU E 88 75.16 -21.11 -21.38
N CYS E 89 74.01 -21.69 -21.72
CA CYS E 89 73.73 -22.18 -23.07
C CYS E 89 72.30 -21.81 -23.42
N ILE E 90 72.12 -20.64 -24.03
CA ILE E 90 70.80 -20.10 -24.33
C ILE E 90 70.63 -20.02 -25.84
N GLU E 91 69.67 -20.74 -26.36
CA GLU E 91 69.35 -20.66 -27.77
C GLU E 91 68.59 -19.38 -28.06
N PRO E 92 69.06 -18.53 -28.98
CA PRO E 92 68.32 -17.32 -29.30
C PRO E 92 67.07 -17.62 -30.11
N PHE E 93 66.10 -16.73 -29.98
CA PHE E 93 64.82 -16.91 -30.68
C PHE E 93 65.02 -16.91 -32.19
N SER E 94 63.98 -17.33 -32.89
CA SER E 94 64.03 -17.40 -34.34
C SER E 94 64.13 -16.01 -34.94
N SER E 95 64.69 -15.93 -36.14
CA SER E 95 64.77 -14.66 -36.84
C SER E 95 63.42 -14.32 -37.45
N PRO E 96 63.00 -13.06 -37.40
CA PRO E 96 61.78 -12.64 -38.10
C PRO E 96 61.97 -12.73 -39.60
N PRO E 97 60.89 -13.03 -40.35
CA PRO E 97 60.96 -13.11 -41.82
C PRO E 97 61.27 -11.76 -42.47
N VAL F 24 -20.28 22.21 68.82
CA VAL F 24 -19.26 22.94 69.56
C VAL F 24 -17.87 22.47 69.15
N LYS F 25 -17.76 21.17 68.85
CA LYS F 25 -16.47 20.64 68.43
C LYS F 25 -16.10 21.11 67.03
N LYS F 26 -17.04 21.05 66.09
CA LYS F 26 -16.73 21.38 64.71
C LYS F 26 -18.01 21.72 63.96
N TRP F 27 -17.89 22.68 63.06
CA TRP F 27 -18.91 22.95 62.05
C TRP F 27 -18.33 22.65 60.67
N ASN F 28 -19.20 22.41 59.72
CA ASN F 28 -18.84 22.38 58.32
C ASN F 28 -19.65 23.43 57.59
N ALA F 29 -18.97 24.37 56.93
CA ALA F 29 -19.64 25.42 56.18
C ALA F 29 -19.44 25.18 54.70
N VAL F 30 -20.54 24.98 54.00
CA VAL F 30 -20.52 24.61 52.60
C VAL F 30 -21.36 25.61 51.82
N ALA F 31 -20.99 25.79 50.56
CA ALA F 31 -21.71 26.68 49.65
C ALA F 31 -21.15 26.46 48.25
N LEU F 32 -21.60 27.28 47.31
CA LEU F 32 -21.27 27.08 45.90
C LEU F 32 -20.69 28.38 45.33
N TRP F 33 -19.39 28.40 45.10
CA TRP F 33 -18.68 29.62 44.71
C TRP F 33 -18.48 29.68 43.21
N ALA F 34 -18.59 30.88 42.64
CA ALA F 34 -18.42 31.10 41.22
C ALA F 34 -18.28 32.59 40.94
N TRP F 35 -18.26 32.93 39.65
CA TRP F 35 -18.22 34.33 39.24
C TRP F 35 -19.46 35.07 39.72
N ASP F 36 -19.46 36.39 39.55
CA ASP F 36 -20.51 37.20 40.14
C ASP F 36 -21.66 37.48 39.17
N ILE F 37 -21.35 37.65 37.88
CA ILE F 37 -22.31 38.23 36.96
C ILE F 37 -22.65 37.28 35.81
N VAL F 38 -22.13 36.06 35.84
CA VAL F 38 -22.30 35.17 34.68
C VAL F 38 -23.76 34.76 34.51
N VAL F 39 -24.45 34.43 35.60
CA VAL F 39 -25.84 34.00 35.56
C VAL F 39 -26.64 34.87 36.51
N ASP F 40 -27.75 35.42 36.02
CA ASP F 40 -28.57 36.32 36.82
C ASP F 40 -29.99 35.81 37.03
N ASN F 41 -30.72 35.48 35.97
CA ASN F 41 -32.13 35.11 36.09
C ASN F 41 -32.51 34.25 34.88
N CYS F 42 -33.82 34.06 34.71
CA CYS F 42 -34.35 33.23 33.64
C CYS F 42 -34.22 33.91 32.29
N ALA F 43 -33.78 33.15 31.28
CA ALA F 43 -33.55 33.72 29.97
C ALA F 43 -34.87 34.02 29.24
N ILE F 44 -35.81 33.07 29.26
CA ILE F 44 -37.05 33.24 28.50
C ILE F 44 -37.86 34.40 29.06
N CYS F 45 -38.04 34.42 30.39
CA CYS F 45 -38.77 35.52 31.08
C CYS F 45 -37.77 36.16 32.04
N ARG F 46 -37.48 37.46 31.87
CA ARG F 46 -36.53 38.16 32.73
C ARG F 46 -37.26 38.56 34.02
N ASN F 47 -37.38 37.58 34.92
CA ASN F 47 -37.97 37.79 36.22
C ASN F 47 -37.12 37.09 37.26
N HIS F 48 -37.48 37.29 38.53
CA HIS F 48 -36.83 36.54 39.60
C HIS F 48 -37.09 35.05 39.41
N ILE F 49 -36.10 34.23 39.76
CA ILE F 49 -36.16 32.81 39.46
C ILE F 49 -37.28 32.11 40.23
N MET F 50 -37.84 32.75 41.25
CA MET F 50 -38.88 32.14 42.07
C MET F 50 -40.13 33.03 42.11
N ASP F 51 -41.28 32.44 41.80
CA ASP F 51 -42.59 33.07 41.95
C ASP F 51 -42.70 34.41 41.23
N LEU F 52 -42.15 34.48 40.02
CA LEU F 52 -42.26 35.70 39.22
C LEU F 52 -42.04 35.33 37.77
N CYS F 53 -43.01 35.66 36.91
CA CYS F 53 -42.91 35.40 35.49
C CYS F 53 -43.75 36.41 34.74
N ILE F 54 -43.37 36.67 33.48
CA ILE F 54 -44.11 37.60 32.64
C ILE F 54 -45.29 36.91 31.99
N CYS F 68 -42.93 30.21 40.33
CA CYS F 68 -42.32 29.44 39.21
C CYS F 68 -41.03 28.76 39.69
N THR F 69 -41.11 27.50 40.14
CA THR F 69 -39.95 26.76 40.62
C THR F 69 -38.99 26.44 39.48
N VAL F 70 -37.72 26.27 39.83
CA VAL F 70 -36.69 25.93 38.86
C VAL F 70 -36.95 24.55 38.29
N ALA F 71 -36.89 24.43 36.96
CA ALA F 71 -37.16 23.17 36.29
C ALA F 71 -35.89 22.61 35.65
N TRP F 72 -35.73 21.30 35.70
CA TRP F 72 -34.55 20.63 35.15
C TRP F 72 -34.95 19.43 34.30
N GLY F 73 -34.09 19.11 33.33
CA GLY F 73 -34.30 17.98 32.45
C GLY F 73 -33.00 17.35 32.01
N VAL F 74 -33.04 16.57 30.93
CA VAL F 74 -31.81 15.99 30.38
C VAL F 74 -30.86 17.09 29.91
N CYS F 75 -31.40 18.06 29.20
CA CYS F 75 -30.59 19.20 28.75
C CYS F 75 -30.27 20.16 29.89
N ASN F 76 -30.98 20.04 31.03
CA ASN F 76 -30.67 20.80 32.24
C ASN F 76 -30.74 22.30 32.01
N HIS F 77 -31.89 22.77 31.54
CA HIS F 77 -32.13 24.20 31.35
C HIS F 77 -33.23 24.65 32.31
N ALA F 78 -32.97 25.75 33.01
CA ALA F 78 -33.84 26.22 34.07
C ALA F 78 -34.61 27.45 33.61
N PHE F 79 -35.94 27.38 33.72
CA PHE F 79 -36.81 28.51 33.42
C PHE F 79 -37.99 28.48 34.37
N HIS F 80 -38.78 29.55 34.35
CA HIS F 80 -39.89 29.68 35.29
C HIS F 80 -40.91 28.57 35.10
N PHE F 81 -41.37 27.99 36.21
CA PHE F 81 -42.23 26.82 36.12
C PHE F 81 -43.55 27.14 35.42
N HIS F 82 -44.13 28.30 35.71
CA HIS F 82 -45.28 28.74 34.93
C HIS F 82 -44.91 28.91 33.46
N CYS F 83 -43.74 29.51 33.21
CA CYS F 83 -43.25 29.61 31.84
C CYS F 83 -42.98 28.23 31.25
N ILE F 84 -42.46 27.30 32.04
CA ILE F 84 -42.26 25.93 31.57
C ILE F 84 -43.58 25.34 31.11
N SER F 85 -44.61 25.43 31.96
CA SER F 85 -45.89 24.82 31.63
C SER F 85 -46.52 25.48 30.40
N ARG F 86 -46.45 26.80 30.31
CA ARG F 86 -47.03 27.50 29.17
C ARG F 86 -46.30 27.14 27.88
N TRP F 87 -44.96 27.11 27.91
CA TRP F 87 -44.21 26.74 26.73
C TRP F 87 -44.52 25.31 26.32
N LEU F 88 -44.60 24.40 27.30
CA LEU F 88 -44.90 23.01 27.00
C LEU F 88 -46.27 22.86 26.35
N LYS F 89 -47.29 23.52 26.90
CA LYS F 89 -48.61 23.46 26.30
C LYS F 89 -48.64 24.14 24.94
N THR F 90 -47.70 25.05 24.68
CA THR F 90 -47.54 25.53 23.31
C THR F 90 -46.62 24.62 22.50
N ARG F 91 -45.46 24.26 23.05
CA ARG F 91 -44.49 23.42 22.36
C ARG F 91 -43.76 22.56 23.38
N GLN F 92 -43.93 21.24 23.27
CA GLN F 92 -43.37 20.31 24.25
C GLN F 92 -41.86 20.21 24.14
N VAL F 93 -41.26 20.76 23.09
CA VAL F 93 -39.82 20.68 22.87
C VAL F 93 -39.10 21.66 23.79
N CYS F 94 -37.79 21.49 23.94
CA CYS F 94 -37.02 22.35 24.82
C CYS F 94 -36.91 23.76 24.23
N PRO F 95 -37.08 24.80 25.04
CA PRO F 95 -36.97 26.17 24.51
C PRO F 95 -35.59 26.50 23.95
N LEU F 96 -34.55 25.77 24.34
CA LEU F 96 -33.20 26.14 23.92
C LEU F 96 -32.71 25.31 22.74
N ASP F 97 -32.77 23.98 22.83
CA ASP F 97 -32.28 23.13 21.74
C ASP F 97 -33.39 22.26 21.15
N ASN F 98 -34.65 22.55 21.49
CA ASN F 98 -35.80 21.82 20.97
C ASN F 98 -35.65 20.31 21.15
N ARG F 99 -35.27 19.92 22.36
CA ARG F 99 -35.24 18.53 22.78
C ARG F 99 -36.44 18.23 23.66
N GLU F 100 -36.68 16.94 23.90
CA GLU F 100 -37.77 16.54 24.78
C GLU F 100 -37.54 17.14 26.17
N TRP F 101 -38.62 17.57 26.81
CA TRP F 101 -38.55 18.16 28.14
C TRP F 101 -39.27 17.26 29.12
N GLU F 102 -38.50 16.59 29.97
CA GLU F 102 -39.03 15.86 31.11
C GLU F 102 -38.54 16.52 32.40
N PHE F 103 -39.42 16.62 33.38
CA PHE F 103 -39.07 17.25 34.66
C PHE F 103 -38.15 16.30 35.41
N GLN F 104 -36.84 16.51 35.26
CA GLN F 104 -35.83 15.75 35.99
C GLN F 104 -35.62 16.39 37.35
N LYS F 105 -35.92 15.64 38.41
CA LYS F 105 -35.84 16.13 39.78
C LYS F 105 -36.75 17.36 39.88
N TYR F 106 -36.22 18.55 40.11
CA TYR F 106 -37.04 19.76 40.20
C TYR F 106 -37.66 20.10 38.85
N SER G 149 -9.14 30.69 -81.14
CA SER G 149 -9.36 29.30 -80.73
C SER G 149 -8.08 28.54 -80.45
N ILE G 150 -6.92 29.06 -80.88
CA ILE G 150 -5.67 28.38 -80.57
C ILE G 150 -5.47 28.42 -79.05
N ALA G 151 -5.37 27.24 -78.45
CA ALA G 151 -5.46 27.07 -77.01
C ALA G 151 -4.09 26.75 -76.42
N ASN G 152 -4.08 26.57 -75.10
CA ASN G 152 -2.86 26.20 -74.38
C ASN G 152 -2.70 24.69 -74.40
N LYS G 153 -1.74 24.17 -73.63
CA LYS G 153 -1.57 22.72 -73.54
C LYS G 153 -2.80 22.07 -72.93
N TYR G 154 -3.42 22.72 -71.95
CA TYR G 154 -4.67 22.24 -71.36
C TYR G 154 -5.89 22.62 -72.18
N ASP G 155 -5.69 23.00 -73.44
CA ASP G 155 -6.78 23.26 -74.40
C ASP G 155 -7.72 24.36 -73.90
N ASN G 156 -7.18 25.32 -73.16
CA ASN G 156 -7.91 26.54 -72.81
C ASN G 156 -7.64 27.57 -73.89
N THR G 157 -8.66 27.88 -74.69
CA THR G 157 -8.51 28.84 -75.77
C THR G 157 -8.44 30.25 -75.20
N CYS G 158 -8.28 31.22 -76.10
CA CYS G 158 -8.20 32.62 -75.67
C CYS G 158 -9.50 33.06 -75.02
N LEU G 159 -10.64 32.69 -75.61
CA LEU G 159 -11.91 33.16 -75.07
C LEU G 159 -12.38 32.28 -73.90
N MET G 160 -11.81 31.08 -73.75
CA MET G 160 -12.02 30.32 -72.51
C MET G 160 -11.61 31.13 -71.29
N ILE G 161 -10.44 31.76 -71.33
CA ILE G 161 -9.96 32.49 -70.16
C ILE G 161 -10.58 33.88 -70.06
N ALA G 162 -11.19 34.39 -71.13
CA ALA G 162 -11.88 35.66 -71.05
C ALA G 162 -13.09 35.58 -70.12
N ALA G 163 -13.92 34.54 -70.28
CA ALA G 163 -15.09 34.40 -69.43
C ALA G 163 -14.74 34.01 -68.01
N TYR G 164 -13.49 33.62 -67.74
CA TYR G 164 -13.13 33.18 -66.39
C TYR G 164 -13.31 34.30 -65.37
N LYS G 165 -12.83 35.50 -65.70
CA LYS G 165 -12.99 36.64 -64.79
C LYS G 165 -14.43 37.11 -64.73
N GLY G 166 -15.10 37.19 -65.87
CA GLY G 166 -16.48 37.63 -65.92
C GLY G 166 -16.73 38.94 -66.64
N HIS G 167 -15.73 39.50 -67.33
CA HIS G 167 -15.91 40.75 -68.07
C HIS G 167 -16.67 40.45 -69.35
N THR G 168 -17.98 40.69 -69.33
CA THR G 168 -18.83 40.39 -70.47
C THR G 168 -18.49 41.22 -71.70
N ASP G 169 -17.90 42.40 -71.51
CA ASP G 169 -17.60 43.29 -72.64
C ASP G 169 -16.65 42.62 -73.63
N VAL G 170 -15.61 41.96 -73.11
CA VAL G 170 -14.68 41.25 -73.98
C VAL G 170 -15.38 40.07 -74.65
N VAL G 171 -16.14 39.29 -73.88
CA VAL G 171 -16.84 38.14 -74.43
C VAL G 171 -17.87 38.59 -75.46
N ARG G 172 -18.49 39.75 -75.23
CA ARG G 172 -19.47 40.27 -76.18
C ARG G 172 -18.84 40.51 -77.55
N TYR G 173 -17.63 41.04 -77.58
CA TYR G 173 -16.91 41.17 -78.84
C TYR G 173 -16.54 39.81 -79.42
N LEU G 174 -16.08 38.89 -78.56
CA LEU G 174 -15.57 37.61 -79.04
C LEU G 174 -16.64 36.80 -79.76
N LEU G 175 -17.83 36.66 -79.13
CA LEU G 175 -18.89 35.88 -79.75
C LEU G 175 -19.41 36.54 -81.02
N GLU G 176 -19.48 37.88 -81.03
CA GLU G 176 -19.91 38.57 -82.24
C GLU G 176 -18.88 38.46 -83.36
N GLN G 177 -17.67 38.02 -83.04
CA GLN G 177 -16.61 37.77 -84.03
C GLN G 177 -16.67 36.36 -84.63
N ARG G 178 -17.83 35.71 -84.57
N ARG G 178 -17.83 35.72 -84.59
CA ARG G 178 -18.03 34.38 -85.14
CA ARG G 178 -18.03 34.37 -85.15
C ARG G 178 -17.09 33.34 -84.53
C ARG G 178 -17.06 33.36 -84.54
N ALA G 179 -16.81 33.48 -83.24
CA ALA G 179 -15.96 32.51 -82.55
C ALA G 179 -16.83 31.49 -81.82
N ASP G 180 -16.40 30.23 -81.85
CA ASP G 180 -17.18 29.15 -81.27
C ASP G 180 -16.95 29.08 -79.76
N PRO G 181 -17.99 29.20 -78.94
CA PRO G 181 -17.81 29.05 -77.49
C PRO G 181 -17.81 27.62 -77.01
N ASN G 182 -17.87 26.64 -77.91
CA ASN G 182 -18.01 25.23 -77.54
C ASN G 182 -16.73 24.44 -77.75
N ALA G 183 -15.57 25.11 -77.81
CA ALA G 183 -14.31 24.38 -77.90
C ALA G 183 -14.05 23.61 -76.61
N LYS G 184 -13.61 22.36 -76.76
CA LYS G 184 -13.38 21.47 -75.64
C LYS G 184 -12.02 21.71 -75.03
N ALA G 185 -11.95 21.72 -73.70
CA ALA G 185 -10.70 21.87 -72.99
C ALA G 185 -9.96 20.54 -72.92
N HIS G 186 -8.91 20.51 -72.11
CA HIS G 186 -8.17 19.26 -71.89
C HIS G 186 -9.07 18.22 -71.23
N CYS G 187 -9.86 18.62 -70.25
CA CYS G 187 -10.87 17.71 -69.72
C CYS G 187 -12.08 17.65 -70.64
N GLY G 188 -12.40 18.76 -71.31
CA GLY G 188 -13.53 18.82 -72.21
C GLY G 188 -14.52 19.94 -71.92
N ALA G 189 -14.14 20.99 -71.21
CA ALA G 189 -15.07 22.04 -70.84
C ALA G 189 -15.37 22.95 -72.03
N THR G 190 -16.43 23.75 -71.89
CA THR G 190 -16.83 24.74 -72.87
C THR G 190 -17.10 26.06 -72.17
N ALA G 191 -17.20 27.13 -72.96
CA ALA G 191 -17.47 28.44 -72.38
C ALA G 191 -18.75 28.44 -71.56
N LEU G 192 -19.78 27.73 -72.06
CA LEU G 192 -20.99 27.54 -71.26
C LEU G 192 -20.68 26.78 -69.97
N HIS G 193 -19.86 25.73 -70.08
CA HIS G 193 -19.44 25.02 -68.87
C HIS G 193 -18.64 25.94 -67.94
N PHE G 194 -17.76 26.76 -68.52
CA PHE G 194 -17.12 27.80 -67.72
C PHE G 194 -18.15 28.80 -67.19
N ALA G 195 -19.12 29.18 -68.03
CA ALA G 195 -20.21 30.03 -67.55
C ALA G 195 -21.00 29.32 -66.47
N ALA G 196 -21.18 28.01 -66.59
CA ALA G 196 -21.83 27.24 -65.53
C ALA G 196 -21.01 27.29 -64.24
N GLU G 197 -19.68 27.18 -64.36
CA GLU G 197 -18.83 27.30 -63.18
C GLU G 197 -18.79 28.74 -62.69
N ALA G 198 -18.57 29.69 -63.60
CA ALA G 198 -18.47 31.10 -63.21
C ALA G 198 -19.79 31.60 -62.64
N GLY G 199 -20.90 31.26 -63.28
CA GLY G 199 -22.20 31.68 -62.82
C GLY G 199 -22.55 33.13 -63.10
N HIS G 200 -21.85 33.76 -64.04
CA HIS G 200 -22.12 35.14 -64.42
C HIS G 200 -23.28 35.16 -65.41
N ILE G 201 -24.43 35.67 -64.96
CA ILE G 201 -25.61 35.72 -65.82
C ILE G 201 -25.38 36.66 -66.99
N ASP G 202 -24.52 37.66 -66.81
CA ASP G 202 -24.27 38.64 -67.86
C ASP G 202 -23.66 37.99 -69.09
N ILE G 203 -22.64 37.14 -68.88
CA ILE G 203 -21.95 36.52 -70.00
C ILE G 203 -22.87 35.54 -70.71
N VAL G 204 -23.69 34.81 -69.96
CA VAL G 204 -24.56 33.80 -70.56
C VAL G 204 -25.52 34.44 -71.56
N LYS G 205 -25.89 35.69 -71.32
CA LYS G 205 -26.80 36.41 -72.22
C LYS G 205 -26.25 36.41 -73.65
N GLU G 206 -24.97 36.73 -73.79
CA GLU G 206 -24.34 36.66 -75.11
C GLU G 206 -24.22 35.23 -75.59
N LEU G 207 -23.96 34.30 -74.67
CA LEU G 207 -23.83 32.90 -75.05
C LEU G 207 -25.12 32.35 -75.63
N ILE G 208 -26.26 32.64 -74.99
CA ILE G 208 -27.54 32.20 -75.52
C ILE G 208 -27.83 32.88 -76.85
N LYS G 209 -27.40 34.13 -76.99
CA LYS G 209 -27.55 34.84 -78.25
C LYS G 209 -26.77 34.15 -79.37
N TRP G 210 -25.65 33.51 -79.03
CA TRP G 210 -24.82 32.82 -80.01
C TRP G 210 -24.87 31.30 -79.85
N ARG G 211 -25.96 30.76 -79.29
CA ARG G 211 -26.28 29.33 -79.31
C ARG G 211 -25.08 28.43 -78.95
N ALA G 212 -24.60 28.58 -77.72
CA ALA G 212 -23.59 27.67 -77.20
C ALA G 212 -24.20 26.30 -76.92
N ALA G 213 -23.36 25.27 -76.89
CA ALA G 213 -23.81 23.89 -76.81
C ALA G 213 -23.44 23.28 -75.46
N ILE G 214 -24.08 22.16 -75.13
CA ILE G 214 -23.82 21.44 -73.89
C ILE G 214 -22.81 20.33 -74.18
N VAL G 215 -21.71 20.33 -73.44
CA VAL G 215 -20.65 19.33 -73.59
C VAL G 215 -20.27 18.80 -72.22
N VAL G 216 -20.21 17.47 -72.10
CA VAL G 216 -19.74 16.81 -70.88
C VAL G 216 -18.26 16.53 -71.02
N ASN G 217 -17.48 16.96 -70.03
CA ASN G 217 -16.03 16.87 -70.09
C ASN G 217 -15.59 15.47 -69.67
N GLY G 218 -14.27 15.31 -69.47
CA GLY G 218 -13.75 14.00 -69.09
C GLY G 218 -14.12 13.60 -67.67
N HIS G 219 -14.41 14.59 -66.82
CA HIS G 219 -14.81 14.26 -65.45
C HIS G 219 -16.21 13.65 -65.39
N GLY G 220 -17.00 13.82 -66.45
CA GLY G 220 -18.33 13.24 -66.51
C GLY G 220 -19.42 14.06 -65.86
N MET G 221 -19.23 15.36 -65.69
CA MET G 221 -20.23 16.21 -65.05
C MET G 221 -20.89 17.11 -66.09
N THR G 222 -22.21 17.21 -66.03
CA THR G 222 -22.92 18.12 -66.91
C THR G 222 -22.79 19.54 -66.41
N PRO G 223 -22.74 20.51 -67.33
CA PRO G 223 -22.71 21.93 -66.89
C PRO G 223 -23.92 22.32 -66.06
N LEU G 224 -25.07 21.69 -66.31
CA LEU G 224 -26.25 21.97 -65.48
C LEU G 224 -26.01 21.57 -64.04
N LYS G 225 -25.32 20.45 -63.83
CA LYS G 225 -24.96 20.06 -62.46
C LYS G 225 -23.83 20.91 -61.94
N VAL G 226 -23.00 21.45 -62.85
CA VAL G 226 -21.90 22.33 -62.44
C VAL G 226 -22.46 23.59 -61.77
N ALA G 227 -23.51 24.16 -62.34
CA ALA G 227 -24.18 25.29 -61.69
C ALA G 227 -24.74 24.88 -60.34
N ALA G 228 -25.27 23.65 -60.24
CA ALA G 228 -25.72 23.15 -58.95
C ALA G 228 -24.56 23.02 -57.96
N GLU G 229 -23.41 22.51 -58.43
CA GLU G 229 -22.25 22.44 -57.56
C GLU G 229 -21.67 23.82 -57.29
N SER G 230 -21.76 24.73 -58.26
CA SER G 230 -21.29 26.10 -58.08
C SER G 230 -22.20 26.92 -57.17
N CYS G 231 -23.36 26.38 -56.80
CA CYS G 231 -24.31 27.07 -55.93
C CYS G 231 -24.78 28.39 -56.55
N LYS G 232 -25.09 28.35 -57.85
CA LYS G 232 -25.64 29.50 -58.56
C LYS G 232 -27.09 29.16 -58.91
N ALA G 233 -28.00 29.44 -57.96
CA ALA G 233 -29.42 29.14 -58.19
C ALA G 233 -29.97 29.99 -59.33
N ASP G 234 -29.51 31.24 -59.44
CA ASP G 234 -29.97 32.11 -60.51
C ASP G 234 -29.61 31.54 -61.88
N VAL G 235 -28.39 31.06 -62.03
CA VAL G 235 -27.98 30.45 -63.29
C VAL G 235 -28.77 29.17 -63.51
N VAL G 236 -29.07 28.42 -62.44
CA VAL G 236 -29.97 27.29 -62.56
C VAL G 236 -31.33 27.76 -63.06
N GLU G 237 -31.82 28.87 -62.51
CA GLU G 237 -33.10 29.41 -62.97
C GLU G 237 -33.07 29.75 -64.45
N LEU G 238 -31.97 30.35 -64.91
CA LEU G 238 -31.85 30.66 -66.33
C LEU G 238 -31.75 29.40 -67.18
N LEU G 239 -30.97 28.42 -66.73
CA LEU G 239 -30.81 27.20 -67.52
C LEU G 239 -32.05 26.33 -67.45
N LEU G 240 -32.75 26.33 -66.31
CA LEU G 240 -34.06 25.71 -66.29
C LEU G 240 -35.03 26.44 -67.21
N SER G 241 -34.80 27.74 -67.41
CA SER G 241 -35.56 28.50 -68.40
C SER G 241 -35.02 28.33 -69.81
N HIS G 242 -33.86 27.68 -69.97
CA HIS G 242 -33.30 27.47 -71.30
C HIS G 242 -34.19 26.55 -72.13
N ALA G 243 -34.24 26.83 -73.44
CA ALA G 243 -35.17 26.12 -74.31
C ALA G 243 -34.86 24.63 -74.39
N ASP G 244 -33.58 24.28 -74.54
CA ASP G 244 -33.16 22.89 -74.65
C ASP G 244 -32.49 22.46 -73.35
N CYS G 245 -33.01 21.40 -72.75
CA CYS G 245 -32.46 20.85 -71.52
C CYS G 245 -32.91 19.42 -71.38
N ASP G 246 -32.23 18.68 -70.50
CA ASP G 246 -32.55 17.29 -70.21
C ASP G 246 -32.93 17.16 -68.74
N ARG G 247 -34.11 16.57 -68.48
CA ARG G 247 -34.62 16.49 -67.12
C ARG G 247 -33.80 15.52 -66.27
N ARG G 248 -33.09 14.59 -66.93
CA ARG G 248 -32.27 13.63 -66.19
C ARG G 248 -31.22 14.33 -65.33
N SER G 249 -30.55 15.32 -65.90
CA SER G 249 -29.54 16.05 -65.14
C SER G 249 -30.17 17.01 -64.13
N ARG G 250 -31.37 17.52 -64.43
CA ARG G 250 -32.00 18.48 -63.53
C ARG G 250 -32.25 17.87 -62.15
N ILE G 251 -32.81 16.66 -62.12
CA ILE G 251 -33.00 15.98 -60.84
C ILE G 251 -31.65 15.67 -60.21
N GLU G 252 -30.71 15.18 -61.01
CA GLU G 252 -29.38 14.88 -60.51
C GLU G 252 -28.68 16.13 -59.99
N ALA G 253 -28.83 17.25 -60.69
CA ALA G 253 -28.23 18.50 -60.23
C ALA G 253 -28.87 18.99 -58.96
N LEU G 254 -30.21 18.98 -58.91
CA LEU G 254 -30.91 19.56 -57.75
C LEU G 254 -30.62 18.78 -56.47
N GLU G 255 -30.54 17.45 -56.57
CA GLU G 255 -30.16 16.66 -55.40
C GLU G 255 -28.76 17.02 -54.93
N LEU G 256 -27.83 17.21 -55.87
CA LEU G 256 -26.49 17.66 -55.52
C LEU G 256 -26.49 19.13 -55.13
N LEU G 257 -27.39 19.93 -55.72
CA LEU G 257 -27.52 21.33 -55.33
C LEU G 257 -27.93 21.45 -53.87
N GLY G 258 -28.87 20.62 -53.43
CA GLY G 258 -29.22 20.59 -52.02
C GLY G 258 -28.06 20.15 -51.14
N ALA G 259 -27.32 19.12 -51.58
CA ALA G 259 -26.13 18.71 -50.84
C ALA G 259 -24.99 19.70 -51.02
N SER G 260 -25.06 20.57 -52.01
CA SER G 260 -23.99 21.56 -52.20
C SER G 260 -23.99 22.60 -51.08
N PHE G 261 -25.17 23.15 -50.77
CA PHE G 261 -25.24 24.18 -49.74
C PHE G 261 -25.01 23.60 -48.35
N ALA G 262 -25.55 22.41 -48.07
CA ALA G 262 -25.39 21.80 -46.76
C ALA G 262 -23.92 21.55 -46.45
N ASN G 263 -23.16 21.08 -47.43
CA ASN G 263 -21.75 20.78 -47.26
C ASN G 263 -20.86 21.97 -47.60
N ASP G 264 -21.43 23.12 -47.90
CA ASP G 264 -20.64 24.27 -48.32
C ASP G 264 -19.81 24.81 -47.16
N ARG G 265 -18.54 25.10 -47.45
CA ARG G 265 -17.63 25.56 -46.40
C ARG G 265 -18.04 26.93 -45.87
N GLU G 266 -18.39 27.85 -46.76
CA GLU G 266 -18.60 29.24 -46.39
C GLU G 266 -20.03 29.71 -46.59
N ASN G 267 -20.68 29.34 -47.69
CA ASN G 267 -22.04 29.76 -47.98
C ASN G 267 -23.06 28.70 -47.60
N TYR G 268 -22.82 27.97 -46.52
CA TYR G 268 -23.74 26.94 -46.07
C TYR G 268 -25.09 27.54 -45.68
N ASP G 269 -26.16 26.86 -46.06
CA ASP G 269 -27.52 27.28 -45.71
C ASP G 269 -28.36 26.05 -45.47
N ILE G 270 -28.98 25.95 -44.28
CA ILE G 270 -29.85 24.83 -43.99
C ILE G 270 -31.22 25.05 -44.61
N ILE G 271 -31.60 26.30 -44.83
CA ILE G 271 -32.87 26.59 -45.51
C ILE G 271 -32.83 26.08 -46.94
N LYS G 272 -31.75 26.40 -47.66
CA LYS G 272 -31.58 25.88 -49.01
C LYS G 272 -31.32 24.38 -49.00
N THR G 273 -30.85 23.84 -47.87
CA THR G 273 -30.62 22.40 -47.77
C THR G 273 -31.94 21.64 -47.87
N TYR G 274 -32.94 22.04 -47.07
CA TYR G 274 -34.23 21.38 -47.13
C TYR G 274 -35.03 21.79 -48.37
N HIS G 275 -34.99 23.08 -48.72
CA HIS G 275 -35.85 23.59 -49.78
C HIS G 275 -35.54 22.93 -51.12
N TYR G 276 -34.26 22.79 -51.43
CA TYR G 276 -33.88 22.25 -52.73
C TYR G 276 -33.80 20.73 -52.73
N LEU G 277 -33.51 20.10 -51.59
CA LEU G 277 -33.61 18.65 -51.50
C LEU G 277 -35.06 18.19 -51.57
N TYR G 278 -35.97 18.98 -50.99
CA TYR G 278 -37.39 18.63 -51.06
C TYR G 278 -37.95 18.85 -52.45
N LEU G 279 -37.55 19.96 -53.11
CA LEU G 279 -38.01 20.22 -54.47
C LEU G 279 -37.53 19.13 -55.42
N ALA G 280 -36.26 18.73 -55.30
CA ALA G 280 -35.75 17.63 -56.11
C ALA G 280 -36.47 16.32 -55.77
N MET G 281 -36.74 16.08 -54.50
CA MET G 281 -37.43 14.87 -54.10
C MET G 281 -38.85 14.85 -54.66
N LEU G 282 -39.52 15.99 -54.65
CA LEU G 282 -40.85 16.07 -55.24
C LEU G 282 -40.80 15.91 -56.75
N GLU G 283 -39.70 16.33 -57.38
CA GLU G 283 -39.51 16.03 -58.80
C GLU G 283 -39.47 14.53 -59.05
N ARG G 284 -38.87 13.77 -58.12
CA ARG G 284 -38.91 12.31 -58.22
C ARG G 284 -40.32 11.79 -58.07
N PHE G 285 -41.08 12.34 -57.11
CA PHE G 285 -42.47 11.95 -56.91
C PHE G 285 -43.46 12.93 -57.52
N GLN G 286 -43.02 13.72 -58.51
CA GLN G 286 -43.96 14.52 -59.28
C GLN G 286 -44.98 13.66 -60.01
N ASP G 287 -44.66 12.40 -60.30
CA ASP G 287 -45.52 11.48 -61.03
C ASP G 287 -45.72 10.21 -60.22
N GLY G 288 -46.99 9.81 -60.08
CA GLY G 288 -47.26 8.54 -59.42
C GLY G 288 -46.93 7.34 -60.31
N ASP G 289 -46.98 7.54 -61.63
CA ASP G 289 -46.71 6.45 -62.56
C ASP G 289 -45.26 5.98 -62.45
N ASN G 290 -44.32 6.91 -62.49
CA ASN G 290 -42.90 6.60 -62.33
C ASN G 290 -42.47 7.01 -60.93
N ILE G 291 -41.96 6.05 -60.17
CA ILE G 291 -41.60 6.26 -58.77
C ILE G 291 -40.09 6.14 -58.67
N LEU G 292 -39.41 7.28 -58.49
CA LEU G 292 -37.96 7.30 -58.40
C LEU G 292 -37.56 7.26 -56.92
N GLU G 293 -36.83 6.22 -56.54
CA GLU G 293 -36.33 6.06 -55.19
C GLU G 293 -34.83 6.35 -55.18
N LYS G 294 -34.41 7.27 -54.31
CA LYS G 294 -32.99 7.53 -54.16
C LYS G 294 -32.29 6.28 -53.63
N GLU G 295 -31.43 5.69 -54.46
CA GLU G 295 -30.77 4.45 -54.10
C GLU G 295 -29.93 4.63 -52.85
N VAL G 296 -30.05 3.68 -51.92
CA VAL G 296 -29.29 3.72 -50.68
C VAL G 296 -27.86 3.28 -50.96
N LEU G 297 -26.93 3.69 -50.10
CA LEU G 297 -25.54 3.27 -50.18
C LEU G 297 -25.22 2.36 -49.01
N PRO G 298 -24.23 1.48 -49.15
CA PRO G 298 -23.89 0.58 -48.04
C PRO G 298 -23.52 1.34 -46.79
N PRO G 299 -23.97 0.89 -45.62
CA PRO G 299 -23.60 1.58 -44.38
C PRO G 299 -22.10 1.55 -44.15
N ILE G 300 -21.57 2.66 -43.63
CA ILE G 300 -20.14 2.84 -43.44
C ILE G 300 -19.91 3.33 -42.02
N HIS G 301 -18.81 2.85 -41.41
CA HIS G 301 -18.42 3.37 -40.11
C HIS G 301 -18.21 4.88 -40.17
N ALA G 302 -17.67 5.37 -41.29
CA ALA G 302 -17.61 6.81 -41.51
C ALA G 302 -19.00 7.42 -41.59
N TYR G 303 -19.94 6.74 -42.24
CA TYR G 303 -21.30 7.24 -42.39
C TYR G 303 -22.18 6.93 -41.18
N GLY G 304 -21.67 6.20 -40.20
CA GLY G 304 -22.46 5.88 -39.02
C GLY G 304 -23.69 5.03 -39.34
N ASN G 305 -23.59 4.16 -40.34
CA ASN G 305 -24.67 3.24 -40.70
C ASN G 305 -25.96 3.99 -41.05
N ARG G 306 -25.87 4.91 -41.99
CA ARG G 306 -27.03 5.64 -42.48
C ARG G 306 -27.27 5.28 -43.95
N THR G 307 -28.55 5.13 -44.31
CA THR G 307 -28.95 4.83 -45.67
C THR G 307 -29.60 6.06 -46.30
N GLU G 308 -29.47 6.17 -47.62
CA GLU G 308 -30.04 7.30 -48.35
C GLU G 308 -31.56 7.32 -48.22
N CYS G 309 -32.11 8.50 -47.95
CA CYS G 309 -33.54 8.64 -47.77
C CYS G 309 -34.27 8.39 -49.08
N ARG G 310 -35.47 7.80 -48.99
CA ARG G 310 -36.22 7.40 -50.16
C ARG G 310 -37.60 8.07 -50.30
N ASN G 311 -38.10 8.73 -49.26
CA ASN G 311 -39.44 9.30 -49.32
C ASN G 311 -39.43 10.69 -48.69
N PRO G 312 -40.39 11.55 -49.07
CA PRO G 312 -40.50 12.85 -48.39
C PRO G 312 -40.79 12.72 -46.90
N GLN G 313 -41.55 11.70 -46.49
CA GLN G 313 -41.84 11.50 -45.07
C GLN G 313 -40.57 11.39 -44.26
N GLU G 314 -39.56 10.68 -44.78
CA GLU G 314 -38.26 10.68 -44.14
C GLU G 314 -37.63 12.08 -44.15
N LEU G 315 -37.73 12.78 -45.28
CA LEU G 315 -37.19 14.13 -45.36
C LEU G 315 -37.98 15.09 -44.47
N GLU G 316 -39.30 14.95 -44.44
CA GLU G 316 -40.12 15.81 -43.59
C GLU G 316 -39.85 15.59 -42.12
N SER G 317 -39.60 14.35 -41.70
CA SER G 317 -39.37 14.06 -40.30
C SER G 317 -37.99 14.50 -39.83
N ILE G 318 -37.03 14.66 -40.76
CA ILE G 318 -35.66 15.01 -40.40
C ILE G 318 -35.35 16.48 -40.66
N ARG G 319 -36.37 17.31 -40.89
CA ARG G 319 -36.13 18.75 -40.96
C ARG G 319 -35.70 19.31 -39.61
N GLN G 320 -35.97 18.60 -38.52
CA GLN G 320 -35.66 19.10 -37.19
C GLN G 320 -34.16 19.04 -36.91
N ASP G 321 -33.51 17.92 -37.26
CA ASP G 321 -32.10 17.71 -36.94
C ASP G 321 -31.26 18.27 -38.08
N ARG G 322 -30.45 19.28 -37.76
CA ARG G 322 -29.60 19.91 -38.78
C ARG G 322 -28.55 18.94 -39.32
N ASP G 323 -27.93 18.16 -38.43
CA ASP G 323 -26.89 17.24 -38.87
C ASP G 323 -27.45 16.14 -39.76
N ALA G 324 -28.70 15.73 -39.52
CA ALA G 324 -29.32 14.73 -40.39
C ALA G 324 -29.45 15.25 -41.81
N LEU G 325 -29.85 16.51 -41.97
CA LEU G 325 -29.82 17.13 -43.28
C LEU G 325 -28.40 17.23 -43.81
N HIS G 326 -27.44 17.53 -42.93
CA HIS G 326 -26.04 17.42 -43.31
C HIS G 326 -25.67 16.00 -43.71
N MET G 327 -26.11 15.02 -42.91
CA MET G 327 -25.59 13.67 -43.04
C MET G 327 -26.12 13.00 -44.30
N GLU G 328 -27.39 13.26 -44.64
CA GLU G 328 -27.96 12.67 -45.85
C GLU G 328 -27.27 13.19 -47.11
N GLY G 329 -26.86 14.46 -47.10
CA GLY G 329 -26.30 15.05 -48.31
C GLY G 329 -25.03 14.36 -48.80
N LEU G 330 -24.20 13.88 -47.87
CA LEU G 330 -22.97 13.20 -48.28
C LEU G 330 -23.27 11.94 -49.08
N ILE G 331 -24.30 11.20 -48.68
CA ILE G 331 -24.65 9.97 -49.40
C ILE G 331 -25.06 10.29 -50.83
N VAL G 332 -25.81 11.38 -51.02
CA VAL G 332 -26.22 11.79 -52.36
C VAL G 332 -25.00 12.11 -53.21
N ARG G 333 -24.06 12.87 -52.66
CA ARG G 333 -22.85 13.20 -53.40
C ARG G 333 -22.00 11.96 -53.65
N GLU G 334 -21.88 11.09 -52.65
CA GLU G 334 -21.08 9.87 -52.82
C GLU G 334 -21.71 8.94 -53.86
N ARG G 335 -23.04 8.78 -53.82
CA ARG G 335 -23.70 7.88 -54.75
C ARG G 335 -23.59 8.36 -56.19
N ILE G 336 -23.72 9.67 -56.40
CA ILE G 336 -23.76 10.19 -57.76
C ILE G 336 -22.36 10.33 -58.34
N LEU G 337 -21.43 10.89 -57.57
CA LEU G 337 -20.10 11.21 -58.07
C LEU G 337 -19.11 10.06 -57.92
N GLY G 338 -19.55 8.91 -57.41
CA GLY G 338 -18.66 7.78 -57.31
C GLY G 338 -18.19 7.29 -58.67
N ALA G 339 -19.12 7.16 -59.61
CA ALA G 339 -18.75 6.75 -60.96
C ALA G 339 -17.84 7.78 -61.62
N ASP G 340 -18.15 9.06 -61.49
CA ASP G 340 -17.29 10.11 -62.00
C ASP G 340 -15.97 10.12 -61.26
N ASN G 341 -14.89 10.45 -61.98
CA ASN G 341 -13.57 10.62 -61.37
C ASN G 341 -13.48 12.02 -60.79
N ILE G 342 -14.43 12.34 -59.91
CA ILE G 342 -14.58 13.66 -59.32
C ILE G 342 -14.56 13.51 -57.81
N ASP G 343 -13.71 14.28 -57.15
CA ASP G 343 -13.54 14.16 -55.71
C ASP G 343 -14.73 14.75 -54.97
N VAL G 344 -14.95 14.25 -53.75
CA VAL G 344 -15.97 14.76 -52.85
C VAL G 344 -15.29 15.04 -51.51
N SER G 345 -13.97 15.22 -51.55
CA SER G 345 -13.20 15.35 -50.33
C SER G 345 -13.49 16.67 -49.62
N HIS G 346 -13.66 17.76 -50.37
CA HIS G 346 -13.86 19.06 -49.75
C HIS G 346 -15.03 19.10 -48.76
N PRO G 347 -16.21 18.54 -49.07
CA PRO G 347 -17.27 18.51 -48.05
C PRO G 347 -16.87 17.77 -46.79
N ILE G 348 -16.15 16.66 -46.91
CA ILE G 348 -15.82 15.85 -45.74
C ILE G 348 -14.85 16.59 -44.83
N ILE G 349 -13.90 17.32 -45.42
CA ILE G 349 -12.98 18.14 -44.62
C ILE G 349 -13.76 19.21 -43.89
N TYR G 350 -14.75 19.82 -44.55
CA TYR G 350 -15.59 20.82 -43.89
C TYR G 350 -16.35 20.21 -42.72
N ARG G 351 -16.90 19.01 -42.91
CA ARG G 351 -17.63 18.35 -41.85
C ARG G 351 -16.72 18.03 -40.66
N GLY G 352 -15.52 17.52 -40.94
CA GLY G 352 -14.60 17.20 -39.87
C GLY G 352 -14.09 18.44 -39.14
N ALA G 353 -13.78 19.50 -39.90
CA ALA G 353 -13.27 20.72 -39.28
C ALA G 353 -14.28 21.32 -38.31
N VAL G 354 -15.55 21.33 -38.70
CA VAL G 354 -16.60 21.74 -37.77
C VAL G 354 -16.68 20.78 -36.60
N TYR G 355 -16.60 19.47 -36.87
CA TYR G 355 -16.57 18.49 -35.80
C TYR G 355 -15.32 18.67 -34.93
N ALA G 356 -14.19 19.02 -35.56
CA ALA G 356 -13.00 19.38 -34.78
C ALA G 356 -13.29 20.56 -33.88
N ASP G 357 -14.13 21.50 -34.35
CA ASP G 357 -14.56 22.60 -33.51
C ASP G 357 -15.65 22.18 -32.53
N ASN G 358 -16.32 21.06 -32.78
CA ASN G 358 -17.42 20.59 -31.95
C ASN G 358 -17.02 19.44 -31.03
N MET G 359 -15.74 19.15 -30.88
CA MET G 359 -15.23 18.06 -30.06
C MET G 359 -15.73 16.70 -30.52
N GLU G 360 -16.24 16.60 -31.75
CA GLU G 360 -16.69 15.32 -32.30
C GLU G 360 -15.55 14.63 -33.04
N PHE G 361 -14.45 14.45 -32.30
CA PHE G 361 -13.24 13.87 -32.88
C PHE G 361 -13.46 12.42 -33.34
N GLU G 362 -14.39 11.72 -32.70
CA GLU G 362 -14.70 10.35 -33.14
C GLU G 362 -15.21 10.34 -34.58
N GLN G 363 -16.10 11.28 -34.92
CA GLN G 363 -16.70 11.28 -36.24
C GLN G 363 -15.73 11.79 -37.30
N CYS G 364 -14.98 12.87 -36.98
CA CYS G 364 -14.10 13.46 -37.98
C CYS G 364 -13.01 12.50 -38.40
N ILE G 365 -12.47 11.72 -37.47
CA ILE G 365 -11.44 10.74 -37.81
C ILE G 365 -11.99 9.72 -38.80
N LYS G 366 -13.18 9.19 -38.51
CA LYS G 366 -13.77 8.20 -39.41
C LYS G 366 -14.18 8.83 -40.74
N LEU G 367 -14.73 10.05 -40.70
CA LEU G 367 -15.10 10.73 -41.93
C LEU G 367 -13.87 10.97 -42.81
N TRP G 368 -12.78 11.44 -42.21
CA TRP G 368 -11.55 11.61 -42.97
C TRP G 368 -10.99 10.26 -43.40
N LEU G 369 -11.23 9.20 -42.62
CA LEU G 369 -10.73 7.88 -42.99
C LEU G 369 -11.27 7.46 -44.35
N HIS G 370 -12.58 7.61 -44.56
CA HIS G 370 -13.13 7.39 -45.90
C HIS G 370 -12.61 8.44 -46.87
N ALA G 371 -12.45 9.67 -46.42
CA ALA G 371 -11.85 10.70 -47.28
C ALA G 371 -10.42 10.36 -47.63
N LEU G 372 -9.72 9.64 -46.75
CA LEU G 372 -8.44 9.06 -47.13
C LEU G 372 -8.61 8.10 -48.29
N HIS G 373 -9.63 7.25 -48.22
CA HIS G 373 -9.93 6.35 -49.33
C HIS G 373 -10.37 7.12 -50.57
N LEU G 374 -11.14 8.19 -50.39
CA LEU G 374 -11.57 8.99 -51.54
C LEU G 374 -10.38 9.55 -52.30
N ARG G 375 -9.33 9.96 -51.59
CA ARG G 375 -8.11 10.41 -52.27
C ARG G 375 -7.46 9.27 -53.02
N GLN G 376 -7.58 8.04 -52.50
CA GLN G 376 -6.94 6.89 -53.12
C GLN G 376 -7.63 6.48 -54.42
N LYS G 377 -8.96 6.46 -54.45
CA LYS G 377 -9.67 6.14 -55.69
C LYS G 377 -9.32 7.13 -56.79
N GLY G 378 -9.13 8.40 -56.45
CA GLY G 378 -8.74 9.37 -57.43
C GLY G 378 -7.26 9.40 -57.75
N ASN G 379 -6.46 8.54 -57.12
CA ASN G 379 -5.02 8.48 -57.35
C ASN G 379 -4.38 9.84 -57.09
N ARG G 380 -4.91 10.54 -56.09
CA ARG G 380 -4.47 11.88 -55.73
C ARG G 380 -3.66 11.81 -54.45
N ASN G 381 -2.56 12.57 -54.41
CA ASN G 381 -1.63 12.49 -53.30
C ASN G 381 -2.33 12.80 -51.99
N THR G 382 -2.20 11.90 -51.04
CA THR G 382 -2.79 12.04 -49.72
C THR G 382 -1.83 12.71 -48.74
N HIS G 383 -0.59 12.94 -49.16
CA HIS G 383 0.42 13.50 -48.25
C HIS G 383 -0.02 14.84 -47.69
N LYS G 384 -0.62 15.69 -48.53
CA LYS G 384 -1.18 16.94 -48.02
C LYS G 384 -2.31 16.67 -47.04
N ASP G 385 -3.18 15.71 -47.37
CA ASP G 385 -4.19 15.27 -46.42
C ASP G 385 -3.55 14.62 -45.20
N LEU G 386 -2.46 13.89 -45.42
CA LEU G 386 -1.73 13.31 -44.30
C LEU G 386 -1.01 14.38 -43.48
N LEU G 387 -0.55 15.44 -44.14
CA LEU G 387 0.12 16.53 -43.44
C LEU G 387 -0.80 17.13 -42.37
N ARG G 388 -2.03 17.46 -42.76
CA ARG G 388 -2.99 17.93 -41.78
C ARG G 388 -3.47 16.81 -40.87
N PHE G 389 -3.43 15.57 -41.36
CA PHE G 389 -3.91 14.44 -40.56
C PHE G 389 -3.11 14.31 -39.27
N ALA G 390 -1.79 14.36 -39.35
CA ALA G 390 -0.97 14.24 -38.16
C ALA G 390 -1.18 15.41 -37.22
N GLN G 391 -1.32 16.62 -37.75
CA GLN G 391 -1.47 17.80 -36.92
C GLN G 391 -2.73 17.74 -36.08
N VAL G 392 -3.75 17.01 -36.54
CA VAL G 392 -4.98 16.87 -35.77
C VAL G 392 -4.68 16.20 -34.42
N PHE G 393 -3.95 15.08 -34.46
CA PHE G 393 -3.58 14.42 -33.21
C PHE G 393 -2.66 15.28 -32.38
N SER G 394 -1.93 16.20 -33.02
CA SER G 394 -0.90 16.96 -32.33
C SER G 394 -1.46 17.82 -31.21
N GLN G 395 -2.69 18.31 -31.36
CA GLN G 395 -3.27 19.17 -30.33
C GLN G 395 -3.83 18.35 -29.18
N MET G 396 -4.83 17.50 -29.47
CA MET G 396 -5.61 16.88 -28.42
C MET G 396 -4.81 15.85 -27.63
N ILE G 397 -3.82 15.21 -28.24
CA ILE G 397 -2.92 14.34 -27.49
C ILE G 397 -2.15 15.15 -26.46
N HIS G 398 -1.68 16.34 -26.84
CA HIS G 398 -1.07 17.24 -25.85
C HIS G 398 -2.08 17.64 -24.79
N LEU G 399 -3.33 17.88 -25.19
CA LEU G 399 -4.38 18.22 -24.25
C LEU G 399 -4.85 17.01 -23.43
N ASN G 400 -4.38 15.80 -23.76
CA ASN G 400 -4.65 14.60 -22.97
C ASN G 400 -6.15 14.31 -22.86
N GLU G 401 -6.91 14.68 -23.90
CA GLU G 401 -8.35 14.46 -23.89
C GLU G 401 -8.63 12.98 -23.68
N THR G 402 -8.23 12.17 -24.66
CA THR G 402 -8.36 10.73 -24.60
C THR G 402 -7.24 10.07 -25.41
N VAL G 403 -6.59 9.08 -24.82
CA VAL G 403 -5.51 8.35 -25.48
C VAL G 403 -5.84 6.87 -25.44
N LYS G 404 -7.14 6.57 -25.42
CA LYS G 404 -7.62 5.22 -25.09
C LYS G 404 -7.16 4.15 -26.09
N ALA G 405 -7.32 4.38 -27.39
CA ALA G 405 -7.26 3.31 -28.37
C ALA G 405 -6.08 3.49 -29.32
N PRO G 406 -5.01 2.71 -29.16
CA PRO G 406 -3.92 2.70 -30.15
C PRO G 406 -4.16 1.78 -31.34
N ASP G 407 -5.18 0.91 -31.28
CA ASP G 407 -5.48 0.05 -32.42
C ASP G 407 -5.91 0.85 -33.63
N ILE G 408 -6.50 2.02 -33.42
CA ILE G 408 -6.79 2.91 -34.54
C ILE G 408 -5.49 3.41 -35.17
N GLU G 409 -4.49 3.73 -34.34
CA GLU G 409 -3.21 4.16 -34.85
C GLU G 409 -2.60 3.10 -35.77
N CYS G 410 -2.86 1.83 -35.49
CA CYS G 410 -2.45 0.76 -36.40
C CYS G 410 -3.09 0.95 -37.77
N VAL G 411 -4.38 1.30 -37.79
CA VAL G 411 -5.06 1.56 -39.05
C VAL G 411 -4.45 2.78 -39.73
N LEU G 412 -4.13 3.82 -38.95
CA LEU G 412 -3.51 5.01 -39.52
C LEU G 412 -2.16 4.68 -40.13
N ARG G 413 -1.31 3.95 -39.39
CA ARG G 413 0.03 3.67 -39.89
C ARG G 413 0.00 2.64 -41.01
N CYS G 414 -0.89 1.65 -40.92
CA CYS G 414 -1.07 0.74 -42.05
C CYS G 414 -1.53 1.51 -43.28
N SER G 415 -2.35 2.55 -43.07
CA SER G 415 -2.75 3.39 -44.19
C SER G 415 -1.57 4.10 -44.82
N VAL G 416 -0.70 4.70 -43.99
CA VAL G 416 0.44 5.43 -44.52
C VAL G 416 1.57 4.50 -44.93
N LEU G 417 1.45 3.20 -44.62
CA LEU G 417 2.46 2.24 -45.05
C LEU G 417 2.64 2.27 -46.56
N GLU G 418 1.58 1.91 -47.30
CA GLU G 418 1.67 1.90 -48.76
C GLU G 418 1.78 3.30 -49.31
N ILE G 419 1.34 4.31 -48.56
CA ILE G 419 1.50 5.68 -49.00
C ILE G 419 2.98 6.03 -49.14
N GLU G 420 3.74 5.75 -48.09
CA GLU G 420 5.19 5.90 -48.18
C GLU G 420 5.77 4.98 -49.25
N GLN G 421 5.29 3.73 -49.29
CA GLN G 421 5.67 2.82 -50.37
C GLN G 421 5.32 3.43 -51.73
N SER G 422 4.09 3.91 -51.87
CA SER G 422 3.72 4.63 -53.09
C SER G 422 4.58 5.88 -53.25
N MET G 423 4.83 6.60 -52.16
CA MET G 423 5.74 7.73 -52.20
C MET G 423 7.12 7.26 -52.65
N ASN G 424 7.59 6.14 -52.09
CA ASN G 424 8.81 5.52 -52.60
C ASN G 424 8.62 5.04 -54.03
N ARG G 425 7.46 4.44 -54.32
CA ARG G 425 7.18 4.02 -55.69
C ARG G 425 7.12 5.22 -56.63
N VAL G 426 6.58 6.34 -56.15
CA VAL G 426 6.63 7.58 -56.93
C VAL G 426 8.08 7.99 -57.18
N LYS G 427 8.93 7.83 -56.16
CA LYS G 427 10.36 8.09 -56.35
C LYS G 427 10.93 7.18 -57.42
N ASN G 428 10.45 5.94 -57.50
CA ASN G 428 10.88 5.05 -58.57
C ASN G 428 10.34 5.50 -59.92
N ILE G 429 9.20 6.18 -59.93
CA ILE G 429 8.60 6.62 -61.18
C ILE G 429 9.45 7.71 -61.83
N SER G 430 9.84 8.72 -61.06
CA SER G 430 10.58 9.87 -61.58
C SER G 430 11.82 10.11 -60.74
N ASP G 431 12.90 10.55 -61.39
CA ASP G 431 14.17 10.76 -60.72
C ASP G 431 14.52 12.24 -60.51
N ALA G 432 14.45 13.04 -61.58
CA ALA G 432 14.74 14.46 -61.44
C ALA G 432 13.58 15.24 -60.82
N ASP G 433 12.34 14.86 -61.14
CA ASP G 433 11.18 15.60 -60.69
C ASP G 433 10.85 15.39 -59.22
N VAL G 434 11.41 14.36 -58.59
CA VAL G 434 11.14 14.07 -57.19
C VAL G 434 12.03 14.92 -56.27
N HIS G 435 12.76 15.88 -56.82
CA HIS G 435 13.58 16.77 -56.01
C HIS G 435 12.75 17.44 -54.91
N ASN G 436 11.65 18.07 -55.29
CA ASN G 436 10.75 18.64 -54.29
C ASN G 436 9.96 17.55 -53.57
N ALA G 437 9.74 16.41 -54.22
CA ALA G 437 9.07 15.31 -53.56
C ALA G 437 9.90 14.75 -52.42
N MET G 438 11.23 14.86 -52.50
CA MET G 438 12.08 14.44 -51.40
C MET G 438 11.65 15.08 -50.10
N ASP G 439 11.42 16.40 -50.11
CA ASP G 439 10.96 17.09 -48.91
C ASP G 439 9.63 16.52 -48.43
N ASN G 440 8.68 16.34 -49.35
CA ASN G 440 7.44 15.67 -49.01
C ASN G 440 7.71 14.24 -48.57
N TYR G 441 8.63 13.55 -49.25
CA TYR G 441 9.10 12.25 -48.78
C TYR G 441 9.73 12.37 -47.40
N GLU G 442 10.57 13.39 -47.21
CA GLU G 442 11.11 13.65 -45.87
C GLU G 442 10.00 13.99 -44.89
N CYS G 443 9.02 14.76 -45.33
CA CYS G 443 7.87 15.06 -44.48
C CYS G 443 7.19 13.78 -44.03
N ASN G 444 6.93 12.86 -44.97
CA ASN G 444 6.38 11.56 -44.59
C ASN G 444 7.31 10.85 -43.62
N LEU G 445 8.61 10.92 -43.86
CA LEU G 445 9.57 10.40 -42.90
C LEU G 445 9.42 11.10 -41.56
N TYR G 446 9.23 12.42 -41.58
CA TYR G 446 9.04 13.15 -40.33
C TYR G 446 7.77 12.68 -39.62
N THR G 447 6.69 12.48 -40.37
CA THR G 447 5.45 12.00 -39.77
C THR G 447 5.68 10.69 -39.04
N PHE G 448 6.56 9.84 -39.59
CA PHE G 448 6.90 8.59 -38.94
C PHE G 448 7.36 8.83 -37.52
N LEU G 449 8.27 9.79 -37.34
CA LEU G 449 8.74 10.16 -36.01
C LEU G 449 7.59 10.70 -35.18
N TYR G 450 6.81 11.61 -35.75
CA TYR G 450 5.68 12.17 -35.03
C TYR G 450 4.65 11.09 -34.71
N LEU G 451 4.42 10.18 -35.65
CA LEU G 451 3.58 9.02 -35.35
C LEU G 451 4.20 8.19 -34.23
N VAL G 452 5.53 8.02 -34.28
CA VAL G 452 6.22 7.34 -33.18
C VAL G 452 6.07 8.15 -31.90
N CYS G 453 6.19 9.48 -31.99
CA CYS G 453 5.95 10.33 -30.83
C CYS G 453 4.58 10.04 -30.21
N ILE G 454 3.55 9.96 -31.05
CA ILE G 454 2.25 9.51 -30.57
C ILE G 454 2.33 8.05 -30.12
N SER G 455 2.99 7.21 -30.90
CA SER G 455 3.11 5.80 -30.55
C SER G 455 3.83 5.62 -29.22
N THR G 456 4.84 6.45 -28.97
CA THR G 456 5.53 6.37 -27.69
C THR G 456 4.62 6.70 -26.53
N LYS G 457 3.81 7.76 -26.67
CA LYS G 457 2.97 8.21 -25.56
C LYS G 457 1.82 7.25 -25.31
N THR G 458 1.18 6.76 -26.37
CA THR G 458 0.09 5.82 -26.21
C THR G 458 0.62 4.45 -25.79
N GLN G 459 -0.14 3.75 -24.97
CA GLN G 459 0.24 2.44 -24.46
C GLN G 459 -0.96 1.52 -24.44
N CYS G 460 -0.73 0.23 -24.69
CA CYS G 460 -1.78 -0.77 -24.70
C CYS G 460 -1.15 -2.15 -24.58
N SER G 461 -1.94 -3.18 -24.85
CA SER G 461 -1.45 -4.55 -24.82
C SER G 461 -0.40 -4.75 -25.91
N GLU G 462 0.52 -5.69 -25.65
CA GLU G 462 1.64 -5.92 -26.54
C GLU G 462 1.20 -6.33 -27.94
N GLU G 463 0.00 -6.92 -28.08
CA GLU G 463 -0.47 -7.35 -29.38
C GLU G 463 -0.63 -6.17 -30.34
N ASP G 464 -1.07 -5.02 -29.83
CA ASP G 464 -1.20 -3.84 -30.67
C ASP G 464 0.15 -3.39 -31.21
N GLN G 465 1.17 -3.31 -30.35
CA GLN G 465 2.51 -3.03 -30.84
C GLN G 465 2.99 -4.11 -31.79
N CYS G 466 2.63 -5.38 -31.52
CA CYS G 466 2.95 -6.45 -32.47
C CYS G 466 2.36 -6.15 -33.84
N LYS G 467 1.11 -5.67 -33.88
CA LYS G 467 0.57 -5.18 -35.14
C LYS G 467 1.38 -3.99 -35.64
N ILE G 468 1.75 -3.08 -34.74
CA ILE G 468 2.54 -1.92 -35.13
C ILE G 468 3.93 -2.35 -35.59
N ASN G 469 4.58 -3.25 -34.84
CA ASN G 469 5.99 -3.54 -35.08
C ASN G 469 6.20 -4.24 -36.42
N LYS G 470 5.18 -4.95 -36.92
CA LYS G 470 5.34 -5.68 -38.18
C LYS G 470 5.64 -4.74 -39.33
N GLN G 471 4.87 -3.65 -39.46
CA GLN G 471 5.08 -2.75 -40.58
C GLN G 471 6.32 -1.88 -40.38
N ILE G 472 6.76 -1.73 -39.13
CA ILE G 472 8.00 -1.00 -38.88
C ILE G 472 9.16 -1.69 -39.55
N TYR G 473 9.29 -3.00 -39.34
CA TYR G 473 10.38 -3.75 -39.96
C TYR G 473 10.31 -3.67 -41.48
N ASN G 474 9.11 -3.54 -42.03
CA ASN G 474 8.98 -3.30 -43.45
C ASN G 474 9.69 -2.01 -43.84
N LEU G 475 9.43 -0.93 -43.10
CA LEU G 475 10.15 0.31 -43.32
C LEU G 475 11.65 0.11 -43.11
N ILE G 476 12.02 -0.68 -42.10
CA ILE G 476 13.43 -0.95 -41.84
C ILE G 476 14.06 -1.65 -43.03
N HIS G 477 13.44 -2.72 -43.50
CA HIS G 477 14.02 -3.46 -44.62
C HIS G 477 13.92 -2.65 -45.90
N LEU G 478 12.85 -1.90 -46.07
CA LEU G 478 12.80 -0.93 -47.16
C LEU G 478 13.89 0.11 -46.94
N ASP G 479 14.35 0.68 -48.04
CA ASP G 479 15.50 1.57 -47.97
C ASP G 479 15.13 2.84 -47.22
N PRO G 480 15.76 3.12 -46.07
CA PRO G 480 15.61 4.43 -45.44
C PRO G 480 16.57 5.47 -45.97
N ARG G 481 17.16 5.21 -47.14
CA ARG G 481 18.25 6.03 -47.64
C ARG G 481 17.82 7.48 -47.80
N THR G 482 18.67 8.38 -47.31
CA THR G 482 18.45 9.81 -47.40
C THR G 482 19.70 10.45 -47.99
N ARG G 483 19.53 11.63 -48.57
CA ARG G 483 20.68 12.34 -49.12
C ARG G 483 21.66 12.68 -48.01
N GLU G 484 22.91 12.95 -48.41
CA GLU G 484 24.03 13.17 -47.49
C GLU G 484 24.01 12.18 -46.32
N GLY G 485 23.77 10.92 -46.65
CA GLY G 485 23.65 9.90 -45.61
C GLY G 485 22.44 10.16 -44.76
N PHE G 486 22.64 10.13 -43.43
CA PHE G 486 21.61 10.48 -42.47
C PHE G 486 20.37 9.59 -42.62
N THR G 487 20.53 8.31 -42.33
CA THR G 487 19.38 7.43 -42.24
C THR G 487 18.55 7.78 -41.02
N LEU G 488 17.49 7.00 -40.80
CA LEU G 488 16.53 7.34 -39.74
C LEU G 488 17.20 7.33 -38.37
N LEU G 489 18.06 6.34 -38.10
CA LEU G 489 18.78 6.34 -36.84
C LEU G 489 19.69 7.55 -36.73
N HIS G 490 20.33 7.93 -37.84
CA HIS G 490 21.06 9.19 -37.85
C HIS G 490 20.13 10.36 -37.57
N LEU G 491 18.95 10.37 -38.19
CA LEU G 491 18.05 11.51 -38.06
C LEU G 491 17.32 11.48 -36.73
N ALA G 492 17.21 10.31 -36.11
CA ALA G 492 16.53 10.22 -34.83
C ALA G 492 17.37 10.81 -33.70
N VAL G 493 18.69 10.67 -33.79
CA VAL G 493 19.55 11.09 -32.69
C VAL G 493 19.94 12.55 -32.82
N ASN G 494 20.20 13.02 -34.04
CA ASN G 494 20.70 14.37 -34.21
C ASN G 494 19.59 15.40 -33.95
N SER G 495 19.96 16.67 -34.06
CA SER G 495 18.98 17.75 -33.92
C SER G 495 17.99 17.69 -35.07
N ASN G 496 16.78 17.21 -34.78
CA ASN G 496 15.76 17.02 -35.80
C ASN G 496 15.07 18.37 -36.06
N THR G 497 15.79 19.25 -36.74
CA THR G 497 15.37 20.62 -36.99
C THR G 497 14.06 20.74 -37.78
N PRO G 498 13.83 19.94 -38.85
CA PRO G 498 12.56 20.15 -39.59
C PRO G 498 11.32 19.71 -38.81
N VAL G 499 10.95 20.52 -37.82
CA VAL G 499 9.75 20.32 -37.02
C VAL G 499 9.01 21.65 -36.91
N ASP G 500 7.70 21.62 -37.10
CA ASP G 500 6.86 22.81 -37.00
C ASP G 500 5.40 22.38 -36.99
N ASP G 501 4.51 23.37 -37.02
CA ASP G 501 3.07 23.15 -36.95
C ASP G 501 2.70 22.37 -35.68
N PHE G 502 3.02 22.98 -34.54
CA PHE G 502 2.83 22.51 -33.18
C PHE G 502 3.74 21.32 -32.85
N HIS G 503 4.53 20.82 -33.81
CA HIS G 503 5.47 19.76 -33.49
C HIS G 503 6.75 20.31 -32.88
N THR G 504 6.96 21.62 -32.92
CA THR G 504 8.08 22.26 -32.23
C THR G 504 7.64 22.52 -30.79
N ASN G 505 7.45 21.43 -30.06
CA ASN G 505 6.98 21.48 -28.68
C ASN G 505 7.48 20.25 -27.95
N ASP G 506 6.91 20.01 -26.76
CA ASP G 506 7.36 18.91 -25.92
C ASP G 506 7.00 17.55 -26.52
N VAL G 507 6.00 17.50 -27.40
CA VAL G 507 5.60 16.24 -28.01
C VAL G 507 6.74 15.67 -28.85
N CYS G 508 7.37 16.51 -29.65
CA CYS G 508 8.48 16.11 -30.51
C CYS G 508 9.74 16.85 -30.07
N SER G 509 10.52 16.21 -29.20
CA SER G 509 11.72 16.83 -28.65
C SER G 509 12.96 16.40 -29.42
N PHE G 510 13.98 17.26 -29.52
CA PHE G 510 15.20 16.96 -30.31
C PHE G 510 16.01 15.82 -29.67
N PRO G 511 16.20 15.79 -28.32
CA PRO G 511 17.02 14.76 -27.68
C PRO G 511 16.36 13.39 -27.75
N ASN G 512 15.03 13.33 -27.94
CA ASN G 512 14.25 12.06 -28.01
C ASN G 512 15.05 10.85 -27.53
N ALA G 513 14.90 10.43 -26.28
CA ALA G 513 15.54 9.24 -25.75
C ALA G 513 14.82 7.97 -26.19
N LEU G 514 13.54 7.83 -25.83
CA LEU G 514 12.85 6.57 -26.03
C LEU G 514 12.73 6.21 -27.50
N VAL G 515 12.54 7.21 -28.36
CA VAL G 515 12.36 6.93 -29.78
C VAL G 515 13.60 6.26 -30.35
N THR G 516 14.78 6.76 -30.01
CA THR G 516 16.01 6.08 -30.42
C THR G 516 16.09 4.69 -29.81
N LYS G 517 15.71 4.55 -28.55
CA LYS G 517 15.66 3.23 -27.92
C LYS G 517 14.70 2.31 -28.66
N LEU G 518 13.50 2.80 -28.95
CA LEU G 518 12.50 1.97 -29.61
C LEU G 518 12.89 1.61 -31.02
N LEU G 519 13.65 2.48 -31.70
CA LEU G 519 14.19 2.12 -33.01
C LEU G 519 15.09 0.89 -32.89
N LEU G 520 15.95 0.87 -31.88
CA LEU G 520 16.77 -0.31 -31.64
C LEU G 520 15.91 -1.47 -31.17
N ASP G 521 14.86 -1.19 -30.40
CA ASP G 521 13.91 -2.23 -30.02
C ASP G 521 13.27 -2.85 -31.26
N CYS G 522 13.11 -2.06 -32.32
CA CYS G 522 12.66 -2.61 -33.59
C CYS G 522 13.73 -3.46 -34.25
N GLY G 523 15.00 -3.16 -34.01
CA GLY G 523 16.08 -3.98 -34.51
C GLY G 523 16.76 -3.47 -35.76
N ALA G 524 16.90 -2.16 -35.93
CA ALA G 524 17.55 -1.64 -37.12
C ALA G 524 19.06 -1.89 -37.08
N GLU G 525 19.71 -1.62 -38.21
CA GLU G 525 21.14 -1.86 -38.35
C GLU G 525 21.95 -0.84 -37.55
N VAL G 526 22.69 -1.32 -36.54
CA VAL G 526 23.38 -0.41 -35.63
C VAL G 526 24.54 0.29 -36.31
N ASN G 527 25.27 -0.42 -37.17
CA ASN G 527 26.55 0.05 -37.68
C ASN G 527 26.44 0.69 -39.05
N ALA G 528 25.30 1.27 -39.38
CA ALA G 528 25.18 2.02 -40.62
C ALA G 528 26.08 3.25 -40.57
N VAL G 529 26.60 3.64 -41.72
CA VAL G 529 27.59 4.70 -41.82
C VAL G 529 27.14 5.71 -42.86
N ASP G 530 27.30 6.99 -42.55
CA ASP G 530 26.99 8.05 -43.51
C ASP G 530 28.11 8.17 -44.55
N ASN G 531 27.78 8.84 -45.66
CA ASN G 531 28.78 9.06 -46.70
C ASN G 531 29.93 9.91 -46.17
N GLU G 532 29.68 10.69 -45.12
CA GLU G 532 30.74 11.39 -44.43
C GLU G 532 31.66 10.42 -43.67
N GLY G 533 31.26 9.17 -43.58
CA GLY G 533 31.97 8.22 -42.74
C GLY G 533 31.56 8.27 -41.28
N ASN G 534 30.40 8.83 -40.98
CA ASN G 534 30.01 9.02 -39.59
C ASN G 534 29.30 7.79 -39.05
N SER G 535 29.42 7.58 -37.74
CA SER G 535 28.82 6.45 -37.07
C SER G 535 27.67 6.91 -36.18
N ALA G 536 27.00 5.95 -35.56
CA ALA G 536 25.92 6.27 -34.63
C ALA G 536 26.46 7.06 -33.43
N LEU G 537 27.61 6.64 -32.89
CA LEU G 537 28.21 7.38 -31.79
C LEU G 537 28.96 8.61 -32.26
N HIS G 538 29.12 8.78 -33.58
CA HIS G 538 29.78 9.97 -34.10
C HIS G 538 28.91 11.21 -33.93
N ILE G 539 27.62 11.03 -33.66
CA ILE G 539 26.70 12.15 -33.60
C ILE G 539 26.32 12.50 -32.17
N ILE G 540 26.10 11.48 -31.33
CA ILE G 540 25.63 11.72 -29.97
C ILE G 540 26.67 12.50 -29.17
N VAL G 541 27.95 12.24 -29.40
CA VAL G 541 28.97 13.02 -28.71
C VAL G 541 28.96 14.46 -29.19
N GLN G 542 28.59 14.68 -30.45
CA GLN G 542 28.52 16.04 -31.00
C GLN G 542 27.18 16.68 -30.61
N TYR G 543 27.01 16.83 -29.30
CA TYR G 543 25.77 17.27 -28.68
C TYR G 543 26.04 18.48 -27.79
N ASN G 544 25.35 19.57 -28.05
CA ASN G 544 25.46 20.74 -27.20
C ASN G 544 24.55 20.62 -25.99
N ARG G 545 24.79 21.48 -25.01
CA ARG G 545 24.06 21.46 -23.74
C ARG G 545 24.12 20.08 -23.08
N PRO G 546 25.32 19.59 -22.74
CA PRO G 546 25.37 18.28 -22.07
C PRO G 546 24.70 18.26 -20.71
N ILE G 547 24.77 19.37 -19.97
CA ILE G 547 24.12 19.44 -18.67
C ILE G 547 22.61 19.29 -18.83
N SER G 548 22.04 19.98 -19.81
CA SER G 548 20.64 19.78 -20.15
C SER G 548 20.43 18.35 -20.65
N ASP G 549 19.38 17.71 -20.13
CA ASP G 549 19.07 16.33 -20.48
C ASP G 549 20.25 15.40 -20.19
N PHE G 550 20.86 15.58 -19.01
CA PHE G 550 22.02 14.80 -18.64
C PHE G 550 21.71 13.31 -18.57
N LEU G 551 20.57 12.96 -17.97
CA LEU G 551 20.18 11.56 -17.89
C LEU G 551 19.95 10.96 -19.25
N THR G 552 19.31 11.73 -20.15
CA THR G 552 19.05 11.23 -21.50
C THR G 552 20.36 10.95 -22.24
N LEU G 553 21.32 11.87 -22.15
CA LEU G 553 22.61 11.66 -22.78
C LEU G 553 23.28 10.41 -22.24
N HIS G 554 23.20 10.22 -20.92
CA HIS G 554 23.71 8.98 -20.33
C HIS G 554 22.91 7.76 -20.80
N SER G 555 21.58 7.88 -20.85
CA SER G 555 20.75 6.72 -21.12
C SER G 555 20.98 6.17 -22.52
N ILE G 556 21.13 7.05 -23.51
CA ILE G 556 21.30 6.59 -24.88
C ILE G 556 22.57 5.78 -25.03
N ILE G 557 23.66 6.26 -24.42
CA ILE G 557 24.95 5.57 -24.53
C ILE G 557 24.85 4.18 -23.93
N ILE G 558 23.99 4.00 -22.92
CA ILE G 558 23.83 2.69 -22.30
C ILE G 558 23.43 1.64 -23.34
N SER G 559 22.43 1.97 -24.16
CA SER G 559 21.98 1.00 -25.16
C SER G 559 22.93 0.93 -26.34
N LEU G 560 23.56 2.04 -26.70
CA LEU G 560 24.35 2.08 -27.93
C LEU G 560 25.59 1.19 -27.84
N VAL G 561 26.24 1.16 -26.67
CA VAL G 561 27.35 0.23 -26.51
C VAL G 561 26.87 -1.20 -26.64
N GLU G 562 25.68 -1.48 -26.12
CA GLU G 562 25.03 -2.75 -26.40
C GLU G 562 24.63 -2.82 -27.87
N ALA G 563 24.39 -4.02 -28.36
CA ALA G 563 23.95 -4.31 -29.72
C ALA G 563 25.01 -4.01 -30.75
N GLY G 564 26.26 -3.87 -30.34
CA GLY G 564 27.36 -3.88 -31.29
C GLY G 564 27.70 -2.55 -31.92
N ALA G 565 28.08 -1.56 -31.12
CA ALA G 565 28.71 -0.37 -31.68
C ALA G 565 30.22 -0.50 -31.51
N HIS G 566 30.92 -0.41 -32.63
CA HIS G 566 32.36 -0.62 -32.59
C HIS G 566 33.01 0.56 -31.86
N THR G 567 33.79 0.24 -30.82
CA THR G 567 34.07 1.21 -29.77
C THR G 567 34.75 2.46 -30.32
N ASP G 568 35.80 2.28 -31.12
CA ASP G 568 36.48 3.41 -31.73
C ASP G 568 36.59 3.15 -33.21
N MET G 569 36.08 4.08 -34.01
CA MET G 569 35.91 3.86 -35.44
C MET G 569 36.37 5.12 -36.15
N THR G 570 37.09 4.95 -37.26
CA THR G 570 37.62 6.07 -38.02
C THR G 570 37.34 5.83 -39.50
N ASN G 571 36.68 6.79 -40.14
CA ASN G 571 36.35 6.73 -41.56
C ASN G 571 36.73 8.05 -42.22
N LYS G 572 37.15 7.97 -43.48
CA LYS G 572 37.56 9.14 -44.27
C LYS G 572 38.68 9.81 -43.48
N GLN G 573 38.60 11.11 -43.20
CA GLN G 573 39.56 11.71 -42.30
C GLN G 573 39.42 11.10 -40.91
N ASN G 574 40.55 10.91 -40.23
CA ASN G 574 40.55 10.21 -38.95
C ASN G 574 39.60 10.89 -37.96
N LYS G 575 38.65 10.12 -37.45
CA LYS G 575 37.69 10.67 -36.48
C LYS G 575 37.50 9.62 -35.39
N THR G 576 38.35 9.68 -34.37
CA THR G 576 38.14 8.84 -33.22
C THR G 576 36.96 9.38 -32.41
N PRO G 577 36.23 8.51 -31.72
CA PRO G 577 35.15 9.00 -30.85
C PRO G 577 35.66 9.97 -29.81
N LEU G 578 36.91 9.83 -29.38
CA LEU G 578 37.52 10.86 -28.56
C LEU G 578 37.69 12.16 -29.34
N ASP G 579 38.11 12.07 -30.60
CA ASP G 579 38.32 13.26 -31.40
C ASP G 579 37.02 13.99 -31.70
N LYS G 580 35.99 13.26 -32.17
CA LYS G 580 34.72 13.88 -32.48
C LYS G 580 34.08 14.51 -31.26
N SER G 581 34.12 13.80 -30.13
CA SER G 581 33.65 14.39 -28.88
C SER G 581 34.48 15.60 -28.52
N THR G 582 33.81 16.68 -28.16
CA THR G 582 34.46 17.94 -27.83
C THR G 582 34.18 18.40 -26.41
N THR G 583 33.33 17.70 -25.67
CA THR G 583 32.99 18.06 -24.30
C THR G 583 33.64 17.06 -23.35
N GLY G 584 34.41 17.58 -22.39
CA GLY G 584 35.18 16.69 -21.53
C GLY G 584 34.32 15.75 -20.72
N VAL G 585 33.21 16.26 -20.17
CA VAL G 585 32.37 15.43 -19.31
C VAL G 585 31.78 14.26 -20.10
N SER G 586 31.40 14.50 -21.34
CA SER G 586 30.91 13.41 -22.18
C SER G 586 32.01 12.38 -22.44
N GLU G 587 33.23 12.85 -22.69
CA GLU G 587 34.34 11.94 -22.96
C GLU G 587 34.63 11.07 -21.75
N ILE G 588 34.38 11.58 -20.55
CA ILE G 588 34.59 10.79 -19.34
C ILE G 588 33.71 9.54 -19.37
N LEU G 589 32.43 9.72 -19.70
CA LEU G 589 31.53 8.58 -19.80
C LEU G 589 31.96 7.63 -20.91
N LEU G 590 32.52 8.16 -21.99
CA LEU G 590 33.10 7.32 -23.03
C LEU G 590 34.26 6.49 -22.48
N LYS G 591 35.11 7.11 -21.65
CA LYS G 591 36.22 6.38 -21.04
C LYS G 591 35.70 5.27 -20.14
N THR G 592 34.62 5.52 -19.40
CA THR G 592 34.08 4.52 -18.50
C THR G 592 33.62 3.27 -19.24
N GLN G 593 33.17 3.39 -20.48
CA GLN G 593 32.52 2.29 -21.18
C GLN G 593 33.44 1.60 -22.17
N MET G 594 34.73 1.95 -22.19
CA MET G 594 35.66 1.25 -23.06
C MET G 594 35.85 -0.19 -22.58
N LYS G 595 36.12 -1.08 -23.52
CA LYS G 595 36.49 -2.46 -23.22
C LYS G 595 37.74 -2.79 -24.01
N MET G 596 38.75 -3.36 -23.34
CA MET G 596 40.06 -3.55 -23.95
C MET G 596 40.13 -4.92 -24.62
N SER G 597 40.48 -4.93 -25.90
CA SER G 597 40.76 -6.14 -26.64
C SER G 597 42.14 -6.01 -27.27
N LEU G 598 42.49 -6.97 -28.13
CA LEU G 598 43.81 -6.91 -28.73
C LEU G 598 43.78 -6.24 -30.09
N LYS G 599 43.09 -6.84 -31.05
CA LYS G 599 43.16 -6.36 -32.43
C LYS G 599 42.36 -5.09 -32.63
N CYS G 600 41.43 -4.77 -31.72
CA CYS G 600 40.46 -3.70 -31.97
C CYS G 600 41.15 -2.39 -32.27
N LEU G 601 42.37 -2.22 -31.78
CA LEU G 601 43.21 -1.08 -32.17
C LEU G 601 44.67 -1.48 -32.42
N ALA G 602 45.03 -2.74 -32.19
CA ALA G 602 46.39 -3.17 -32.53
C ALA G 602 46.61 -3.09 -34.03
N ALA G 603 45.60 -3.47 -34.82
CA ALA G 603 45.72 -3.39 -36.26
C ALA G 603 46.11 -1.99 -36.72
N ARG G 604 45.62 -0.96 -36.02
CA ARG G 604 45.90 0.43 -36.38
C ARG G 604 47.38 0.70 -36.59
N ALA G 605 48.26 -0.11 -36.01
CA ALA G 605 49.68 0.02 -36.28
C ALA G 605 49.98 -0.19 -37.76
N VAL G 606 49.23 -1.08 -38.44
CA VAL G 606 49.56 -1.37 -39.83
C VAL G 606 49.30 -0.18 -40.74
N ARG G 607 48.32 0.66 -40.42
CA ARG G 607 48.11 1.85 -41.23
C ARG G 607 49.30 2.79 -41.15
N ALA G 608 49.94 2.85 -39.98
CA ALA G 608 51.18 3.60 -39.87
C ALA G 608 52.26 3.04 -40.77
N ASN G 609 52.13 1.77 -41.17
CA ASN G 609 53.11 1.19 -42.09
C ASN G 609 52.52 0.94 -43.47
N ASP G 610 51.27 0.47 -43.53
CA ASP G 610 50.52 0.38 -44.78
C ASP G 610 51.14 -0.58 -45.79
N ILE G 611 51.32 -1.83 -45.37
CA ILE G 611 51.83 -2.87 -46.26
C ILE G 611 50.64 -3.44 -47.04
N ASN G 612 50.92 -4.20 -48.10
CA ASN G 612 49.87 -4.75 -48.95
C ASN G 612 48.99 -5.70 -48.14
N TYR G 613 47.72 -5.32 -47.97
CA TYR G 613 46.79 -6.19 -47.26
C TYR G 613 46.38 -7.37 -48.12
N GLN G 614 46.09 -7.13 -49.39
CA GLN G 614 45.38 -8.11 -50.21
C GLN G 614 46.25 -9.34 -50.46
N ASP G 615 45.60 -10.49 -50.54
CA ASP G 615 46.17 -11.80 -50.79
C ASP G 615 47.07 -12.25 -49.63
N GLN G 616 46.97 -11.63 -48.46
CA GLN G 616 47.78 -12.00 -47.31
C GLN G 616 46.94 -12.22 -46.06
N ILE G 617 45.62 -12.14 -46.15
CA ILE G 617 44.76 -12.17 -44.98
C ILE G 617 43.56 -13.05 -45.32
N PRO G 618 42.93 -13.69 -44.33
CA PRO G 618 41.68 -14.40 -44.60
C PRO G 618 40.64 -13.48 -45.24
N ARG G 619 39.58 -14.10 -45.78
CA ARG G 619 38.56 -13.34 -46.49
C ARG G 619 37.87 -12.34 -45.57
N THR G 620 37.42 -12.78 -44.40
CA THR G 620 36.57 -11.94 -43.57
C THR G 620 37.36 -10.85 -42.86
N LEU G 621 38.63 -11.07 -42.56
CA LEU G 621 39.40 -10.11 -41.80
C LEU G 621 39.78 -8.88 -42.60
N GLU G 622 39.62 -8.91 -43.92
CA GLU G 622 40.10 -7.80 -44.74
C GLU G 622 39.43 -6.49 -44.37
N GLU G 623 38.21 -6.55 -43.83
CA GLU G 623 37.51 -5.30 -43.51
C GLU G 623 38.10 -4.60 -42.29
N PHE G 624 38.69 -5.35 -41.35
CA PHE G 624 39.29 -4.71 -40.19
C PHE G 624 40.43 -3.79 -40.59
N VAL G 625 41.12 -4.13 -41.67
CA VAL G 625 42.03 -3.16 -42.27
C VAL G 625 41.26 -1.95 -42.76
N GLY G 626 40.13 -2.19 -43.44
CA GLY G 626 39.34 -1.08 -43.96
C GLY G 626 38.74 -0.21 -42.87
N PHE G 627 38.21 -0.83 -41.81
CA PHE G 627 37.62 -0.06 -40.73
C PHE G 627 38.64 0.88 -40.10
N HIS G 628 39.87 0.43 -39.96
CA HIS G 628 40.90 1.27 -39.34
C HIS G 628 41.86 1.80 -40.42
N LEU H 394 -8.57 31.59 -35.45
CA LEU H 394 -7.57 30.94 -34.61
C LEU H 394 -7.15 29.63 -35.26
N PHE H 395 -8.09 29.02 -36.01
CA PHE H 395 -7.84 27.81 -36.76
C PHE H 395 -7.69 28.18 -38.23
N LYS H 396 -6.54 27.83 -38.81
CA LYS H 396 -6.24 28.18 -40.20
C LYS H 396 -6.93 27.20 -41.15
N GLU H 397 -6.84 27.49 -42.43
CA GLU H 397 -7.41 26.66 -43.47
C GLU H 397 -6.42 26.54 -44.62
N SER H 398 -6.48 25.41 -45.32
CA SER H 398 -5.61 25.19 -46.46
C SER H 398 -5.90 26.21 -47.56
N GLU H 399 -4.85 26.62 -48.26
CA GLU H 399 -4.99 27.69 -49.25
C GLU H 399 -5.89 27.27 -50.40
N GLU H 400 -5.67 26.07 -50.95
CA GLU H 400 -6.42 25.58 -52.11
C GLU H 400 -6.40 26.60 -53.25
N ILE H 401 -5.22 27.14 -53.53
CA ILE H 401 -5.08 28.13 -54.59
C ILE H 401 -5.26 27.47 -55.95
N ARG H 402 -6.08 28.09 -56.79
CA ARG H 402 -6.39 27.52 -58.09
C ARG H 402 -5.27 27.78 -59.09
N THR H 403 -4.83 26.73 -59.76
CA THR H 403 -3.79 26.85 -60.79
C THR H 403 -4.36 27.59 -62.00
N PRO H 404 -3.74 28.69 -62.43
CA PRO H 404 -4.30 29.44 -63.56
C PRO H 404 -4.34 28.65 -64.85
N ASN H 405 -3.34 27.80 -65.12
CA ASN H 405 -3.30 27.09 -66.38
C ASN H 405 -4.41 26.04 -66.47
N CYS H 406 -4.55 25.21 -65.43
CA CYS H 406 -5.62 24.22 -65.37
C CYS H 406 -6.74 24.84 -64.54
N ASN H 407 -7.71 25.44 -65.23
CA ASN H 407 -8.74 26.22 -64.55
C ASN H 407 -9.79 25.35 -63.87
N CYS H 408 -9.89 24.08 -64.25
CA CYS H 408 -10.84 23.19 -63.61
C CYS H 408 -10.44 22.97 -62.14
N LYS H 409 -11.43 23.04 -61.25
CA LYS H 409 -11.15 22.94 -59.82
C LYS H 409 -10.68 21.54 -59.45
N TYR H 410 -11.39 20.51 -59.93
CA TYR H 410 -11.11 19.15 -59.50
C TYR H 410 -9.75 18.68 -59.99
N CYS H 411 -9.34 19.09 -61.19
CA CYS H 411 -8.03 18.76 -61.72
C CYS H 411 -7.04 19.82 -61.26
N SER H 412 -6.14 19.42 -60.36
CA SER H 412 -5.17 20.35 -59.77
C SER H 412 -3.78 19.73 -59.82
N HIS H 413 -2.77 20.60 -59.85
CA HIS H 413 -1.38 20.20 -59.93
C HIS H 413 -0.55 21.00 -58.93
ZN ZN I . -19.23 42.55 25.16
ZN ZN J . -13.67 29.38 27.31
ZN ZN K . -15.72 47.87 21.93
ZN ZN L . -38.81 31.52 33.23
ZN ZN M . -32.29 22.34 26.05
ZN ZN N . -45.13 33.17 38.09
ZN ZN O . 38.47 -2.17 -33.94
#